data_7YQ3
#
_entry.id   7YQ3
#
_cell.length_a   1.00
_cell.length_b   1.00
_cell.length_c   1.00
_cell.angle_alpha   90.00
_cell.angle_beta   90.00
_cell.angle_gamma   90.00
#
_symmetry.space_group_name_H-M   'P 1'
#
loop_
_entity.id
_entity.type
_entity.pdbx_description
1 polymer 'Insulin A chain'
2 polymer 'Insulin, isoform 2'
3 polymer 'Isoform Short of Insulin receptor'
4 polymer 'IR-A43 aptamer'
#
loop_
_entity_poly.entity_id
_entity_poly.type
_entity_poly.pdbx_seq_one_letter_code
_entity_poly.pdbx_strand_id
1 'polypeptide(L)' GIVEQCCTSICSLYQLENYCN A
2 'polypeptide(L)' NQHLCGSHLVEALYLVCGERGFFYT B
3 'polypeptide(L)'
;HLYPGEVCPGMDIRNNLTRLHELENCSVIEGHLQILLMFKTRPEDFRDLSFPKLIMITDYLLLFRVYGLESLKDLFPNLT
VIRGSRLFFNYALVIFEMVHLKELGLYNLMNITRGSVRIEKNNELCYLATIDWSRILDSVEDNHIVLNKDDNEECGDICP
GTAKGKTNCPATVINGQFVERCWTHSHCQKVCPTICKSHGCTAEGLCCHSECLGNCSQPDDPTKCVACRNFYLDGRCVET
CPPPYYHFQDWRCVNFSFCQDLHHKCKNSRRQGCHQYVIHNNKCIPECPSGYTMNSSNLLCTPCLGPCPKVCHLLEGEKT
IDSVTSAQELRGCTVINGSLIINIRGGNNLAAELEANLGLIEEISGYLKIRRSYALVSLSFFRKLRLIRGETLEIGNYSF
YALDNQNLRQLWDWSKHNLTTTQGKLFFHYNPKLCLSEIHKMEEVSGTKGRQERNDIALKTNGDKASCENELLKFSYIRT
SFDKILLRWEPYWPPDFRDLLGFMLFYKEAPYQNVTEFDGQDACGSNSWTVVDIDPPLRSNDPKSQNHPGWLMRGLKPWT
QYAIFVKTLVTFSDERRTYGAKSDIIYVQTDATNPSVPLDPISVSNSSSQIILKWKPPSDPNGNITHYLVFWERQAEDSE
LFELDYCLKGLKLPSRTWSPPFESEDSQKHNQSEYEDSAGECCSCPKTDSQILKELEESSFRKTFEDYLHNVVFVPRPSR
KRRSLGDVGNVTVAVPTVAAFPNTSSTSVPTSPEEHRPFEKVVNKESLVISGLRHFTGYRIELQACNQDTPEERCSVAAY
VSARTMPEAKADDIVGPVTHEIFENNVVHLMWQEPKEPNGLIVLYEVSYRRYGDEELHLCVSRKHFALERGCRLRGLSPG
NYSVRIRATSLAGNGSWTEPTYFYVTD
;
E,F
4 'polydeoxyribonucleotide'
;(DT)(DG)(85Y)(DA)(85Y)(DC)(DC)(DG)(DC)(DA)(DG)(85Y)(DA)(85Y)(DC)(DG)(DG)(DC)(DA)
(85Y)(85Y)(DC)(DA)(DG)(DC)(DG)(DA)(DC)
;
G
#
loop_
_chem_comp.id
_chem_comp.type
_chem_comp.name
_chem_comp.formula
85Y RNA linking '2'-deoxy-5-{[(naphthalen-2-yl)methyl]carbamoyl}uridine 5'-(dihydrogen phosphate)' 'C21 H22 N3 O9 P'
DA DNA linking 2'-DEOXYADENOSINE-5'-MONOPHOSPHATE 'C10 H14 N5 O6 P'
DC DNA linking 2'-DEOXYCYTIDINE-5'-MONOPHOSPHATE 'C9 H14 N3 O7 P'
DG DNA linking 2'-DEOXYGUANOSINE-5'-MONOPHOSPHATE 'C10 H14 N5 O7 P'
DT DNA linking THYMIDINE-5'-MONOPHOSPHATE 'C10 H15 N2 O8 P'
#
# COMPACT_ATOMS: atom_id res chain seq x y z
N GLY A 1 15.62 -0.28 50.36
CA GLY A 1 16.86 -0.88 50.81
C GLY A 1 18.08 -0.38 50.06
N ILE A 2 18.91 -1.32 49.64
CA ILE A 2 20.16 -0.96 48.97
C ILE A 2 19.90 -0.35 47.60
N VAL A 3 18.89 -0.82 46.88
CA VAL A 3 18.59 -0.20 45.60
C VAL A 3 17.90 1.15 45.80
N GLU A 4 17.25 1.36 46.94
CA GLU A 4 16.61 2.63 47.22
C GLU A 4 17.61 3.69 47.64
N GLN A 5 18.70 3.29 48.29
CA GLN A 5 19.71 4.28 48.65
C GLN A 5 20.96 4.18 47.78
N CYS A 6 20.90 3.44 46.67
CA CYS A 6 21.94 3.47 45.64
C CYS A 6 21.43 3.51 44.21
N CYS A 7 20.15 3.80 43.99
CA CYS A 7 19.66 4.13 42.64
C CYS A 7 18.80 5.37 42.60
N THR A 8 18.54 6.00 43.73
CA THR A 8 17.91 7.32 43.76
C THR A 8 18.82 8.38 44.35
N SER A 9 20.01 8.00 44.82
CA SER A 9 21.00 8.92 45.35
C SER A 9 22.38 8.30 45.18
N ILE A 10 23.40 9.12 45.30
CA ILE A 10 24.78 8.67 45.12
C ILE A 10 25.22 7.90 46.36
N CYS A 11 26.23 7.05 46.19
CA CYS A 11 26.69 6.14 47.24
C CYS A 11 28.19 6.28 47.43
N SER A 12 28.62 6.36 48.68
CA SER A 12 30.03 6.35 49.00
C SER A 12 30.52 4.94 49.26
N LEU A 13 31.85 4.77 49.19
CA LEU A 13 32.45 3.47 49.44
C LEU A 13 32.26 3.03 50.89
N TYR A 14 32.15 4.00 51.82
CA TYR A 14 31.78 3.65 53.18
C TYR A 14 30.32 3.18 53.25
N GLN A 15 29.43 3.76 52.43
CA GLN A 15 28.04 3.34 52.49
C GLN A 15 27.83 1.97 51.86
N LEU A 16 28.66 1.58 50.89
CA LEU A 16 28.50 0.25 50.31
C LEU A 16 29.61 -0.72 50.71
N GLU A 17 30.42 -0.38 51.72
CA GLU A 17 31.16 -1.40 52.46
C GLU A 17 30.39 -1.88 53.68
N ASN A 18 29.18 -1.36 53.90
CA ASN A 18 28.35 -1.75 55.02
C ASN A 18 27.61 -3.06 54.79
N TYR A 19 27.63 -3.60 53.58
CA TYR A 19 26.75 -4.69 53.19
C TYR A 19 27.42 -6.05 53.17
N CYS A 20 28.68 -6.17 53.63
CA CYS A 20 29.38 -7.45 53.56
C CYS A 20 30.39 -7.56 54.69
N ASN A 21 30.05 -8.41 55.68
CA ASN A 21 30.90 -8.82 56.80
C ASN A 21 31.50 -7.68 57.63
N ASN B 1 29.35 7.98 36.13
CA ASN B 1 28.05 8.45 36.60
C ASN B 1 27.80 8.03 38.04
N GLN B 2 28.19 6.79 38.35
CA GLN B 2 28.11 6.16 39.67
C GLN B 2 26.69 6.07 40.22
N HIS B 3 25.68 6.13 39.36
CA HIS B 3 24.34 5.66 39.70
C HIS B 3 24.23 4.19 39.34
N LEU B 4 24.93 3.37 40.11
CA LEU B 4 25.09 1.95 39.83
C LEU B 4 23.78 1.23 40.12
N CYS B 5 23.17 0.69 39.08
CA CYS B 5 21.88 0.01 39.16
C CYS B 5 21.92 -1.27 38.36
N GLY B 6 21.00 -2.19 38.68
CA GLY B 6 20.94 -3.43 37.93
C GLY B 6 22.08 -4.36 38.28
N SER B 7 22.58 -5.07 37.27
CA SER B 7 23.71 -5.98 37.45
C SER B 7 25.02 -5.25 37.68
N HIS B 8 25.06 -3.94 37.39
CA HIS B 8 26.24 -3.13 37.66
C HIS B 8 26.60 -3.14 39.14
N LEU B 9 25.60 -3.05 40.01
CA LEU B 9 25.92 -3.01 41.44
C LEU B 9 26.28 -4.38 41.98
N VAL B 10 25.70 -5.45 41.45
CA VAL B 10 26.04 -6.78 41.94
C VAL B 10 27.39 -7.23 41.39
N GLU B 11 27.87 -6.63 40.30
CA GLU B 11 29.25 -6.86 39.89
C GLU B 11 30.23 -5.87 40.51
N ALA B 12 29.75 -4.72 41.00
CA ALA B 12 30.66 -3.70 41.50
C ALA B 12 30.73 -3.61 43.01
N LEU B 13 29.87 -4.30 43.76
CA LEU B 13 30.05 -4.38 45.20
C LEU B 13 30.51 -5.76 45.63
N TYR B 14 30.72 -6.68 44.68
CA TYR B 14 31.57 -7.82 44.97
C TYR B 14 33.03 -7.37 45.03
N LEU B 15 33.40 -6.41 44.18
CA LEU B 15 34.79 -5.99 44.06
C LEU B 15 35.28 -5.21 45.28
N VAL B 16 34.37 -4.63 46.06
CA VAL B 16 34.82 -3.87 47.23
C VAL B 16 35.13 -4.76 48.42
N CYS B 17 34.57 -5.97 48.47
CA CYS B 17 34.79 -6.89 49.57
C CYS B 17 34.94 -8.32 49.04
N GLY B 18 35.75 -8.48 47.99
CA GLY B 18 35.95 -9.77 47.37
C GLY B 18 36.67 -10.83 48.19
N GLU B 19 37.24 -10.43 49.32
CA GLU B 19 37.91 -11.38 50.21
C GLU B 19 37.01 -11.87 51.34
N ARG B 20 36.15 -11.02 51.90
CA ARG B 20 35.33 -11.42 53.03
C ARG B 20 34.09 -12.18 52.57
N GLY B 21 33.24 -11.54 51.79
CA GLY B 21 31.96 -12.09 51.39
C GLY B 21 30.80 -11.39 52.07
N PHE B 22 29.61 -11.68 51.55
CA PHE B 22 28.41 -10.95 51.93
C PHE B 22 27.93 -11.37 53.32
N PHE B 23 26.96 -10.63 53.85
CA PHE B 23 26.47 -10.79 55.21
C PHE B 23 24.97 -10.97 55.21
N TYR B 24 24.47 -11.85 56.08
N TYR B 24 24.50 -11.84 56.10
CA TYR B 24 23.03 -11.99 56.26
CA TYR B 24 23.10 -12.21 56.24
C TYR B 24 22.77 -12.43 57.68
C TYR B 24 22.78 -12.35 57.73
N THR B 25 21.49 -12.44 58.04
CA THR B 25 21.07 -12.74 59.41
C THR B 25 21.14 -14.23 59.69
N HIS C 1 10.55 -46.00 54.37
CA HIS C 1 10.39 -46.18 52.94
C HIS C 1 9.91 -44.89 52.29
N LEU C 2 9.02 -44.18 52.97
CA LEU C 2 8.47 -42.93 52.42
C LEU C 2 9.48 -41.80 52.53
N TYR C 3 9.81 -41.40 53.75
CA TYR C 3 10.80 -40.35 54.02
C TYR C 3 11.77 -40.88 55.04
N PRO C 4 12.94 -41.38 54.61
CA PRO C 4 13.87 -42.03 55.55
C PRO C 4 14.82 -41.08 56.25
N GLY C 5 14.60 -39.78 56.19
CA GLY C 5 15.53 -38.81 56.74
C GLY C 5 14.96 -38.04 57.90
N GLU C 6 15.21 -36.73 57.91
CA GLU C 6 14.85 -35.84 59.00
C GLU C 6 14.22 -34.59 58.41
N VAL C 7 13.10 -34.16 58.99
CA VAL C 7 12.43 -32.95 58.55
C VAL C 7 13.33 -31.75 58.87
N CYS C 8 13.50 -30.87 57.88
CA CYS C 8 14.62 -29.94 57.85
C CYS C 8 14.09 -28.51 57.80
N PRO C 9 14.64 -27.59 58.57
CA PRO C 9 14.18 -26.20 58.53
C PRO C 9 14.72 -25.48 57.30
N GLY C 10 14.26 -24.24 57.13
CA GLY C 10 14.63 -23.46 55.96
C GLY C 10 16.06 -22.96 56.05
N MET C 11 16.73 -22.94 54.90
CA MET C 11 18.17 -22.71 54.84
C MET C 11 18.49 -21.57 53.87
N ASP C 12 19.76 -21.18 53.87
CA ASP C 12 20.27 -20.13 52.98
C ASP C 12 21.78 -20.30 52.88
N ILE C 13 22.29 -20.53 51.67
CA ILE C 13 23.68 -20.87 51.44
C ILE C 13 24.32 -19.81 50.56
N ARG C 14 25.46 -19.27 51.00
CA ARG C 14 26.14 -18.24 50.23
C ARG C 14 27.61 -18.18 50.63
N ASN C 15 28.42 -17.66 49.69
CA ASN C 15 29.81 -17.24 49.83
C ASN C 15 30.84 -18.37 49.96
N ASN C 16 30.38 -19.61 50.10
CA ASN C 16 31.29 -20.75 50.19
C ASN C 16 30.55 -21.97 49.66
N LEU C 17 31.10 -23.15 49.95
CA LEU C 17 30.43 -24.41 49.65
C LEU C 17 30.37 -25.34 50.84
N THR C 18 30.96 -24.95 51.98
CA THR C 18 30.93 -25.82 53.16
C THR C 18 29.54 -25.85 53.80
N ARG C 19 28.78 -24.77 53.65
CA ARG C 19 27.46 -24.65 54.27
C ARG C 19 26.43 -25.63 53.72
N LEU C 20 26.73 -26.28 52.59
CA LEU C 20 25.88 -27.35 52.08
C LEU C 20 26.00 -28.64 52.89
N HIS C 21 26.93 -28.72 53.85
CA HIS C 21 27.18 -29.92 54.62
C HIS C 21 25.98 -30.41 55.43
N GLU C 22 25.02 -29.53 55.73
CA GLU C 22 23.81 -29.93 56.43
C GLU C 22 22.63 -30.13 55.49
N LEU C 23 22.87 -30.49 54.23
CA LEU C 23 21.80 -30.89 53.33
C LEU C 23 21.87 -32.36 52.94
N GLU C 24 22.62 -33.17 53.69
CA GLU C 24 22.73 -34.58 53.37
C GLU C 24 21.71 -35.45 54.11
N ASN C 25 20.97 -34.88 55.06
CA ASN C 25 20.03 -35.65 55.88
C ASN C 25 18.70 -34.91 55.99
N CYS C 26 18.19 -34.43 54.86
CA CYS C 26 16.89 -33.75 54.83
C CYS C 26 16.12 -34.24 53.61
N SER C 27 14.96 -34.86 53.85
CA SER C 27 14.09 -35.38 52.79
C SER C 27 13.00 -34.40 52.40
N VAL C 28 12.44 -33.71 53.38
CA VAL C 28 11.58 -32.56 53.16
C VAL C 28 12.31 -31.36 53.72
N ILE C 29 11.98 -30.18 53.23
CA ILE C 29 12.51 -28.94 53.82
C ILE C 29 11.34 -28.00 54.08
N GLU C 30 10.96 -27.89 55.35
CA GLU C 30 10.04 -26.84 55.75
C GLU C 30 10.76 -25.51 55.68
N GLY C 31 10.33 -24.65 54.78
CA GLY C 31 11.05 -23.44 54.48
C GLY C 31 11.55 -23.45 53.05
N HIS C 32 12.50 -22.56 52.79
CA HIS C 32 12.97 -22.32 51.44
C HIS C 32 14.46 -22.59 51.35
N LEU C 33 14.89 -22.94 50.15
CA LEU C 33 16.29 -23.24 49.86
C LEU C 33 16.79 -22.25 48.83
N GLN C 34 17.64 -21.32 49.26
CA GLN C 34 18.30 -20.39 48.35
C GLN C 34 19.77 -20.75 48.28
N ILE C 35 20.28 -20.90 47.06
CA ILE C 35 21.70 -21.10 46.81
C ILE C 35 22.11 -19.98 45.88
N LEU C 36 22.89 -19.03 46.40
CA LEU C 36 23.13 -17.80 45.65
C LEU C 36 24.43 -17.16 46.08
N LEU C 37 24.99 -16.36 45.15
CA LEU C 37 26.16 -15.51 45.34
C LEU C 37 27.41 -16.31 45.76
N MET C 38 27.84 -17.19 44.86
CA MET C 38 29.12 -17.87 44.97
C MET C 38 29.94 -17.48 43.75
N PHE C 39 30.83 -16.50 43.92
CA PHE C 39 31.55 -15.96 42.78
C PHE C 39 32.79 -16.78 42.42
N LYS C 40 33.60 -17.15 43.41
CA LYS C 40 34.85 -17.87 43.14
C LYS C 40 34.65 -19.35 43.38
N THR C 41 34.11 -20.03 42.35
CA THR C 41 33.97 -21.48 42.33
C THR C 41 34.38 -21.99 40.96
N ARG C 42 34.71 -23.28 40.88
CA ARG C 42 35.09 -23.98 39.66
C ARG C 42 34.22 -25.20 39.44
N PRO C 43 34.01 -25.64 38.19
CA PRO C 43 33.15 -26.81 37.94
C PRO C 43 33.70 -28.13 38.43
N GLU C 44 34.95 -28.20 38.87
CA GLU C 44 35.51 -29.41 39.46
C GLU C 44 34.91 -29.76 40.80
N ASP C 45 34.34 -28.79 41.52
CA ASP C 45 33.87 -29.03 42.88
C ASP C 45 32.44 -29.57 42.94
N PHE C 46 31.61 -29.27 41.95
CA PHE C 46 30.21 -29.67 42.02
C PHE C 46 29.96 -31.11 41.59
N ARG C 47 30.96 -31.80 41.02
CA ARG C 47 30.72 -33.13 40.47
C ARG C 47 30.59 -34.20 41.55
N ASP C 48 31.17 -33.99 42.73
CA ASP C 48 31.15 -34.98 43.79
C ASP C 48 30.27 -34.57 44.98
N LEU C 49 29.54 -33.47 44.86
CA LEU C 49 28.54 -33.09 45.84
C LEU C 49 27.17 -33.42 45.29
N SER C 50 26.48 -34.36 45.93
CA SER C 50 25.16 -34.79 45.50
C SER C 50 24.27 -34.98 46.71
N PHE C 51 23.04 -34.47 46.64
CA PHE C 51 22.04 -34.62 47.68
C PHE C 51 20.95 -35.53 47.15
N PRO C 52 21.09 -36.85 47.30
CA PRO C 52 20.23 -37.77 46.55
C PRO C 52 18.91 -38.09 47.21
N LYS C 53 18.64 -37.60 48.42
CA LYS C 53 17.50 -38.09 49.17
C LYS C 53 16.58 -36.99 49.67
N LEU C 54 16.57 -35.82 49.04
CA LEU C 54 15.52 -34.86 49.33
C LEU C 54 14.40 -35.06 48.34
N ILE C 55 13.17 -34.88 48.80
CA ILE C 55 11.97 -35.16 48.01
C ILE C 55 11.08 -33.94 47.90
N MET C 56 10.78 -33.28 49.02
CA MET C 56 9.76 -32.25 49.03
C MET C 56 10.34 -30.90 49.46
N ILE C 57 10.10 -29.88 48.64
CA ILE C 57 10.50 -28.51 48.96
C ILE C 57 9.23 -27.69 49.10
N THR C 58 8.91 -27.25 50.31
CA THR C 58 7.57 -26.72 50.53
C THR C 58 7.40 -25.27 50.07
N ASP C 59 8.45 -24.45 50.07
CA ASP C 59 8.22 -23.05 49.75
C ASP C 59 8.64 -22.60 48.36
N TYR C 60 9.94 -22.60 48.04
CA TYR C 60 10.43 -22.22 46.71
C TYR C 60 11.88 -22.63 46.60
N LEU C 61 12.52 -22.19 45.52
CA LEU C 61 13.92 -22.54 45.22
C LEU C 61 14.48 -21.41 44.36
N LEU C 62 15.46 -20.69 44.89
CA LEU C 62 16.05 -19.54 44.23
C LEU C 62 17.52 -19.81 43.99
N LEU C 63 17.93 -19.84 42.72
CA LEU C 63 19.33 -19.99 42.33
C LEU C 63 19.72 -18.75 41.53
N PHE C 64 20.37 -17.80 42.19
CA PHE C 64 20.71 -16.52 41.59
C PHE C 64 22.22 -16.35 41.63
N ARG C 65 22.84 -16.33 40.44
CA ARG C 65 24.26 -16.03 40.23
C ARG C 65 25.16 -17.01 41.01
N VAL C 66 25.11 -18.26 40.59
CA VAL C 66 26.01 -19.30 41.09
C VAL C 66 26.94 -19.69 39.95
N TYR C 67 28.23 -19.48 40.12
CA TYR C 67 29.20 -19.78 39.08
C TYR C 67 29.70 -21.21 39.23
N GLY C 68 29.88 -21.89 38.10
CA GLY C 68 30.43 -23.22 38.09
C GLY C 68 29.43 -24.35 38.06
N LEU C 69 28.13 -24.04 38.07
CA LEU C 69 27.11 -25.07 37.96
C LEU C 69 26.71 -25.21 36.49
N GLU C 70 26.98 -26.38 35.91
CA GLU C 70 26.67 -26.65 34.51
C GLU C 70 25.39 -27.42 34.32
N SER C 71 25.21 -28.52 35.05
CA SER C 71 23.98 -29.29 35.02
C SER C 71 23.40 -29.37 36.42
N LEU C 72 22.09 -29.18 36.52
CA LEU C 72 21.39 -29.27 37.79
C LEU C 72 20.91 -30.69 38.10
N LYS C 73 21.38 -31.68 37.34
CA LYS C 73 20.91 -33.05 37.54
C LYS C 73 21.52 -33.68 38.77
N ASP C 74 22.85 -33.64 38.89
CA ASP C 74 23.53 -34.35 39.98
C ASP C 74 23.33 -33.70 41.34
N LEU C 75 22.89 -32.44 41.39
CA LEU C 75 22.55 -31.81 42.66
C LEU C 75 21.23 -32.33 43.21
N PHE C 76 20.15 -32.15 42.45
CA PHE C 76 18.80 -32.55 42.86
C PHE C 76 18.25 -33.57 41.86
N PRO C 77 18.59 -34.84 41.99
CA PRO C 77 17.99 -35.85 41.12
C PRO C 77 16.71 -36.48 41.66
N ASN C 78 16.13 -35.97 42.74
CA ASN C 78 15.00 -36.67 43.34
C ASN C 78 13.88 -35.78 43.88
N LEU C 79 13.87 -34.47 43.62
CA LEU C 79 12.79 -33.63 44.14
C LEU C 79 11.59 -33.79 43.23
N THR C 80 10.45 -34.18 43.80
CA THR C 80 9.24 -34.38 43.01
C THR C 80 8.23 -33.27 43.19
N VAL C 81 8.04 -32.76 44.41
CA VAL C 81 7.02 -31.75 44.67
C VAL C 81 7.67 -30.47 45.20
N ILE C 82 7.32 -29.36 44.55
CA ILE C 82 7.57 -28.02 45.06
C ILE C 82 6.21 -27.48 45.44
N ARG C 83 5.95 -27.41 46.75
CA ARG C 83 4.58 -27.18 47.21
C ARG C 83 4.16 -25.73 47.05
N GLY C 84 5.02 -24.79 47.42
CA GLY C 84 4.69 -23.39 47.26
C GLY C 84 3.68 -22.88 48.26
N SER C 85 4.03 -22.93 49.54
CA SER C 85 3.15 -22.40 50.57
C SER C 85 3.46 -20.95 50.91
N ARG C 86 4.70 -20.52 50.67
CA ARG C 86 5.09 -19.12 50.84
C ARG C 86 5.97 -18.76 49.65
N LEU C 87 5.42 -18.02 48.69
CA LEU C 87 6.08 -17.83 47.40
C LEU C 87 7.17 -16.77 47.50
N PHE C 88 7.72 -16.41 46.34
CA PHE C 88 8.75 -15.38 46.19
C PHE C 88 8.35 -14.58 44.96
N PHE C 89 7.55 -13.52 45.17
CA PHE C 89 7.07 -12.61 44.11
C PHE C 89 6.31 -13.39 43.02
N ASN C 90 5.31 -14.15 43.47
CA ASN C 90 4.42 -15.05 42.71
C ASN C 90 5.12 -16.28 42.14
N TYR C 91 6.42 -16.45 42.33
CA TYR C 91 7.17 -17.51 41.65
C TYR C 91 7.73 -18.49 42.67
N ALA C 92 7.57 -19.77 42.39
CA ALA C 92 8.04 -20.82 43.28
C ALA C 92 9.32 -21.48 42.81
N LEU C 93 9.90 -21.01 41.72
CA LEU C 93 11.17 -21.54 41.22
C LEU C 93 11.84 -20.44 40.40
N VAL C 94 12.84 -19.78 40.97
CA VAL C 94 13.47 -18.64 40.32
C VAL C 94 14.92 -19.00 40.02
N ILE C 95 15.24 -19.12 38.73
CA ILE C 95 16.61 -19.34 38.26
C ILE C 95 17.05 -18.05 37.59
N PHE C 96 17.94 -17.30 38.24
CA PHE C 96 18.27 -15.94 37.82
C PHE C 96 19.77 -15.76 37.69
N GLU C 97 20.20 -15.38 36.49
CA GLU C 97 21.59 -15.02 36.16
C GLU C 97 22.57 -16.17 36.43
N MET C 98 22.14 -17.39 36.18
CA MET C 98 23.06 -18.51 36.10
C MET C 98 23.82 -18.42 34.78
N VAL C 99 25.14 -18.25 34.86
CA VAL C 99 25.91 -17.94 33.68
C VAL C 99 26.49 -19.22 33.08
N HIS C 100 26.87 -20.17 33.94
CA HIS C 100 27.52 -21.38 33.48
C HIS C 100 26.55 -22.55 33.30
N LEU C 101 25.24 -22.29 33.32
CA LEU C 101 24.25 -23.36 33.29
C LEU C 101 23.97 -23.78 31.85
N LYS C 102 24.04 -25.09 31.58
CA LYS C 102 23.81 -25.63 30.24
C LYS C 102 22.42 -26.24 30.10
N GLU C 103 22.08 -27.20 30.95
CA GLU C 103 20.80 -27.90 30.87
C GLU C 103 20.05 -27.75 32.19
N LEU C 104 18.74 -27.99 32.13
CA LEU C 104 17.92 -27.79 33.33
C LEU C 104 18.03 -28.95 34.30
N GLY C 105 18.19 -30.17 33.79
CA GLY C 105 18.60 -31.30 34.61
C GLY C 105 17.62 -31.88 35.60
N LEU C 106 16.57 -31.14 35.96
CA LEU C 106 15.64 -31.52 37.01
C LEU C 106 14.63 -32.52 36.43
N TYR C 107 15.09 -33.75 36.24
CA TYR C 107 14.35 -34.70 35.41
C TYR C 107 13.25 -35.43 36.16
N ASN C 108 13.19 -35.34 37.49
CA ASN C 108 12.19 -36.06 38.26
C ASN C 108 11.15 -35.15 38.90
N LEU C 109 11.11 -33.88 38.51
CA LEU C 109 10.11 -32.95 39.03
C LEU C 109 8.75 -33.26 38.40
N MET C 110 7.71 -33.36 39.23
CA MET C 110 6.36 -33.63 38.74
C MET C 110 5.40 -32.49 39.04
N ASN C 111 5.28 -32.07 40.30
CA ASN C 111 4.19 -31.20 40.72
C ASN C 111 4.72 -29.93 41.37
N ILE C 112 4.42 -28.79 40.75
CA ILE C 112 4.47 -27.50 41.40
C ILE C 112 3.03 -27.13 41.74
N THR C 113 2.68 -27.18 43.03
CA THR C 113 1.29 -27.07 43.43
C THR C 113 0.75 -25.65 43.25
N ARG C 114 1.40 -24.68 43.87
CA ARG C 114 0.93 -23.29 43.84
C ARG C 114 2.07 -22.38 43.44
N GLY C 115 1.88 -21.61 42.37
CA GLY C 115 2.85 -20.63 41.94
C GLY C 115 3.17 -20.82 40.47
N SER C 116 4.22 -20.12 40.04
CA SER C 116 4.67 -20.19 38.66
C SER C 116 6.19 -20.28 38.66
N VAL C 117 6.78 -20.14 37.48
CA VAL C 117 8.23 -20.25 37.32
C VAL C 117 8.73 -19.10 36.46
N ARG C 118 9.90 -18.57 36.82
CA ARG C 118 10.57 -17.52 36.06
C ARG C 118 12.03 -17.90 35.88
N ILE C 119 12.44 -18.10 34.64
CA ILE C 119 13.81 -18.46 34.29
C ILE C 119 14.29 -17.40 33.32
N GLU C 120 15.21 -16.55 33.76
CA GLU C 120 15.54 -15.33 33.04
C GLU C 120 17.04 -15.06 33.07
N LYS C 121 17.52 -14.42 32.00
CA LYS C 121 18.86 -13.83 31.90
C LYS C 121 19.98 -14.87 32.06
N ASN C 122 19.76 -16.07 31.54
CA ASN C 122 20.82 -17.05 31.41
C ASN C 122 21.48 -16.92 30.05
N ASN C 123 22.79 -17.06 30.00
CA ASN C 123 23.52 -16.87 28.76
C ASN C 123 23.77 -18.16 27.99
N GLU C 124 23.77 -19.32 28.66
CA GLU C 124 24.12 -20.57 28.01
C GLU C 124 23.07 -21.66 28.18
N LEU C 125 21.82 -21.31 28.48
CA LEU C 125 20.82 -22.32 28.76
C LEU C 125 20.16 -22.83 27.48
N CYS C 126 19.96 -24.14 27.42
CA CYS C 126 19.20 -24.78 26.37
C CYS C 126 18.53 -26.02 26.95
N TYR C 127 17.88 -26.80 26.08
CA TYR C 127 16.86 -27.80 26.45
C TYR C 127 15.79 -27.16 27.34
N LEU C 128 15.23 -26.05 26.86
CA LEU C 128 14.18 -25.36 27.59
C LEU C 128 12.80 -25.48 26.95
N ALA C 129 12.74 -25.68 25.64
CA ALA C 129 11.46 -25.72 24.93
C ALA C 129 10.84 -27.11 24.91
N THR C 130 11.47 -28.10 25.53
CA THR C 130 10.99 -29.48 25.49
C THR C 130 10.68 -30.00 26.89
N ILE C 131 9.98 -29.21 27.69
CA ILE C 131 9.71 -29.54 29.09
C ILE C 131 8.24 -29.85 29.33
N ASP C 132 7.33 -29.16 28.61
CA ASP C 132 5.87 -29.26 28.73
C ASP C 132 5.44 -28.92 30.16
N TRP C 133 5.63 -27.64 30.48
CA TRP C 133 5.28 -27.10 31.81
C TRP C 133 3.80 -27.26 32.14
N SER C 134 2.94 -27.41 31.12
CA SER C 134 1.52 -27.63 31.37
C SER C 134 1.23 -29.00 31.99
N ARG C 135 2.18 -29.93 31.92
CA ARG C 135 2.06 -31.17 32.66
C ARG C 135 2.81 -31.13 33.99
N ILE C 136 3.54 -30.05 34.25
CA ILE C 136 4.27 -29.86 35.49
C ILE C 136 3.52 -28.94 36.44
N LEU C 137 3.14 -27.76 35.97
CA LEU C 137 2.34 -26.83 36.75
C LEU C 137 0.87 -27.19 36.63
N ASP C 138 0.01 -26.38 37.25
CA ASP C 138 -1.42 -26.43 37.02
C ASP C 138 -1.95 -25.14 36.39
N SER C 139 -1.11 -24.12 36.24
CA SER C 139 -1.45 -22.88 35.56
C SER C 139 -0.22 -22.38 34.81
N VAL C 140 -0.37 -22.18 33.50
CA VAL C 140 0.77 -21.95 32.63
C VAL C 140 0.94 -20.49 32.23
N GLU C 141 -0.15 -19.71 32.24
CA GLU C 141 -0.15 -18.37 31.66
C GLU C 141 0.66 -17.37 32.46
N ASP C 142 0.98 -17.66 33.72
CA ASP C 142 1.74 -16.76 34.58
C ASP C 142 3.22 -17.07 34.61
N ASN C 143 3.73 -17.84 33.64
CA ASN C 143 5.15 -18.17 33.58
C ASN C 143 5.95 -17.01 33.03
N HIS C 144 7.28 -17.14 33.11
CA HIS C 144 8.17 -16.18 32.45
CA HIS C 144 8.17 -16.18 32.45
C HIS C 144 9.45 -16.91 32.09
N ILE C 145 9.52 -17.40 30.85
CA ILE C 145 10.71 -18.06 30.31
C ILE C 145 11.18 -17.18 29.16
N VAL C 146 12.10 -16.25 29.44
CA VAL C 146 12.48 -15.23 28.48
C VAL C 146 13.95 -14.88 28.66
N LEU C 147 14.58 -14.49 27.55
CA LEU C 147 15.95 -13.97 27.47
C LEU C 147 16.98 -15.00 27.93
N ASN C 148 16.98 -16.11 27.20
CA ASN C 148 17.96 -17.18 27.36
C ASN C 148 18.74 -17.33 26.05
N LYS C 149 19.57 -18.36 25.97
CA LYS C 149 20.23 -18.67 24.71
C LYS C 149 19.30 -19.40 23.74
N ASP C 150 18.13 -19.84 24.20
CA ASP C 150 17.12 -20.40 23.31
C ASP C 150 16.27 -19.35 22.62
N ASP C 151 16.67 -18.08 22.63
CA ASP C 151 16.05 -17.10 21.75
C ASP C 151 16.35 -17.43 20.29
N ASN C 152 17.51 -18.01 20.02
CA ASN C 152 17.88 -18.52 18.71
C ASN C 152 18.22 -19.99 18.82
N GLU C 153 17.89 -20.76 17.80
CA GLU C 153 18.12 -22.21 17.80
C GLU C 153 19.58 -22.46 17.50
N GLU C 154 20.39 -22.59 18.55
CA GLU C 154 21.82 -22.82 18.38
C GLU C 154 22.43 -23.78 19.40
N CYS C 155 21.64 -24.41 20.27
CA CYS C 155 22.16 -25.24 21.33
C CYS C 155 21.67 -26.69 21.25
N GLY C 156 21.68 -27.29 20.06
CA GLY C 156 21.37 -28.71 20.01
C GLY C 156 19.89 -28.99 19.91
N ASP C 157 19.27 -29.20 21.06
CA ASP C 157 17.85 -29.56 21.22
C ASP C 157 17.53 -30.89 20.55
N ILE C 158 18.46 -31.83 20.65
CA ILE C 158 18.26 -33.21 20.21
C ILE C 158 18.27 -34.12 21.43
N CYS C 159 17.38 -35.11 21.41
CA CYS C 159 17.18 -36.01 22.56
C CYS C 159 16.41 -37.23 22.07
N PRO C 160 16.60 -38.39 22.71
CA PRO C 160 15.79 -39.57 22.36
C PRO C 160 14.43 -39.59 23.08
N CYS C 169 7.32 -39.87 27.43
CA CYS C 169 7.61 -38.72 26.57
C CYS C 169 7.15 -38.92 25.12
N PRO C 170 5.84 -39.10 24.91
CA PRO C 170 5.37 -39.51 23.58
C PRO C 170 5.09 -38.36 22.64
N ALA C 171 5.96 -37.33 22.63
CA ALA C 171 5.92 -36.18 21.71
C ALA C 171 4.56 -35.49 21.60
N THR C 172 4.14 -34.81 22.67
CA THR C 172 2.78 -34.30 22.79
C THR C 172 2.44 -33.27 21.73
N VAL C 173 1.13 -33.11 21.49
CA VAL C 173 0.61 -32.24 20.44
C VAL C 173 -0.20 -31.15 21.17
N ILE C 174 0.29 -30.75 22.35
CA ILE C 174 -0.42 -29.75 23.14
C ILE C 174 -0.34 -28.36 22.50
N ASN C 175 0.64 -28.13 21.64
CA ASN C 175 0.67 -26.96 20.78
C ASN C 175 0.18 -27.36 19.38
N GLY C 176 0.33 -26.47 18.42
CA GLY C 176 0.00 -26.78 17.05
C GLY C 176 1.04 -27.56 16.28
N GLN C 177 2.04 -28.11 16.97
CA GLN C 177 3.15 -28.82 16.35
C GLN C 177 3.32 -30.19 17.02
N PHE C 178 4.29 -30.94 16.54
CA PHE C 178 4.60 -32.28 17.04
C PHE C 178 6.06 -32.26 17.51
N VAL C 179 6.25 -31.93 18.79
CA VAL C 179 7.59 -31.78 19.36
C VAL C 179 7.77 -32.81 20.47
N GLU C 180 8.93 -33.47 20.48
CA GLU C 180 9.31 -34.33 21.58
C GLU C 180 9.55 -33.49 22.84
N ARG C 181 9.32 -34.09 24.01
CA ARG C 181 9.54 -33.42 25.28
C ARG C 181 10.61 -34.18 26.06
N CYS C 182 11.64 -33.47 26.50
CA CYS C 182 12.77 -34.11 27.18
C CYS C 182 13.49 -33.11 28.07
N TRP C 183 13.79 -33.53 29.30
CA TRP C 183 14.52 -32.68 30.24
C TRP C 183 15.96 -32.45 29.78
N THR C 184 16.74 -33.52 29.72
CA THR C 184 18.17 -33.48 29.46
C THR C 184 18.48 -34.10 28.11
N HIS C 185 19.78 -34.22 27.82
CA HIS C 185 20.21 -34.88 26.59
C HIS C 185 19.96 -36.38 26.64
N SER C 186 20.07 -36.99 27.82
CA SER C 186 19.94 -38.43 27.95
C SER C 186 18.72 -38.85 28.78
N HIS C 187 17.79 -37.93 29.04
CA HIS C 187 16.57 -38.24 29.77
C HIS C 187 15.40 -37.52 29.12
N CYS C 188 14.21 -38.09 29.24
CA CYS C 188 13.02 -37.52 28.65
C CYS C 188 11.96 -37.30 29.72
N GLN C 189 11.11 -36.30 29.47
CA GLN C 189 10.10 -35.89 30.42
C GLN C 189 9.00 -36.94 30.52
N LYS C 190 8.87 -37.54 31.71
CA LYS C 190 8.04 -38.73 31.91
C LYS C 190 6.56 -38.36 31.84
N VAL C 191 5.89 -38.78 30.76
CA VAL C 191 4.45 -38.64 30.61
C VAL C 191 3.85 -40.03 30.53
N CYS C 192 2.76 -40.25 31.24
CA CYS C 192 2.01 -41.50 31.26
C CYS C 192 0.55 -41.23 30.90
N PRO C 193 -0.22 -42.27 30.54
CA PRO C 193 -1.63 -42.05 30.17
C PRO C 193 -2.49 -41.50 31.30
N THR C 194 -3.60 -40.88 30.90
CA THR C 194 -4.39 -40.00 31.75
C THR C 194 -5.70 -40.64 32.24
N ILE C 195 -5.69 -41.96 32.48
CA ILE C 195 -6.85 -42.58 33.12
C ILE C 195 -6.93 -42.17 34.58
N CYS C 196 -5.82 -41.75 35.17
CA CYS C 196 -5.78 -40.97 36.40
C CYS C 196 -5.03 -39.68 36.08
N LYS C 197 -5.61 -38.54 36.48
CA LYS C 197 -5.19 -37.25 35.94
C LYS C 197 -3.82 -36.84 36.46
N SER C 198 -3.73 -36.53 37.76
CA SER C 198 -2.46 -36.22 38.40
C SER C 198 -2.39 -36.92 39.74
N HIS C 199 -2.81 -38.18 39.76
CA HIS C 199 -2.96 -38.94 40.99
C HIS C 199 -1.81 -39.91 41.23
N GLY C 200 -0.63 -39.63 40.69
CA GLY C 200 0.49 -40.55 40.82
C GLY C 200 0.46 -41.62 39.76
N CYS C 201 1.64 -42.06 39.29
CA CYS C 201 1.67 -42.92 38.12
C CYS C 201 3.00 -43.67 38.07
N THR C 202 2.91 -45.00 38.00
CA THR C 202 4.09 -45.84 37.94
C THR C 202 4.57 -45.84 36.48
N ALA C 203 5.85 -46.21 36.27
CA ALA C 203 6.50 -46.03 34.97
C ALA C 203 5.96 -46.94 33.89
N GLU C 204 5.57 -48.17 34.21
CA GLU C 204 5.18 -49.14 33.21
C GLU C 204 3.72 -49.00 32.75
N GLY C 205 3.03 -47.94 33.16
CA GLY C 205 1.72 -47.63 32.63
C GLY C 205 0.54 -47.92 33.55
N LEU C 206 0.77 -48.58 34.69
CA LEU C 206 -0.30 -48.86 35.63
C LEU C 206 -0.36 -47.75 36.67
N CYS C 207 -1.54 -47.18 36.87
CA CYS C 207 -1.70 -46.09 37.83
C CYS C 207 -1.68 -46.64 39.26
N CYS C 208 -0.98 -45.93 40.14
CA CYS C 208 -0.90 -46.31 41.55
C CYS C 208 -2.07 -45.66 42.30
N HIS C 209 -1.97 -45.64 43.63
CA HIS C 209 -3.05 -45.13 44.47
C HIS C 209 -3.25 -43.64 44.24
N SER C 210 -4.51 -43.21 44.38
CA SER C 210 -4.91 -41.86 43.94
C SER C 210 -4.39 -40.77 44.86
N GLU C 211 -4.17 -41.09 46.14
CA GLU C 211 -3.66 -40.10 47.08
C GLU C 211 -2.13 -40.14 47.19
N CYS C 212 -1.45 -40.09 46.04
CA CYS C 212 0.00 -39.96 45.95
C CYS C 212 0.31 -39.16 44.70
N LEU C 213 1.60 -38.88 44.46
CA LEU C 213 1.99 -38.14 43.27
C LEU C 213 3.30 -38.71 42.74
N GLY C 214 3.51 -38.50 41.45
CA GLY C 214 4.81 -38.80 40.85
C GLY C 214 5.10 -40.29 40.79
N ASN C 215 6.27 -40.66 41.33
CA ASN C 215 6.69 -42.05 41.35
C ASN C 215 5.89 -42.85 42.37
N CYS C 216 5.82 -44.15 42.14
CA CYS C 216 5.22 -45.09 43.07
C CYS C 216 6.03 -46.38 43.00
N SER C 217 5.85 -47.24 44.01
CA SER C 217 6.51 -48.53 44.04
C SER C 217 5.59 -49.66 43.59
N GLN C 218 4.47 -49.85 44.28
CA GLN C 218 3.44 -50.83 43.96
C GLN C 218 2.10 -50.12 43.83
N PRO C 219 1.27 -50.50 42.87
CA PRO C 219 0.02 -49.78 42.66
C PRO C 219 -1.02 -50.10 43.73
N ASP C 220 -2.00 -49.20 43.85
CA ASP C 220 -3.19 -49.31 44.72
C ASP C 220 -2.84 -49.42 46.19
N ASP C 221 -1.65 -48.93 46.58
CA ASP C 221 -1.23 -48.91 47.98
C ASP C 221 -0.85 -47.48 48.33
N PRO C 222 -1.49 -46.85 49.31
CA PRO C 222 -1.06 -45.51 49.74
C PRO C 222 0.00 -45.56 50.81
N THR C 223 0.59 -46.73 51.03
CA THR C 223 1.57 -46.91 52.10
C THR C 223 3.00 -46.98 51.60
N LYS C 224 3.22 -47.08 50.29
CA LYS C 224 4.57 -47.25 49.77
C LYS C 224 4.80 -46.41 48.51
N CYS C 225 4.22 -45.21 48.45
CA CYS C 225 4.59 -44.27 47.41
C CYS C 225 5.72 -43.37 47.93
N VAL C 226 6.00 -42.28 47.23
CA VAL C 226 7.18 -41.48 47.55
C VAL C 226 6.86 -40.03 47.92
N ALA C 227 5.74 -39.51 47.42
CA ALA C 227 5.34 -38.13 47.71
C ALA C 227 3.83 -38.17 47.86
N CYS C 228 3.35 -38.00 49.08
CA CYS C 228 1.92 -38.02 49.35
C CYS C 228 1.34 -36.72 48.80
N ARG C 229 0.04 -36.53 49.02
CA ARG C 229 -0.64 -35.34 48.52
C ARG C 229 -1.17 -34.49 49.68
N ASN C 230 -2.32 -34.87 50.22
CA ASN C 230 -2.93 -34.15 51.33
C ASN C 230 -2.28 -33.87 52.68
N PHE C 231 -1.77 -34.92 53.32
CA PHE C 231 -1.13 -34.78 54.62
C PHE C 231 -0.13 -35.94 54.63
N TYR C 232 0.42 -36.22 55.81
CA TYR C 232 1.39 -37.29 55.96
C TYR C 232 1.42 -37.72 57.42
N LEU C 233 1.36 -39.03 57.67
CA LEU C 233 1.32 -39.52 59.05
C LEU C 233 2.00 -40.89 59.12
N ASP C 234 3.30 -40.85 59.45
CA ASP C 234 4.04 -41.98 60.04
C ASP C 234 4.04 -43.24 59.17
N GLY C 235 4.26 -43.05 57.86
CA GLY C 235 4.38 -44.18 56.96
C GLY C 235 3.23 -44.25 55.97
N ARG C 236 2.02 -44.04 56.45
CA ARG C 236 0.87 -43.88 55.59
C ARG C 236 0.63 -42.38 55.41
N CYS C 237 -0.38 -42.03 54.61
CA CYS C 237 -0.84 -40.65 54.55
C CYS C 237 -2.31 -40.64 54.13
N VAL C 238 -3.18 -40.16 55.02
CA VAL C 238 -4.61 -40.21 54.83
C VAL C 238 -5.11 -38.79 54.56
N GLU C 239 -6.37 -38.71 54.11
CA GLU C 239 -6.96 -37.43 53.74
C GLU C 239 -7.24 -36.57 54.97
N THR C 240 -7.95 -37.13 55.95
CA THR C 240 -8.20 -36.47 57.23
C THR C 240 -7.45 -37.26 58.28
N CYS C 241 -6.41 -36.67 58.86
CA CYS C 241 -5.64 -37.42 59.84
C CYS C 241 -6.38 -37.50 61.16
N PRO C 242 -6.31 -38.65 61.84
CA PRO C 242 -7.22 -38.93 62.97
C PRO C 242 -6.96 -38.02 64.17
N PRO C 243 -7.97 -37.79 65.01
CA PRO C 243 -7.80 -36.84 66.12
C PRO C 243 -7.26 -37.47 67.40
N PRO C 244 -6.22 -38.31 67.34
CA PRO C 244 -5.14 -38.14 68.32
C PRO C 244 -4.10 -37.11 67.89
N TYR C 245 -4.11 -36.71 66.62
CA TYR C 245 -3.15 -35.75 66.09
C TYR C 245 -3.87 -34.54 65.50
N TYR C 246 -3.09 -33.48 65.29
CA TYR C 246 -3.60 -32.22 64.76
C TYR C 246 -2.81 -31.84 63.52
N HIS C 247 -3.42 -30.98 62.69
CA HIS C 247 -2.74 -30.51 61.49
C HIS C 247 -1.61 -29.56 61.85
N PHE C 248 -0.56 -29.55 61.02
CA PHE C 248 0.60 -28.72 61.26
C PHE C 248 1.24 -28.36 59.94
N GLN C 249 1.39 -27.04 59.70
CA GLN C 249 2.06 -26.45 58.54
C GLN C 249 1.45 -26.90 57.22
N ASP C 250 0.15 -27.23 57.25
CA ASP C 250 -0.68 -27.82 56.19
C ASP C 250 -0.02 -28.93 55.38
N TRP C 251 0.91 -29.68 55.98
CA TRP C 251 1.38 -30.92 55.37
C TRP C 251 1.62 -32.05 56.35
N ARG C 252 1.67 -31.81 57.67
CA ARG C 252 1.94 -32.87 58.62
C ARG C 252 0.81 -32.94 59.65
N CYS C 253 0.84 -34.01 60.45
CA CYS C 253 -0.02 -34.09 61.62
C CYS C 253 0.82 -34.52 62.82
N VAL C 254 0.77 -33.72 63.88
CA VAL C 254 1.54 -33.94 65.10
C VAL C 254 0.61 -33.84 66.30
N ASN C 255 0.99 -34.53 67.37
CA ASN C 255 0.19 -34.52 68.59
C ASN C 255 0.44 -33.23 69.37
N PHE C 256 -0.39 -33.02 70.41
CA PHE C 256 -0.38 -31.73 71.11
C PHE C 256 0.84 -31.53 71.98
N SER C 257 1.58 -32.59 72.30
CA SER C 257 2.85 -32.44 73.00
C SER C 257 3.85 -31.64 72.17
N PHE C 258 3.83 -31.82 70.85
CA PHE C 258 4.74 -31.08 69.98
C PHE C 258 4.38 -29.60 69.91
N CYS C 259 3.08 -29.28 69.81
CA CYS C 259 2.67 -27.88 69.77
C CYS C 259 2.90 -27.19 71.12
N GLN C 260 2.68 -27.93 72.22
CA GLN C 260 3.02 -27.43 73.54
C GLN C 260 4.51 -27.22 73.69
N ASP C 261 5.33 -28.10 73.12
CA ASP C 261 6.78 -27.94 73.18
C ASP C 261 7.23 -26.72 72.39
N LEU C 262 6.62 -26.48 71.23
CA LEU C 262 6.96 -25.30 70.43
C LEU C 262 6.56 -24.01 71.13
N HIS C 263 5.35 -24.01 71.72
CA HIS C 263 4.86 -22.84 72.44
C HIS C 263 5.72 -22.51 73.65
N HIS C 264 5.97 -23.51 74.51
CA HIS C 264 6.80 -23.29 75.68
C HIS C 264 8.28 -23.16 75.35
N LYS C 265 8.70 -23.55 74.15
CA LYS C 265 10.08 -23.38 73.74
C LYS C 265 10.35 -21.95 73.31
N CYS C 266 9.53 -21.40 72.42
CA CYS C 266 9.79 -20.05 71.95
C CYS C 266 8.86 -19.01 72.57
N LYS C 267 8.23 -19.33 73.71
CA LYS C 267 7.61 -18.29 74.51
C LYS C 267 8.65 -17.41 75.23
N ASN C 268 9.90 -17.88 75.31
CA ASN C 268 10.99 -17.05 75.82
C ASN C 268 11.29 -15.96 74.79
N SER C 269 10.80 -14.75 75.04
CA SER C 269 10.82 -13.67 74.05
C SER C 269 12.21 -13.04 73.98
N ARG C 270 13.16 -13.82 73.48
CA ARG C 270 14.52 -13.36 73.23
C ARG C 270 14.83 -13.23 71.75
N ARG C 271 13.93 -13.69 70.88
CA ARG C 271 14.13 -13.63 69.45
C ARG C 271 12.81 -13.28 68.78
N GLN C 272 12.91 -12.83 67.52
CA GLN C 272 11.75 -12.41 66.75
C GLN C 272 11.42 -13.37 65.62
N GLY C 273 11.62 -14.67 65.83
CA GLY C 273 11.45 -15.62 64.75
C GLY C 273 10.11 -16.32 64.66
N CYS C 274 9.66 -16.94 65.76
CA CYS C 274 8.57 -17.89 65.71
C CYS C 274 7.22 -17.20 65.90
N HIS C 275 6.19 -17.99 66.17
CA HIS C 275 4.88 -17.53 66.57
C HIS C 275 4.45 -18.31 67.80
N GLN C 276 3.47 -17.77 68.53
CA GLN C 276 2.92 -18.45 69.69
C GLN C 276 1.86 -19.43 69.21
N TYR C 277 2.30 -20.65 68.88
CA TYR C 277 1.47 -21.65 68.21
C TYR C 277 0.31 -22.09 69.08
N VAL C 278 -0.91 -21.97 68.56
CA VAL C 278 -2.11 -22.38 69.28
C VAL C 278 -2.79 -23.49 68.49
N ILE C 279 -3.72 -24.18 69.16
CA ILE C 279 -4.52 -25.22 68.54
C ILE C 279 -5.95 -24.72 68.41
N HIS C 280 -6.51 -24.87 67.21
CA HIS C 280 -7.83 -24.33 66.87
C HIS C 280 -8.39 -25.16 65.72
N ASN C 281 -9.56 -25.77 65.95
CA ASN C 281 -10.30 -26.54 64.94
C ASN C 281 -9.47 -27.67 64.35
N ASN C 282 -8.70 -28.34 65.22
CA ASN C 282 -7.72 -29.37 64.86
C ASN C 282 -6.66 -28.84 63.88
N LYS C 283 -6.21 -27.61 64.13
CA LYS C 283 -5.11 -27.02 63.37
C LYS C 283 -4.15 -26.34 64.35
N CYS C 284 -2.86 -26.66 64.24
CA CYS C 284 -1.85 -26.01 65.07
C CYS C 284 -1.40 -24.75 64.34
N ILE C 285 -2.24 -23.72 64.44
CA ILE C 285 -2.08 -22.50 63.65
C ILE C 285 -1.16 -21.56 64.40
N PRO C 286 -0.43 -20.67 63.71
CA PRO C 286 0.36 -19.64 64.42
C PRO C 286 -0.47 -18.73 65.32
N GLU C 287 -1.59 -18.21 64.84
CA GLU C 287 -2.50 -17.45 65.70
C GLU C 287 -3.89 -17.52 65.10
N CYS C 288 -4.86 -17.98 65.91
CA CYS C 288 -6.22 -18.09 65.43
C CYS C 288 -6.85 -16.71 65.30
N PRO C 289 -7.74 -16.52 64.30
CA PRO C 289 -8.17 -15.16 63.91
C PRO C 289 -9.10 -14.46 64.89
N SER C 290 -9.63 -13.31 64.45
CA SER C 290 -10.39 -12.40 65.29
C SER C 290 -11.65 -13.05 65.87
N GLY C 291 -12.03 -12.59 67.05
CA GLY C 291 -13.13 -13.20 67.76
C GLY C 291 -12.76 -14.44 68.54
N TYR C 292 -11.49 -14.57 68.93
CA TYR C 292 -11.03 -15.73 69.67
C TYR C 292 -9.89 -15.29 70.59
N THR C 293 -9.71 -16.01 71.69
CA THR C 293 -8.61 -15.76 72.61
C THR C 293 -8.19 -17.05 73.30
N MET C 294 -6.93 -17.09 73.73
CA MET C 294 -6.27 -18.30 74.19
C MET C 294 -6.29 -18.39 75.71
N ASN C 295 -6.87 -19.45 76.23
CA ASN C 295 -6.67 -19.82 77.62
C ASN C 295 -5.27 -20.38 77.79
N SER C 296 -4.68 -20.14 78.95
CA SER C 296 -3.25 -20.41 79.15
C SER C 296 -2.96 -21.91 79.19
N SER C 297 -3.70 -22.66 80.00
CA SER C 297 -3.40 -24.08 80.22
C SER C 297 -3.90 -24.97 79.09
N ASN C 298 -5.11 -24.73 78.59
CA ASN C 298 -5.74 -25.66 77.68
C ASN C 298 -5.15 -25.58 76.28
N LEU C 299 -4.52 -24.44 75.95
CA LEU C 299 -3.82 -24.09 74.70
C LEU C 299 -4.77 -23.85 73.53
N LEU C 300 -6.06 -24.13 73.70
CA LEU C 300 -7.03 -23.80 72.67
C LEU C 300 -7.43 -22.33 72.78
N CYS C 301 -8.10 -21.84 71.74
CA CYS C 301 -8.65 -20.49 71.79
C CYS C 301 -10.16 -20.56 71.63
N THR C 302 -10.85 -19.97 72.60
CA THR C 302 -12.29 -19.88 72.80
C THR C 302 -12.83 -18.62 72.14
N PRO C 303 -14.14 -18.55 71.89
CA PRO C 303 -14.73 -17.30 71.37
C PRO C 303 -14.55 -16.12 72.31
N CYS C 304 -14.39 -14.95 71.73
CA CYS C 304 -14.04 -13.73 72.45
C CYS C 304 -15.23 -13.21 73.24
N LEU C 305 -14.95 -12.54 74.35
CA LEU C 305 -15.99 -11.88 75.13
C LEU C 305 -16.43 -10.63 74.37
N GLY C 306 -17.48 -10.76 73.58
CA GLY C 306 -17.88 -9.71 72.68
C GLY C 306 -17.00 -9.69 71.45
N PRO C 307 -17.16 -8.66 70.62
CA PRO C 307 -16.33 -8.55 69.41
C PRO C 307 -14.95 -8.00 69.72
N CYS C 308 -13.92 -8.65 69.18
CA CYS C 308 -12.56 -8.15 69.30
C CYS C 308 -11.79 -8.47 68.02
N PRO C 309 -11.15 -7.48 67.39
CA PRO C 309 -10.43 -7.72 66.15
C PRO C 309 -8.96 -8.01 66.37
N LYS C 310 -8.30 -8.41 65.29
CA LYS C 310 -6.84 -8.60 65.26
C LYS C 310 -6.25 -7.38 64.58
N VAL C 311 -5.76 -6.44 65.41
CA VAL C 311 -5.14 -5.22 64.90
C VAL C 311 -3.84 -5.60 64.22
N CYS C 312 -3.68 -5.20 62.95
CA CYS C 312 -2.51 -5.54 62.16
C CYS C 312 -1.60 -4.32 62.17
N HIS C 313 -0.80 -4.21 63.23
CA HIS C 313 -0.01 -3.01 63.48
C HIS C 313 1.13 -2.93 62.47
N LEU C 314 1.05 -1.95 61.58
CA LEU C 314 1.88 -1.92 60.39
C LEU C 314 3.26 -1.34 60.68
N LEU C 315 4.28 -1.97 60.11
CA LEU C 315 5.64 -1.46 60.23
C LEU C 315 5.81 -0.21 59.36
N GLU C 316 6.70 0.67 59.84
CA GLU C 316 7.27 1.88 59.20
C GLU C 316 6.25 2.93 58.78
N GLY C 317 4.97 2.75 59.09
CA GLY C 317 3.95 3.74 58.81
C GLY C 317 3.16 3.50 57.55
N GLU C 318 3.62 2.60 56.67
CA GLU C 318 2.94 2.34 55.41
C GLU C 318 3.37 0.97 54.91
N LYS C 319 2.54 0.38 54.06
CA LYS C 319 2.90 -0.87 53.41
C LYS C 319 2.52 -0.83 51.94
N THR C 320 3.46 -1.18 51.08
CA THR C 320 3.21 -1.28 49.65
C THR C 320 2.87 -2.73 49.31
N ILE C 321 1.91 -2.91 48.41
CA ILE C 321 1.52 -4.25 47.96
C ILE C 321 1.96 -4.39 46.51
N ASP C 322 2.86 -5.32 46.26
CA ASP C 322 3.32 -5.59 44.90
C ASP C 322 2.86 -6.95 44.38
N SER C 323 2.90 -7.98 45.21
CA SER C 323 2.63 -9.32 44.72
C SER C 323 2.16 -10.20 45.89
N VAL C 324 2.12 -11.51 45.64
CA VAL C 324 1.53 -12.47 46.57
C VAL C 324 2.34 -12.55 47.86
N THR C 325 3.66 -12.43 47.78
CA THR C 325 4.48 -12.54 48.97
C THR C 325 4.40 -11.32 49.89
N SER C 326 3.83 -10.21 49.42
CA SER C 326 3.53 -9.09 50.28
C SER C 326 2.06 -9.02 50.67
N ALA C 327 1.17 -9.58 49.85
CA ALA C 327 -0.23 -9.67 50.22
C ALA C 327 -0.52 -10.85 51.13
N GLN C 328 0.45 -11.72 51.37
CA GLN C 328 0.27 -12.84 52.29
C GLN C 328 0.64 -12.49 53.72
N GLU C 329 1.16 -11.29 53.97
CA GLU C 329 1.46 -10.87 55.33
C GLU C 329 0.31 -10.11 55.97
N LEU C 330 -0.72 -9.76 55.20
CA LEU C 330 -1.97 -9.23 55.74
C LEU C 330 -3.04 -10.31 55.82
N ARG C 331 -2.63 -11.58 55.93
CA ARG C 331 -3.57 -12.69 55.96
C ARG C 331 -4.24 -12.76 57.31
N GLY C 332 -5.58 -12.73 57.32
CA GLY C 332 -6.34 -12.83 58.54
C GLY C 332 -6.42 -11.58 59.39
N CYS C 333 -5.72 -10.51 59.01
CA CYS C 333 -5.83 -9.26 59.75
C CYS C 333 -7.18 -8.61 59.46
N THR C 334 -7.70 -7.88 60.44
CA THR C 334 -9.01 -7.28 60.35
C THR C 334 -8.96 -5.76 60.18
N VAL C 335 -8.27 -5.05 61.05
CA VAL C 335 -8.06 -3.62 60.90
C VAL C 335 -6.57 -3.38 60.66
N ILE C 336 -6.26 -2.42 59.80
CA ILE C 336 -4.89 -2.04 59.52
C ILE C 336 -4.60 -0.72 60.21
N ASN C 337 -3.47 -0.67 60.92
CA ASN C 337 -3.08 0.53 61.66
C ASN C 337 -2.13 1.41 60.88
N GLY C 338 -2.24 1.43 59.56
CA GLY C 338 -1.39 2.25 58.74
C GLY C 338 -1.86 2.25 57.30
N SER C 339 -1.23 3.10 56.50
CA SER C 339 -1.64 3.29 55.11
C SER C 339 -1.19 2.13 54.24
N LEU C 340 -1.93 1.93 53.14
CA LEU C 340 -1.80 0.77 52.29
C LEU C 340 -1.77 1.24 50.84
N ILE C 341 -0.65 1.01 50.16
CA ILE C 341 -0.41 1.53 48.82
C ILE C 341 -0.37 0.36 47.85
N ILE C 342 -1.39 0.24 47.00
CA ILE C 342 -1.47 -0.87 46.05
C ILE C 342 -0.74 -0.47 44.78
N ASN C 343 0.23 -1.29 44.37
CA ASN C 343 1.04 -1.03 43.17
C ASN C 343 1.41 -2.37 42.56
N ILE C 344 0.62 -2.82 41.59
CA ILE C 344 0.85 -4.10 40.92
C ILE C 344 1.33 -3.76 39.51
N ARG C 345 2.65 -3.75 39.31
CA ARG C 345 3.21 -3.36 38.03
C ARG C 345 3.17 -4.51 37.04
N GLY C 346 2.95 -4.17 35.78
CA GLY C 346 2.95 -5.14 34.70
C GLY C 346 1.86 -6.17 34.85
N GLY C 347 2.25 -7.43 34.73
CA GLY C 347 1.39 -8.53 35.09
C GLY C 347 0.31 -8.81 34.07
N ASN C 348 -0.28 -10.00 34.19
CA ASN C 348 -1.41 -10.40 33.37
C ASN C 348 -2.74 -10.14 34.07
N ASN C 349 -2.95 -10.74 35.24
CA ASN C 349 -4.15 -10.58 36.06
C ASN C 349 -3.87 -11.17 37.43
N LEU C 350 -4.16 -10.39 38.49
CA LEU C 350 -3.92 -10.87 39.84
C LEU C 350 -5.07 -10.53 40.76
N ALA C 351 -6.31 -10.77 40.32
CA ALA C 351 -7.48 -10.54 41.16
C ALA C 351 -8.00 -11.81 41.81
N ALA C 352 -7.25 -12.91 41.75
CA ALA C 352 -7.69 -14.18 42.32
C ALA C 352 -6.95 -14.55 43.59
N GLU C 353 -5.69 -14.15 43.74
CA GLU C 353 -4.93 -14.40 44.95
C GLU C 353 -4.85 -13.19 45.86
N LEU C 354 -5.50 -12.09 45.51
CA LEU C 354 -5.64 -10.97 46.43
C LEU C 354 -6.90 -11.09 47.27
N GLU C 355 -7.97 -11.66 46.70
CA GLU C 355 -9.24 -11.73 47.40
C GLU C 355 -9.21 -12.74 48.54
N ALA C 356 -8.44 -13.82 48.40
CA ALA C 356 -8.35 -14.80 49.47
C ALA C 356 -7.36 -14.41 50.55
N ASN C 357 -6.60 -13.35 50.37
CA ASN C 357 -5.59 -12.93 51.33
C ASN C 357 -5.91 -11.61 52.01
N LEU C 358 -6.12 -10.54 51.23
CA LEU C 358 -6.46 -9.25 51.81
C LEU C 358 -7.91 -8.87 51.58
N GLY C 359 -8.75 -9.84 51.23
CA GLY C 359 -10.16 -9.57 51.07
C GLY C 359 -10.95 -9.88 52.33
N LEU C 360 -10.38 -9.55 53.48
CA LEU C 360 -11.08 -9.71 54.74
C LEU C 360 -10.84 -8.54 55.68
N ILE C 361 -10.09 -7.53 55.27
CA ILE C 361 -9.83 -6.37 56.11
C ILE C 361 -11.03 -5.44 56.05
N GLU C 362 -11.27 -4.70 57.13
CA GLU C 362 -12.46 -3.87 57.24
C GLU C 362 -12.18 -2.40 57.46
N GLU C 363 -11.15 -2.05 58.24
CA GLU C 363 -10.87 -0.65 58.57
C GLU C 363 -9.40 -0.38 58.31
N ILE C 364 -9.08 0.30 57.23
CA ILE C 364 -7.76 0.88 57.11
C ILE C 364 -7.80 2.24 57.80
N SER C 365 -6.64 2.73 58.22
CA SER C 365 -6.59 3.93 59.03
C SER C 365 -5.81 5.07 58.42
N GLY C 366 -5.15 4.86 57.29
CA GLY C 366 -4.43 5.93 56.65
C GLY C 366 -5.08 6.37 55.37
N TYR C 367 -4.51 5.95 54.25
CA TYR C 367 -5.11 6.20 52.95
C TYR C 367 -5.00 4.93 52.13
N LEU C 368 -5.56 4.97 50.92
CA LEU C 368 -5.48 3.85 49.99
C LEU C 368 -5.02 4.42 48.65
N LYS C 369 -3.72 4.56 48.47
CA LYS C 369 -3.18 5.10 47.24
C LYS C 369 -3.01 3.97 46.24
N ILE C 370 -3.69 4.06 45.10
CA ILE C 370 -3.66 3.03 44.07
C ILE C 370 -3.02 3.64 42.84
N ARG C 371 -1.74 3.38 42.62
CA ARG C 371 -1.03 4.00 41.52
C ARG C 371 -0.30 2.98 40.67
N ARG C 372 -0.24 3.27 39.37
CA ARG C 372 0.57 2.60 38.35
C ARG C 372 0.18 1.15 38.09
N SER C 373 -0.93 0.67 38.64
CA SER C 373 -1.33 -0.71 38.44
C SER C 373 -1.90 -0.90 37.04
N TYR C 374 -1.31 -1.82 36.28
CA TYR C 374 -1.71 -2.04 34.90
C TYR C 374 -2.73 -3.16 34.74
N ALA C 375 -2.69 -4.18 35.58
CA ALA C 375 -3.50 -5.38 35.41
C ALA C 375 -4.74 -5.39 36.28
N LEU C 376 -5.11 -4.24 36.84
CA LEU C 376 -6.29 -4.16 37.70
C LEU C 376 -7.51 -3.77 36.87
N VAL C 377 -8.58 -4.56 37.01
CA VAL C 377 -9.83 -4.25 36.37
C VAL C 377 -10.85 -3.67 37.34
N SER C 378 -10.92 -4.18 38.56
CA SER C 378 -11.84 -3.65 39.55
C SER C 378 -11.23 -3.82 40.94
N LEU C 379 -11.79 -3.09 41.90
CA LEU C 379 -11.39 -3.20 43.30
C LEU C 379 -12.26 -4.17 44.07
N SER C 380 -12.92 -5.10 43.37
CA SER C 380 -13.84 -6.02 44.02
C SER C 380 -13.15 -7.04 44.92
N PHE C 381 -11.82 -7.11 44.93
CA PHE C 381 -11.14 -7.93 45.92
C PHE C 381 -11.22 -7.33 47.31
N PHE C 382 -11.47 -6.03 47.43
CA PHE C 382 -11.72 -5.43 48.73
C PHE C 382 -13.15 -5.78 49.12
N ARG C 383 -13.33 -6.97 49.69
CA ARG C 383 -14.65 -7.54 49.83
C ARG C 383 -15.40 -6.98 51.04
N LYS C 384 -14.69 -6.74 52.14
CA LYS C 384 -15.34 -6.36 53.40
C LYS C 384 -14.86 -5.01 53.91
N LEU C 385 -14.32 -4.15 53.03
CA LEU C 385 -13.86 -2.84 53.48
C LEU C 385 -15.06 -1.93 53.71
N ARG C 386 -15.09 -1.28 54.87
CA ARG C 386 -16.22 -0.47 55.30
C ARG C 386 -15.83 0.95 55.69
N LEU C 387 -14.72 1.12 56.39
CA LEU C 387 -14.40 2.38 57.05
C LEU C 387 -12.99 2.80 56.69
N ILE C 388 -12.82 4.04 56.26
CA ILE C 388 -11.50 4.63 56.08
C ILE C 388 -11.45 5.85 57.00
N ARG C 389 -10.71 5.72 58.11
CA ARG C 389 -10.67 6.82 59.07
C ARG C 389 -9.80 7.95 58.57
N GLY C 390 -8.54 7.68 58.31
CA GLY C 390 -7.64 8.72 57.85
C GLY C 390 -7.05 9.54 58.99
N GLU C 391 -6.41 8.85 59.94
CA GLU C 391 -5.65 9.56 60.96
C GLU C 391 -4.39 10.17 60.38
N THR C 392 -3.65 9.39 59.59
CA THR C 392 -2.55 9.92 58.80
C THR C 392 -3.00 10.07 57.35
N LEU C 393 -2.61 11.17 56.71
CA LEU C 393 -3.02 11.49 55.36
C LEU C 393 -1.82 11.66 54.46
N GLU C 394 -2.11 11.95 53.20
CA GLU C 394 -1.11 12.10 52.16
C GLU C 394 -0.71 13.57 52.05
N ILE C 395 0.17 13.89 51.10
CA ILE C 395 0.60 15.27 50.87
C ILE C 395 -0.53 16.03 50.19
N GLY C 396 -1.24 16.83 50.96
CA GLY C 396 -2.39 17.56 50.48
C GLY C 396 -3.73 17.14 51.05
N ASN C 397 -3.73 16.38 52.15
CA ASN C 397 -4.92 15.90 52.87
C ASN C 397 -5.82 15.06 51.96
N TYR C 398 -5.26 13.94 51.52
CA TYR C 398 -5.97 13.00 50.66
C TYR C 398 -6.16 11.68 51.39
N SER C 399 -7.21 10.95 51.01
CA SER C 399 -7.48 9.64 51.59
C SER C 399 -7.73 8.56 50.56
N PHE C 400 -8.24 8.91 49.39
CA PHE C 400 -8.36 7.98 48.27
C PHE C 400 -7.66 8.61 47.08
N TYR C 401 -6.64 7.93 46.56
CA TYR C 401 -5.72 8.55 45.60
C TYR C 401 -5.45 7.54 44.50
N ALA C 402 -6.11 7.71 43.35
CA ALA C 402 -5.88 6.86 42.20
C ALA C 402 -5.16 7.66 41.12
N LEU C 403 -4.03 7.14 40.65
CA LEU C 403 -3.18 7.89 39.73
C LEU C 403 -2.57 6.94 38.71
N ASP C 404 -2.92 7.14 37.43
CA ASP C 404 -2.35 6.44 36.28
C ASP C 404 -2.59 4.93 36.37
N ASN C 405 -3.87 4.55 36.38
CA ASN C 405 -4.29 3.16 36.27
C ASN C 405 -4.82 2.95 34.85
N GLN C 406 -4.13 2.11 34.09
CA GLN C 406 -4.45 1.99 32.67
C GLN C 406 -5.69 1.15 32.39
N ASN C 407 -6.19 0.39 33.38
CA ASN C 407 -7.31 -0.49 33.08
C ASN C 407 -8.39 -0.50 34.15
N LEU C 408 -8.46 0.51 35.02
CA LEU C 408 -9.49 0.52 36.06
C LEU C 408 -10.84 0.87 35.44
N ARG C 409 -11.88 0.13 35.82
CA ARG C 409 -13.20 0.31 35.23
C ARG C 409 -14.34 0.38 36.23
N GLN C 410 -14.18 -0.13 37.45
CA GLN C 410 -15.29 -0.27 38.38
C GLN C 410 -14.73 -0.28 39.78
N LEU C 411 -15.16 0.65 40.62
CA LEU C 411 -14.62 0.73 41.98
C LEU C 411 -15.26 -0.32 42.87
N TRP C 412 -16.59 -0.33 42.93
CA TRP C 412 -17.31 -1.34 43.68
C TRP C 412 -18.63 -1.58 42.96
N ASP C 413 -19.57 -2.25 43.63
CA ASP C 413 -20.93 -2.39 43.13
C ASP C 413 -21.82 -1.66 44.13
N TRP C 414 -22.22 -0.45 43.80
CA TRP C 414 -22.84 0.45 44.75
C TRP C 414 -24.29 0.10 45.09
N SER C 415 -24.85 -0.94 44.46
CA SER C 415 -26.17 -1.43 44.87
C SER C 415 -26.10 -2.31 46.10
N LYS C 416 -24.95 -2.93 46.38
CA LYS C 416 -24.80 -3.84 47.51
C LYS C 416 -23.48 -3.61 48.23
N HIS C 417 -23.12 -2.34 48.46
CA HIS C 417 -21.90 -2.04 49.19
C HIS C 417 -22.05 -0.73 49.94
N ASN C 418 -21.24 -0.57 50.98
CA ASN C 418 -21.21 0.63 51.79
C ASN C 418 -19.77 0.98 52.10
N LEU C 419 -19.48 2.28 52.17
CA LEU C 419 -18.13 2.75 52.44
C LEU C 419 -18.23 4.17 52.98
N THR C 420 -17.52 4.44 54.06
CA THR C 420 -17.49 5.76 54.68
C THR C 420 -16.04 6.20 54.88
N THR C 421 -15.66 7.30 54.23
CA THR C 421 -14.41 7.98 54.54
C THR C 421 -14.73 9.11 55.51
N THR C 422 -14.04 9.13 56.65
CA THR C 422 -14.35 10.10 57.69
C THR C 422 -13.89 11.49 57.31
N GLN C 423 -12.62 11.64 56.95
CA GLN C 423 -12.07 12.94 56.58
C GLN C 423 -11.20 12.77 55.34
N GLY C 424 -10.57 13.87 54.93
CA GLY C 424 -9.76 13.86 53.73
C GLY C 424 -10.58 14.03 52.47
N LYS C 425 -9.87 14.26 51.37
CA LYS C 425 -10.47 14.55 50.08
C LYS C 425 -9.99 13.52 49.07
N LEU C 426 -10.89 13.06 48.21
CA LEU C 426 -10.49 12.05 47.24
C LEU C 426 -9.91 12.71 46.00
N PHE C 427 -9.18 11.92 45.21
CA PHE C 427 -8.32 12.40 44.13
C PHE C 427 -8.38 11.38 43.01
N PHE C 428 -8.49 11.84 41.77
CA PHE C 428 -8.61 10.93 40.63
C PHE C 428 -8.01 11.60 39.40
N HIS C 429 -6.85 11.12 38.96
CA HIS C 429 -6.21 11.59 37.74
C HIS C 429 -5.72 10.43 36.90
N TYR C 430 -5.88 10.55 35.58
CA TYR C 430 -5.34 9.63 34.57
C TYR C 430 -5.87 8.21 34.74
N ASN C 431 -7.18 8.05 34.74
CA ASN C 431 -7.75 6.71 34.81
C ASN C 431 -8.51 6.41 33.53
N PRO C 432 -7.85 6.31 32.39
CA PRO C 432 -8.56 6.48 31.12
C PRO C 432 -9.36 5.27 30.64
N LYS C 433 -10.02 4.56 31.56
CA LYS C 433 -11.08 3.60 31.22
C LYS C 433 -12.23 3.72 32.21
N LEU C 434 -12.13 4.67 33.15
CA LEU C 434 -13.03 4.77 34.28
C LEU C 434 -14.08 5.84 33.96
N CYS C 435 -15.35 5.45 33.99
CA CYS C 435 -16.44 6.37 33.71
C CYS C 435 -16.54 7.46 34.78
N LEU C 436 -17.09 8.61 34.39
CA LEU C 436 -17.31 9.68 35.35
C LEU C 436 -18.46 9.39 36.30
N SER C 437 -19.29 8.38 36.03
CA SER C 437 -20.39 8.10 36.93
C SER C 437 -19.94 7.40 38.19
N GLU C 438 -18.82 6.66 38.13
CA GLU C 438 -18.38 5.87 39.28
C GLU C 438 -17.89 6.75 40.43
N ILE C 439 -17.08 7.77 40.12
CA ILE C 439 -16.56 8.61 41.18
C ILE C 439 -17.64 9.52 41.75
N HIS C 440 -18.63 9.90 40.93
CA HIS C 440 -19.73 10.71 41.45
C HIS C 440 -20.69 9.86 42.28
N LYS C 441 -20.87 8.59 41.93
CA LYS C 441 -21.63 7.69 42.78
C LYS C 441 -20.91 7.42 44.08
N MET C 442 -19.57 7.39 44.06
CA MET C 442 -18.81 7.26 45.31
C MET C 442 -18.95 8.49 46.18
N GLU C 443 -18.94 9.68 45.58
CA GLU C 443 -19.16 10.90 46.34
C GLU C 443 -20.58 10.97 46.90
N GLU C 444 -21.55 10.38 46.20
CA GLU C 444 -22.91 10.33 46.73
C GLU C 444 -23.05 9.34 47.87
N VAL C 445 -22.45 8.15 47.72
CA VAL C 445 -22.63 7.08 48.70
C VAL C 445 -21.82 7.34 49.96
N SER C 446 -20.55 7.70 49.82
CA SER C 446 -19.66 7.85 50.96
C SER C 446 -19.93 9.14 51.72
N GLY C 447 -19.10 9.41 52.72
CA GLY C 447 -19.32 10.56 53.58
C GLY C 447 -18.90 11.88 52.97
N THR C 448 -17.90 11.87 52.10
CA THR C 448 -17.41 13.11 51.50
C THR C 448 -18.32 13.52 50.34
N LYS C 449 -18.86 14.72 50.42
CA LYS C 449 -19.77 15.23 49.40
C LYS C 449 -19.32 16.56 48.83
N GLY C 450 -18.87 17.49 49.66
CA GLY C 450 -18.49 18.81 49.19
C GLY C 450 -17.06 19.19 49.47
N ARG C 451 -16.25 18.24 49.94
CA ARG C 451 -14.86 18.50 50.30
C ARG C 451 -13.97 18.32 49.07
N GLN C 452 -14.19 19.17 48.07
CA GLN C 452 -13.40 19.20 46.86
C GLN C 452 -12.91 20.62 46.60
N GLU C 453 -11.87 20.72 45.77
CA GLU C 453 -11.45 22.00 45.22
C GLU C 453 -11.28 21.82 43.73
N ARG C 454 -11.70 22.81 42.95
CA ARG C 454 -11.64 22.74 41.50
C ARG C 454 -10.26 23.21 41.03
N ASN C 455 -9.49 22.32 40.40
CA ASN C 455 -9.88 20.94 40.08
C ASN C 455 -9.08 19.89 40.83
N ASP C 456 -9.78 19.01 41.54
CA ASP C 456 -9.17 17.86 42.17
C ASP C 456 -9.46 16.55 41.46
N ILE C 457 -10.74 16.18 41.30
CA ILE C 457 -11.10 15.09 40.41
C ILE C 457 -11.08 15.62 38.98
N ALA C 458 -10.16 15.11 38.18
CA ALA C 458 -9.96 15.61 36.83
C ALA C 458 -11.12 15.18 35.94
N LEU C 459 -11.94 16.15 35.56
CA LEU C 459 -13.13 15.86 34.76
C LEU C 459 -12.81 15.59 33.29
N LYS C 460 -11.60 15.92 32.84
CA LYS C 460 -11.24 15.76 31.43
C LYS C 460 -10.45 14.49 31.15
N THR C 461 -9.60 14.05 32.07
CA THR C 461 -8.67 12.96 31.79
C THR C 461 -9.19 11.59 32.18
N ASN C 462 -10.41 11.48 32.69
CA ASN C 462 -11.01 10.18 32.98
C ASN C 462 -12.03 9.82 31.92
N GLY C 463 -12.08 8.53 31.58
CA GLY C 463 -13.12 8.04 30.69
C GLY C 463 -13.00 8.47 29.25
N ASP C 464 -11.84 8.96 28.82
CA ASP C 464 -11.70 9.39 27.43
C ASP C 464 -11.54 8.23 26.47
N LYS C 465 -11.25 7.02 26.95
CA LYS C 465 -11.19 5.83 26.13
C LYS C 465 -12.28 4.82 26.49
N ALA C 466 -13.40 5.32 27.01
CA ALA C 466 -14.54 4.47 27.35
C ALA C 466 -15.79 5.31 27.16
N SER C 467 -16.55 5.04 26.10
CA SER C 467 -17.79 5.75 25.87
C SER C 467 -18.81 5.34 26.93
N CYS C 468 -19.29 6.32 27.70
CA CYS C 468 -20.06 6.01 28.90
C CYS C 468 -21.17 7.05 29.02
N GLU C 469 -22.36 6.67 28.58
CA GLU C 469 -23.57 7.47 28.71
C GLU C 469 -24.69 6.59 29.21
N ASN C 470 -25.82 7.21 29.58
CA ASN C 470 -26.94 6.47 30.16
C ASN C 470 -28.24 6.61 29.38
N GLU C 471 -28.58 7.80 28.90
CA GLU C 471 -29.75 7.92 28.04
C GLU C 471 -29.43 7.38 26.64
N LEU C 472 -30.47 7.26 25.81
CA LEU C 472 -30.29 6.71 24.48
C LEU C 472 -31.13 7.49 23.48
N LEU C 473 -30.66 7.48 22.23
CA LEU C 473 -31.36 8.09 21.11
C LEU C 473 -31.95 7.00 20.24
N LYS C 474 -33.02 7.34 19.53
CA LYS C 474 -33.66 6.41 18.62
C LYS C 474 -33.78 7.05 17.23
N PHE C 475 -33.61 6.23 16.20
CA PHE C 475 -33.76 6.69 14.84
C PHE C 475 -35.23 6.65 14.44
N SER C 476 -35.68 7.69 13.73
CA SER C 476 -37.09 7.82 13.40
C SER C 476 -37.41 7.52 11.95
N TYR C 477 -36.47 7.69 11.03
CA TYR C 477 -36.76 7.52 9.61
C TYR C 477 -35.45 7.23 8.89
N ILE C 478 -35.30 6.01 8.38
CA ILE C 478 -34.09 5.59 7.68
C ILE C 478 -34.48 5.26 6.24
N ARG C 479 -34.09 6.13 5.32
CA ARG C 479 -34.30 5.93 3.89
C ARG C 479 -33.02 5.40 3.27
N THR C 480 -33.17 4.54 2.27
CA THR C 480 -32.01 3.86 1.69
C THR C 480 -32.06 3.95 0.18
N SER C 481 -30.91 4.24 -0.43
CA SER C 481 -30.78 4.23 -1.88
C SER C 481 -29.57 3.41 -2.27
N PHE C 482 -29.19 3.43 -3.56
CA PHE C 482 -28.09 2.59 -4.01
C PHE C 482 -26.73 3.21 -3.77
N ASP C 483 -26.65 4.52 -3.59
CA ASP C 483 -25.37 5.19 -3.41
C ASP C 483 -25.32 5.99 -2.11
N LYS C 484 -26.41 6.69 -1.78
CA LYS C 484 -26.46 7.53 -0.60
C LYS C 484 -27.47 6.95 0.40
N ILE C 485 -27.28 7.29 1.67
CA ILE C 485 -28.15 6.78 2.72
C ILE C 485 -28.55 7.92 3.65
N LEU C 486 -29.84 7.96 3.99
CA LEU C 486 -30.45 9.08 4.70
C LEU C 486 -30.70 8.69 6.15
N LEU C 487 -30.46 9.62 7.08
CA LEU C 487 -30.67 9.34 8.50
C LEU C 487 -31.36 10.52 9.14
N ARG C 488 -32.19 10.21 10.14
CA ARG C 488 -32.93 11.21 10.90
C ARG C 488 -33.34 10.58 12.23
N TRP C 489 -32.89 11.16 13.33
CA TRP C 489 -33.18 10.59 14.64
C TRP C 489 -33.98 11.58 15.49
N GLU C 490 -34.20 11.22 16.73
CA GLU C 490 -35.04 11.94 17.67
C GLU C 490 -34.23 13.04 18.36
N PRO C 491 -34.86 14.15 18.72
CA PRO C 491 -34.09 15.26 19.31
C PRO C 491 -33.69 14.96 20.74
N TYR C 492 -32.61 15.62 21.17
CA TYR C 492 -32.11 15.49 22.52
C TYR C 492 -31.66 16.85 23.01
N TRP C 493 -31.96 17.14 24.28
CA TRP C 493 -31.56 18.40 24.90
C TRP C 493 -31.21 18.13 26.35
N PRO C 494 -30.04 18.58 26.81
CA PRO C 494 -29.73 18.55 28.24
C PRO C 494 -30.60 19.55 28.99
N PRO C 495 -30.69 19.46 30.33
CA PRO C 495 -31.50 20.43 31.09
C PRO C 495 -31.03 21.87 30.99
N ASP C 496 -29.77 22.11 30.66
CA ASP C 496 -29.29 23.44 30.28
C ASP C 496 -28.93 23.36 28.80
N PHE C 497 -29.81 23.91 27.95
CA PHE C 497 -29.71 23.70 26.51
C PHE C 497 -28.54 24.44 25.86
N ARG C 498 -27.85 25.31 26.59
CA ARG C 498 -26.62 25.93 26.11
C ARG C 498 -25.40 25.04 26.35
N ASP C 499 -25.58 23.82 26.83
CA ASP C 499 -24.49 22.88 27.04
C ASP C 499 -24.71 21.71 26.09
N LEU C 500 -24.27 21.89 24.84
CA LEU C 500 -24.36 20.87 23.80
C LEU C 500 -23.47 21.34 22.66
N LEU C 501 -22.55 20.48 22.23
CA LEU C 501 -21.62 20.84 21.17
C LEU C 501 -21.89 20.12 19.86
N GLY C 502 -22.88 19.23 19.81
CA GLY C 502 -23.24 18.57 18.58
C GLY C 502 -23.10 17.07 18.67
N PHE C 503 -23.58 16.42 17.62
CA PHE C 503 -23.58 14.97 17.55
C PHE C 503 -22.37 14.48 16.77
N MET C 504 -22.08 13.20 16.94
CA MET C 504 -21.10 12.49 16.15
C MET C 504 -21.76 11.25 15.60
N LEU C 505 -21.40 10.87 14.38
CA LEU C 505 -22.02 9.75 13.68
C LEU C 505 -20.92 8.83 13.21
N PHE C 506 -20.90 7.61 13.72
CA PHE C 506 -19.91 6.61 13.35
C PHE C 506 -20.55 5.62 12.39
N TYR C 507 -19.87 5.35 11.28
CA TYR C 507 -20.34 4.30 10.37
C TYR C 507 -19.16 3.50 9.87
N LYS C 508 -19.38 2.20 9.70
CA LYS C 508 -18.37 1.31 9.12
C LYS C 508 -19.09 0.24 8.34
N GLU C 509 -18.32 -0.55 7.59
CA GLU C 509 -18.89 -1.66 6.82
C GLU C 509 -18.52 -2.98 7.47
N ALA C 510 -19.51 -3.86 7.58
CA ALA C 510 -19.32 -5.17 8.19
C ALA C 510 -20.38 -6.14 7.65
N PRO C 511 -19.99 -7.16 6.90
CA PRO C 511 -20.98 -8.09 6.36
C PRO C 511 -21.56 -9.04 7.40
N TYR C 512 -20.89 -9.25 8.52
CA TYR C 512 -21.37 -10.13 9.57
C TYR C 512 -21.81 -9.31 10.78
N GLN C 513 -22.98 -9.66 11.33
CA GLN C 513 -23.66 -8.86 12.32
C GLN C 513 -23.14 -9.08 13.75
N ASN C 514 -21.98 -9.70 13.92
CA ASN C 514 -21.39 -9.87 15.25
C ASN C 514 -20.45 -8.72 15.58
N VAL C 515 -20.92 -7.49 15.44
CA VAL C 515 -20.12 -6.31 15.72
C VAL C 515 -20.32 -5.92 17.18
N THR C 516 -19.22 -5.77 17.91
CA THR C 516 -19.29 -5.40 19.31
C THR C 516 -19.60 -3.91 19.46
N GLU C 517 -20.13 -3.57 20.63
CA GLU C 517 -20.43 -2.18 20.96
C GLU C 517 -19.13 -1.39 21.08
N PHE C 518 -19.21 -0.08 20.81
CA PHE C 518 -18.05 0.79 20.80
C PHE C 518 -17.40 0.87 22.18
N ASP C 519 -16.07 0.75 22.21
CA ASP C 519 -15.33 0.55 23.44
C ASP C 519 -14.59 1.81 23.88
N GLY C 520 -14.88 2.96 23.27
CA GLY C 520 -14.24 4.21 23.60
C GLY C 520 -12.98 4.49 22.82
N GLN C 521 -12.16 3.46 22.56
CA GLN C 521 -10.94 3.60 21.78
C GLN C 521 -11.32 3.89 20.33
N ASP C 522 -11.01 5.10 19.87
CA ASP C 522 -11.23 5.46 18.47
C ASP C 522 -10.23 4.68 17.62
N ALA C 523 -10.71 3.63 16.96
CA ALA C 523 -9.87 2.79 16.11
C ALA C 523 -9.33 3.59 14.94
N CYS C 524 -8.07 3.35 14.62
CA CYS C 524 -7.39 4.17 13.63
C CYS C 524 -6.52 3.39 12.65
N GLY C 525 -6.14 2.15 12.96
CA GLY C 525 -5.20 1.43 12.13
C GLY C 525 -5.70 0.91 10.79
N SER C 526 -6.50 -0.15 10.82
CA SER C 526 -7.01 -0.74 9.58
C SER C 526 -8.52 -1.00 9.61
N ASN C 527 -9.05 -1.42 10.76
CA ASN C 527 -10.47 -1.71 10.91
C ASN C 527 -11.03 -0.65 11.86
N SER C 528 -11.71 0.35 11.29
CA SER C 528 -12.01 1.55 12.05
C SER C 528 -13.37 2.10 11.65
N TRP C 529 -14.02 2.72 12.62
CA TRP C 529 -15.22 3.51 12.32
C TRP C 529 -14.82 4.82 11.68
N THR C 530 -15.53 5.19 10.62
CA THR C 530 -15.39 6.54 10.09
C THR C 530 -16.38 7.45 10.79
N VAL C 531 -15.87 8.58 11.28
CA VAL C 531 -16.64 9.48 12.12
C VAL C 531 -16.90 10.78 11.37
N VAL C 532 -18.15 11.22 11.39
CA VAL C 532 -18.51 12.55 10.90
C VAL C 532 -19.17 13.31 12.04
N ASP C 533 -19.18 14.63 11.93
CA ASP C 533 -19.68 15.48 13.00
C ASP C 533 -20.87 16.29 12.52
N ILE C 534 -21.84 16.49 13.42
CA ILE C 534 -23.06 17.22 13.12
C ILE C 534 -23.17 18.37 14.11
N ASP C 535 -23.40 19.57 13.58
CA ASP C 535 -23.66 20.74 14.41
C ASP C 535 -25.00 20.59 15.12
N PRO C 536 -25.16 21.21 16.31
CA PRO C 536 -26.45 21.14 16.98
C PRO C 536 -27.49 21.97 16.24
N PRO C 537 -28.76 21.60 16.32
CA PRO C 537 -29.80 22.32 15.58
C PRO C 537 -30.15 23.63 16.28
N LEU C 538 -31.06 24.37 15.66
CA LEU C 538 -31.49 25.66 16.17
C LEU C 538 -32.66 25.49 17.14
N ARG C 539 -32.61 26.23 18.24
CA ARG C 539 -33.64 26.13 19.27
C ARG C 539 -34.95 26.72 18.77
N SER C 540 -36.02 25.92 18.81
CA SER C 540 -37.29 26.30 18.21
C SER C 540 -38.33 26.76 19.22
N ASN C 541 -38.03 26.72 20.52
CA ASN C 541 -38.87 27.23 21.61
C ASN C 541 -40.25 26.56 21.68
N ASP C 542 -40.40 25.35 21.14
CA ASP C 542 -41.69 24.68 21.08
C ASP C 542 -41.48 23.18 21.22
N PRO C 543 -42.46 22.46 21.81
CA PRO C 543 -42.35 20.99 21.91
C PRO C 543 -42.36 20.27 20.58
N LYS C 544 -43.38 20.48 19.76
CA LYS C 544 -43.50 19.78 18.49
C LYS C 544 -43.16 20.74 17.35
N SER C 545 -41.97 20.53 16.77
CA SER C 545 -41.46 21.35 15.69
C SER C 545 -40.48 20.51 14.88
N GLN C 546 -39.60 21.21 14.14
CA GLN C 546 -38.53 20.79 13.24
C GLN C 546 -37.23 20.21 14.03
N ASN C 547 -37.42 20.00 15.33
CA ASN C 547 -36.34 19.56 16.22
C ASN C 547 -35.63 18.27 15.81
N HIS C 548 -36.20 17.50 14.88
CA HIS C 548 -35.54 16.31 14.38
C HIS C 548 -34.34 16.71 13.53
N PRO C 549 -33.12 16.32 13.90
CA PRO C 549 -31.97 16.60 13.04
C PRO C 549 -31.76 15.49 12.04
N GLY C 550 -30.72 15.56 11.22
CA GLY C 550 -30.53 14.52 10.22
C GLY C 550 -29.17 14.59 9.58
N TRP C 551 -28.92 13.63 8.69
CA TRP C 551 -27.65 13.56 7.98
C TRP C 551 -27.84 12.73 6.72
N LEU C 552 -26.93 12.91 5.76
CA LEU C 552 -27.01 12.23 4.47
C LEU C 552 -25.61 11.78 4.10
N MET C 553 -25.36 10.47 4.14
CA MET C 553 -24.05 9.95 3.77
C MET C 553 -23.99 9.70 2.27
N ARG C 554 -22.95 10.20 1.60
CA ARG C 554 -22.88 10.07 0.15
C ARG C 554 -21.93 9.10 -0.55
N GLY C 555 -20.75 8.85 0.00
CA GLY C 555 -19.84 7.97 -0.72
C GLY C 555 -19.86 6.51 -0.31
N LEU C 556 -20.91 5.79 -0.69
CA LEU C 556 -21.10 4.40 -0.29
C LEU C 556 -21.25 3.51 -1.51
N LYS C 557 -20.66 2.31 -1.43
CA LYS C 557 -20.76 1.36 -2.52
C LYS C 557 -22.04 0.53 -2.37
N PRO C 558 -22.66 0.16 -3.49
CA PRO C 558 -23.95 -0.54 -3.42
C PRO C 558 -23.82 -1.99 -3.00
N TRP C 559 -24.90 -2.48 -2.36
CA TRP C 559 -25.09 -3.87 -1.93
C TRP C 559 -23.99 -4.31 -0.96
N THR C 560 -23.99 -3.67 0.20
CA THR C 560 -23.15 -4.08 1.32
C THR C 560 -23.77 -3.59 2.61
N GLN C 561 -23.46 -4.30 3.70
CA GLN C 561 -24.04 -4.05 5.01
C GLN C 561 -23.24 -2.98 5.74
N TYR C 562 -23.92 -1.94 6.22
CA TYR C 562 -23.29 -0.87 6.98
C TYR C 562 -23.81 -0.87 8.41
N ALA C 563 -22.90 -0.69 9.35
CA ALA C 563 -23.22 -0.59 10.77
C ALA C 563 -23.00 0.85 11.20
N ILE C 564 -24.07 1.49 11.66
CA ILE C 564 -24.06 2.91 12.00
C ILE C 564 -24.57 3.10 13.41
N PHE C 565 -24.09 4.16 14.08
CA PHE C 565 -24.69 4.63 15.33
C PHE C 565 -24.29 6.08 15.57
N VAL C 566 -24.98 6.71 16.52
CA VAL C 566 -24.88 8.14 16.76
C VAL C 566 -24.54 8.36 18.23
N LYS C 567 -24.02 9.55 18.55
CA LYS C 567 -23.54 9.86 19.88
C LYS C 567 -23.62 11.37 20.05
N THR C 568 -23.67 11.84 21.30
CA THR C 568 -23.67 13.26 21.58
C THR C 568 -22.32 13.72 22.09
N LEU C 569 -22.13 15.04 22.15
CA LEU C 569 -20.90 15.62 22.68
C LEU C 569 -21.24 16.86 23.50
N VAL C 570 -21.08 16.76 24.82
CA VAL C 570 -21.43 17.84 25.74
C VAL C 570 -20.19 18.22 26.52
N THR C 571 -20.26 19.36 27.22
CA THR C 571 -19.17 19.82 28.07
C THR C 571 -19.49 19.53 29.53
N PHE C 572 -18.57 18.89 30.23
CA PHE C 572 -18.78 18.59 31.64
C PHE C 572 -18.51 19.82 32.50
N SER C 573 -19.06 19.80 33.71
CA SER C 573 -18.94 20.92 34.64
C SER C 573 -19.15 20.39 36.05
N ASP C 574 -19.36 21.31 37.00
CA ASP C 574 -19.50 20.93 38.40
C ASP C 574 -20.81 20.19 38.68
N GLU C 575 -21.86 20.49 37.93
CA GLU C 575 -23.13 19.80 38.12
C GLU C 575 -23.03 18.37 37.61
N ARG C 576 -23.52 17.42 38.41
CA ARG C 576 -23.44 16.00 38.08
C ARG C 576 -24.58 15.62 37.12
N ARG C 577 -24.50 16.19 35.92
CA ARG C 577 -25.50 15.99 34.88
C ARG C 577 -24.80 16.27 33.55
N THR C 578 -25.56 16.16 32.46
CA THR C 578 -25.08 16.24 31.08
C THR C 578 -23.96 15.23 30.84
N TYR C 579 -24.31 13.95 30.94
CA TYR C 579 -23.39 12.91 30.53
C TYR C 579 -23.47 12.68 29.03
N GLY C 580 -24.67 12.81 28.47
CA GLY C 580 -24.90 12.60 27.06
C GLY C 580 -25.80 11.42 26.82
N ALA C 581 -25.90 11.03 25.56
CA ALA C 581 -26.72 9.89 25.19
C ALA C 581 -26.10 9.22 23.97
N LYS C 582 -26.36 7.92 23.83
CA LYS C 582 -25.72 7.13 22.79
C LYS C 582 -26.71 6.07 22.33
N SER C 583 -26.98 6.04 21.03
CA SER C 583 -27.88 5.04 20.49
C SER C 583 -27.18 3.69 20.37
N ASP C 584 -27.98 2.65 20.25
CA ASP C 584 -27.43 1.34 19.91
C ASP C 584 -27.14 1.28 18.41
N ILE C 585 -26.23 0.38 18.04
CA ILE C 585 -25.84 0.28 16.64
C ILE C 585 -26.95 -0.41 15.85
N ILE C 586 -27.09 -0.01 14.59
CA ILE C 586 -28.04 -0.66 13.69
C ILE C 586 -27.35 -0.98 12.38
N TYR C 587 -27.96 -1.88 11.62
CA TYR C 587 -27.38 -2.37 10.36
C TYR C 587 -28.36 -2.08 9.23
N VAL C 588 -27.92 -1.27 8.27
CA VAL C 588 -28.70 -1.00 7.07
C VAL C 588 -27.84 -1.35 5.87
N GLN C 589 -28.43 -1.98 4.85
CA GLN C 589 -27.71 -2.28 3.63
C GLN C 589 -28.34 -1.54 2.45
N THR C 590 -27.49 -1.14 1.50
CA THR C 590 -27.92 -0.33 0.38
C THR C 590 -28.57 -1.21 -0.69
N ASP C 591 -28.90 -0.60 -1.82
CA ASP C 591 -29.60 -1.29 -2.90
C ASP C 591 -28.59 -1.91 -3.88
N ALA C 592 -29.08 -2.36 -5.02
CA ALA C 592 -28.25 -2.96 -6.06
C ALA C 592 -28.33 -2.14 -7.33
N THR C 593 -27.26 -2.21 -8.13
CA THR C 593 -27.16 -1.44 -9.36
C THR C 593 -26.93 -2.36 -10.55
N ASN C 594 -26.67 -1.77 -11.71
CA ASN C 594 -26.21 -2.56 -12.85
C ASN C 594 -24.77 -3.01 -12.59
N PRO C 595 -24.43 -4.26 -12.91
CA PRO C 595 -23.10 -4.78 -12.60
C PRO C 595 -22.04 -4.25 -13.54
N SER C 596 -20.82 -4.74 -13.36
CA SER C 596 -19.68 -4.28 -14.13
C SER C 596 -19.50 -5.13 -15.38
N VAL C 597 -18.38 -4.95 -16.07
CA VAL C 597 -18.11 -5.65 -17.32
C VAL C 597 -17.44 -6.98 -16.99
N PRO C 598 -17.80 -8.08 -17.67
CA PRO C 598 -17.06 -9.33 -17.51
C PRO C 598 -15.60 -9.19 -17.93
N LEU C 599 -14.71 -9.75 -17.12
CA LEU C 599 -13.29 -9.44 -17.17
C LEU C 599 -12.52 -10.62 -17.79
N ASP C 600 -11.53 -10.28 -18.62
CA ASP C 600 -10.51 -11.13 -19.23
C ASP C 600 -11.17 -12.24 -20.06
N PRO C 601 -11.77 -11.93 -21.21
CA PRO C 601 -12.35 -13.02 -22.03
C PRO C 601 -11.36 -13.59 -23.04
N ILE C 602 -11.11 -14.90 -22.98
CA ILE C 602 -10.21 -15.58 -23.91
C ILE C 602 -11.01 -16.59 -24.72
N SER C 603 -10.73 -16.66 -26.01
CA SER C 603 -11.33 -17.63 -26.93
C SER C 603 -10.22 -18.50 -27.50
N VAL C 604 -10.37 -19.82 -27.33
CA VAL C 604 -9.36 -20.78 -27.72
C VAL C 604 -9.96 -21.76 -28.73
N SER C 605 -9.37 -21.85 -29.91
CA SER C 605 -9.82 -22.74 -30.96
C SER C 605 -9.02 -24.03 -30.93
N ASN C 606 -9.70 -25.16 -31.02
CA ASN C 606 -9.05 -26.46 -31.03
C ASN C 606 -9.39 -27.31 -32.25
N SER C 607 -10.63 -27.24 -32.74
CA SER C 607 -11.04 -28.05 -33.88
C SER C 607 -11.87 -27.24 -34.86
N SER C 608 -12.49 -27.91 -35.83
CA SER C 608 -13.27 -27.25 -36.86
C SER C 608 -14.70 -26.97 -36.44
N SER C 609 -15.13 -27.44 -35.27
CA SER C 609 -16.47 -27.15 -34.78
C SER C 609 -16.52 -26.65 -33.34
N GLN C 610 -15.56 -27.01 -32.50
CA GLN C 610 -15.58 -26.63 -31.09
C GLN C 610 -14.89 -25.28 -30.91
N ILE C 611 -15.53 -24.39 -30.16
CA ILE C 611 -14.89 -23.17 -29.68
C ILE C 611 -15.21 -23.02 -28.20
N ILE C 612 -14.17 -22.89 -27.38
CA ILE C 612 -14.32 -22.76 -25.93
C ILE C 612 -14.02 -21.32 -25.56
N LEU C 613 -14.62 -20.86 -24.48
CA LEU C 613 -14.39 -19.47 -24.04
C LEU C 613 -14.58 -19.35 -22.54
N LYS C 614 -13.64 -18.67 -21.89
CA LYS C 614 -13.66 -18.50 -20.45
C LYS C 614 -13.51 -17.02 -20.11
N TRP C 615 -13.89 -16.67 -18.88
CA TRP C 615 -13.77 -15.31 -18.39
C TRP C 615 -13.67 -15.37 -16.86
N LYS C 616 -13.77 -14.21 -16.22
CA LYS C 616 -13.78 -14.09 -14.78
C LYS C 616 -14.99 -13.27 -14.37
N PRO C 617 -15.50 -13.47 -13.15
CA PRO C 617 -16.56 -12.59 -12.65
C PRO C 617 -16.07 -11.16 -12.50
N PRO C 618 -16.95 -10.17 -12.64
CA PRO C 618 -16.50 -8.78 -12.65
C PRO C 618 -16.00 -8.31 -11.30
N SER C 619 -15.27 -7.19 -11.33
CA SER C 619 -14.66 -6.66 -10.12
C SER C 619 -15.70 -6.07 -9.18
N ASP C 620 -16.73 -5.44 -9.74
CA ASP C 620 -17.81 -4.84 -8.95
C ASP C 620 -19.11 -5.54 -9.32
N PRO C 621 -19.47 -6.64 -8.65
CA PRO C 621 -20.70 -7.35 -9.04
C PRO C 621 -21.97 -6.60 -8.68
N ASN C 622 -21.98 -5.89 -7.55
CA ASN C 622 -23.12 -5.11 -7.05
C ASN C 622 -24.37 -5.97 -6.93
N GLY C 623 -24.27 -7.03 -6.15
CA GLY C 623 -25.34 -7.99 -5.98
C GLY C 623 -24.89 -9.41 -6.33
N ASN C 624 -25.75 -10.35 -5.96
CA ASN C 624 -25.54 -11.74 -6.34
C ASN C 624 -25.87 -11.88 -7.83
N ILE C 625 -24.89 -12.33 -8.61
CA ILE C 625 -25.05 -12.37 -10.06
C ILE C 625 -25.95 -13.54 -10.43
N THR C 626 -27.09 -13.22 -11.04
CA THR C 626 -28.06 -14.26 -11.39
C THR C 626 -27.55 -15.12 -12.54
N HIS C 627 -27.29 -14.51 -13.69
CA HIS C 627 -26.80 -15.28 -14.83
C HIS C 627 -26.04 -14.37 -15.78
N TYR C 628 -25.23 -15.00 -16.63
CA TYR C 628 -24.58 -14.28 -17.71
C TYR C 628 -25.44 -14.40 -18.96
N LEU C 629 -25.00 -13.77 -20.05
CA LEU C 629 -25.76 -13.80 -21.29
C LEU C 629 -24.79 -13.65 -22.44
N VAL C 630 -24.84 -14.60 -23.38
CA VAL C 630 -23.86 -14.69 -24.46
C VAL C 630 -24.60 -14.67 -25.79
N PHE C 631 -24.31 -13.68 -26.62
CA PHE C 631 -24.81 -13.61 -27.99
C PHE C 631 -23.65 -13.76 -28.95
N TRP C 632 -23.89 -14.41 -30.09
CA TRP C 632 -22.88 -14.50 -31.12
C TRP C 632 -23.51 -14.24 -32.50
N GLU C 633 -22.67 -13.79 -33.42
CA GLU C 633 -23.14 -13.41 -34.75
C GLU C 633 -22.08 -13.76 -35.78
N ARG C 634 -22.54 -14.31 -36.91
CA ARG C 634 -21.65 -14.76 -37.98
C ARG C 634 -21.25 -13.58 -38.85
N GLN C 635 -19.98 -13.18 -38.75
CA GLN C 635 -19.44 -12.20 -39.69
C GLN C 635 -19.09 -12.86 -41.00
N ALA C 636 -19.32 -12.15 -42.09
CA ALA C 636 -19.00 -12.64 -43.43
C ALA C 636 -17.66 -12.08 -43.87
N GLU C 637 -17.08 -12.74 -44.87
CA GLU C 637 -15.75 -12.35 -45.36
C GLU C 637 -15.86 -11.07 -46.19
N ASP C 638 -14.70 -10.48 -46.47
CA ASP C 638 -14.64 -9.21 -47.17
C ASP C 638 -14.91 -9.41 -48.65
N SER C 639 -15.84 -8.60 -49.19
CA SER C 639 -16.10 -8.61 -50.62
C SER C 639 -14.92 -8.09 -51.42
N GLU C 640 -14.06 -7.28 -50.79
CA GLU C 640 -12.81 -6.85 -51.39
C GLU C 640 -11.78 -7.98 -51.44
N LEU C 641 -12.06 -9.14 -50.85
CA LEU C 641 -11.29 -10.35 -51.08
C LEU C 641 -11.89 -11.20 -52.20
N PHE C 642 -12.81 -10.64 -52.98
CA PHE C 642 -13.51 -11.40 -54.01
C PHE C 642 -13.09 -11.05 -55.42
N GLU C 643 -12.53 -9.86 -55.66
CA GLU C 643 -12.32 -9.35 -57.01
C GLU C 643 -10.89 -8.84 -57.20
N LEU C 644 -9.91 -9.55 -56.68
CA LEU C 644 -8.51 -9.19 -56.86
C LEU C 644 -7.70 -10.39 -57.34
N ASP C 645 -6.71 -10.13 -58.19
CA ASP C 645 -5.80 -11.17 -58.67
C ASP C 645 -4.72 -11.37 -57.62
N TYR C 646 -4.61 -12.60 -57.12
CA TYR C 646 -3.85 -12.87 -55.90
C TYR C 646 -2.62 -13.76 -56.12
N CYS C 647 -1.87 -13.53 -57.19
CA CYS C 647 -0.45 -13.88 -57.21
C CYS C 647 0.40 -12.69 -57.64
N LEU C 648 -0.16 -11.49 -57.55
CA LEU C 648 0.57 -10.22 -57.54
C LEU C 648 1.06 -9.98 -56.11
N LYS C 649 1.51 -8.76 -55.81
CA LYS C 649 1.97 -8.43 -54.47
C LYS C 649 0.86 -8.56 -53.45
N GLY C 650 0.95 -9.57 -52.58
CA GLY C 650 -0.03 -9.78 -51.53
C GLY C 650 -0.72 -11.13 -51.55
N LEU C 651 -0.56 -11.90 -50.48
CA LEU C 651 -1.28 -13.16 -50.26
C LEU C 651 -1.80 -13.18 -48.83
N LYS C 652 -2.99 -13.72 -48.63
CA LYS C 652 -3.69 -13.64 -47.36
C LYS C 652 -3.63 -14.95 -46.60
N LEU C 653 -3.48 -14.86 -45.28
CA LEU C 653 -3.42 -16.03 -44.40
C LEU C 653 -3.89 -15.60 -43.01
N PRO C 654 -5.19 -15.66 -42.74
CA PRO C 654 -5.69 -15.31 -41.41
C PRO C 654 -5.45 -16.44 -40.42
N SER C 655 -5.73 -16.14 -39.15
CA SER C 655 -5.51 -17.08 -38.06
C SER C 655 -6.52 -18.22 -38.08
N CYS C 683 4.34 -5.39 3.51
CA CYS C 683 4.63 -3.95 3.55
C CYS C 683 3.98 -3.23 2.37
N SER C 684 3.69 -1.94 2.57
CA SER C 684 3.07 -1.13 1.53
C SER C 684 4.01 -0.78 0.40
N CYS C 685 5.33 -0.92 0.61
CA CYS C 685 6.43 -0.56 -0.30
C CYS C 685 6.28 0.89 -0.77
N PRO C 686 6.59 1.88 0.09
CA PRO C 686 6.36 3.28 -0.30
C PRO C 686 7.32 3.77 -1.38
N LYS C 687 6.79 3.99 -2.57
CA LYS C 687 7.56 4.51 -3.70
C LYS C 687 6.93 5.81 -4.20
N THR C 688 7.45 6.30 -5.32
CA THR C 688 6.89 7.49 -5.95
C THR C 688 5.59 7.14 -6.65
N ASP C 689 4.55 7.92 -6.36
CA ASP C 689 3.24 7.72 -6.96
C ASP C 689 2.99 8.58 -8.19
N SER C 690 4.06 8.88 -8.95
CA SER C 690 3.91 9.63 -10.20
C SER C 690 3.38 8.77 -11.34
N GLN C 691 3.25 7.46 -11.14
CA GLN C 691 2.69 6.54 -12.12
C GLN C 691 1.16 6.52 -12.12
N ILE C 692 0.51 7.46 -11.42
CA ILE C 692 -0.93 7.42 -11.24
C ILE C 692 -1.70 7.86 -12.48
N LEU C 693 -1.03 8.40 -13.50
CA LEU C 693 -1.76 9.01 -14.61
C LEU C 693 -2.36 7.97 -15.56
N LYS C 694 -1.71 6.80 -15.72
CA LYS C 694 -2.28 5.77 -16.58
C LYS C 694 -3.51 5.13 -15.92
N GLU C 695 -3.44 4.89 -14.62
CA GLU C 695 -4.62 4.46 -13.88
C GLU C 695 -5.66 5.56 -13.78
N LEU C 696 -5.26 6.83 -13.87
CA LEU C 696 -6.21 7.93 -13.95
C LEU C 696 -6.95 7.92 -15.28
N GLU C 697 -6.25 7.58 -16.37
CA GLU C 697 -6.88 7.39 -17.67
C GLU C 697 -7.90 6.25 -17.62
N GLU C 698 -7.50 5.10 -17.09
CA GLU C 698 -8.40 3.94 -17.02
C GLU C 698 -9.59 4.18 -16.09
N SER C 699 -9.35 4.72 -14.89
CA SER C 699 -10.43 5.04 -13.98
C SER C 699 -11.26 6.24 -14.45
N SER C 700 -10.69 7.11 -15.28
CA SER C 700 -11.48 8.18 -15.89
C SER C 700 -12.48 7.63 -16.89
N PHE C 701 -12.07 6.64 -17.69
CA PHE C 701 -13.05 6.02 -18.56
C PHE C 701 -14.03 5.12 -17.81
N ARG C 702 -13.61 4.56 -16.67
CA ARG C 702 -14.54 3.78 -15.85
C ARG C 702 -15.56 4.68 -15.16
N LYS C 703 -15.15 5.85 -14.69
CA LYS C 703 -16.15 6.78 -14.13
C LYS C 703 -16.95 7.45 -15.24
N THR C 704 -16.44 7.49 -16.47
CA THR C 704 -17.24 7.97 -17.59
C THR C 704 -18.30 6.95 -17.98
N PHE C 705 -18.02 5.66 -17.76
CA PHE C 705 -19.07 4.65 -17.77
C PHE C 705 -20.10 4.94 -16.68
N GLU C 706 -19.64 5.09 -15.44
CA GLU C 706 -20.55 5.05 -14.29
C GLU C 706 -21.41 6.31 -14.16
N ASP C 707 -20.82 7.50 -14.34
CA ASP C 707 -21.55 8.75 -14.16
C ASP C 707 -22.60 8.97 -15.26
N TYR C 708 -22.35 8.44 -16.46
CA TYR C 708 -23.32 8.52 -17.55
C TYR C 708 -24.28 7.34 -17.54
N LEU C 709 -23.93 6.25 -16.86
CA LEU C 709 -24.84 5.12 -16.71
C LEU C 709 -25.68 5.18 -15.44
N HIS C 710 -25.48 6.20 -14.60
CA HIS C 710 -26.53 6.53 -13.63
C HIS C 710 -27.83 6.97 -14.32
N ASN C 711 -27.72 7.59 -15.51
CA ASN C 711 -28.87 8.12 -16.22
C ASN C 711 -29.47 7.11 -17.19
N VAL C 712 -28.66 6.23 -17.76
CA VAL C 712 -29.09 5.29 -18.80
C VAL C 712 -29.16 3.91 -18.18
N VAL C 713 -30.20 3.15 -18.55
CA VAL C 713 -30.33 1.77 -18.10
C VAL C 713 -29.55 0.83 -19.02
N HIS C 756 -31.95 -15.47 -36.61
CA HIS C 756 -31.80 -14.50 -35.54
C HIS C 756 -30.54 -14.84 -34.74
N ARG C 757 -30.28 -14.10 -33.67
CA ARG C 757 -29.08 -14.32 -32.87
C ARG C 757 -29.24 -15.57 -32.02
N PRO C 758 -28.35 -16.55 -32.14
CA PRO C 758 -28.42 -17.72 -31.27
C PRO C 758 -27.71 -17.47 -29.95
N PHE C 759 -28.43 -17.70 -28.85
CA PHE C 759 -27.95 -17.33 -27.53
C PHE C 759 -28.29 -18.44 -26.55
N GLU C 760 -27.74 -18.32 -25.35
CA GLU C 760 -28.06 -19.24 -24.26
C GLU C 760 -27.89 -18.54 -22.93
N LYS C 761 -28.89 -18.68 -22.06
CA LYS C 761 -28.86 -18.11 -20.72
C LYS C 761 -27.99 -18.99 -19.83
N VAL C 762 -26.68 -18.77 -19.93
CA VAL C 762 -25.72 -19.55 -19.15
C VAL C 762 -25.82 -19.14 -17.68
N VAL C 763 -25.94 -20.13 -16.80
CA VAL C 763 -26.17 -19.91 -15.39
C VAL C 763 -25.18 -20.72 -14.56
N ASN C 764 -24.44 -20.03 -13.68
CA ASN C 764 -23.47 -20.59 -12.75
C ASN C 764 -22.38 -21.38 -13.50
N LYS C 765 -21.63 -20.66 -14.33
CA LYS C 765 -20.51 -21.22 -15.06
C LYS C 765 -19.41 -20.18 -15.17
N GLU C 766 -18.28 -20.62 -15.72
CA GLU C 766 -17.19 -19.72 -16.07
C GLU C 766 -16.62 -19.98 -17.45
N SER C 767 -16.94 -21.12 -18.07
CA SER C 767 -16.52 -21.42 -19.42
C SER C 767 -17.73 -21.88 -20.23
N LEU C 768 -17.57 -21.88 -21.55
CA LEU C 768 -18.66 -22.18 -22.44
C LEU C 768 -18.13 -22.84 -23.70
N VAL C 769 -18.82 -23.89 -24.15
CA VAL C 769 -18.47 -24.62 -25.36
C VAL C 769 -19.55 -24.36 -26.40
N ILE C 770 -19.13 -24.07 -27.63
CA ILE C 770 -20.04 -23.92 -28.76
C ILE C 770 -19.57 -24.89 -29.84
N SER C 771 -20.45 -25.82 -30.22
CA SER C 771 -20.15 -26.81 -31.24
C SER C 771 -21.18 -26.72 -32.36
N GLY C 772 -20.82 -27.30 -33.50
CA GLY C 772 -21.74 -27.41 -34.62
C GLY C 772 -22.00 -26.12 -35.36
N LEU C 773 -20.95 -25.56 -35.97
CA LEU C 773 -21.08 -24.37 -36.78
C LEU C 773 -20.18 -24.50 -38.00
N ARG C 774 -20.17 -23.47 -38.84
CA ARG C 774 -19.36 -23.50 -40.05
C ARG C 774 -17.87 -23.40 -39.71
N HIS C 775 -17.04 -23.97 -40.58
CA HIS C 775 -15.61 -24.08 -40.34
C HIS C 775 -14.86 -22.89 -40.93
N PHE C 776 -13.83 -22.45 -40.20
CA PHE C 776 -12.88 -21.37 -40.51
C PHE C 776 -13.52 -19.98 -40.59
N THR C 777 -14.81 -19.84 -40.35
CA THR C 777 -15.42 -18.52 -40.39
C THR C 777 -15.27 -17.82 -39.05
N GLY C 778 -15.46 -16.50 -39.07
CA GLY C 778 -15.27 -15.68 -37.89
C GLY C 778 -16.61 -15.28 -37.28
N TYR C 779 -16.67 -15.33 -35.96
CA TYR C 779 -17.85 -14.96 -35.20
C TYR C 779 -17.52 -13.85 -34.21
N ARG C 780 -18.37 -12.84 -34.16
CA ARG C 780 -18.28 -11.83 -33.10
C ARG C 780 -19.20 -12.27 -31.97
N ILE C 781 -18.64 -12.37 -30.77
CA ILE C 781 -19.36 -12.84 -29.60
C ILE C 781 -19.31 -11.74 -28.55
N GLU C 782 -20.40 -11.60 -27.79
CA GLU C 782 -20.45 -10.62 -26.73
C GLU C 782 -21.14 -11.24 -25.52
N LEU C 783 -20.63 -10.89 -24.35
CA LEU C 783 -21.12 -11.46 -23.11
C LEU C 783 -21.39 -10.35 -22.11
N GLN C 784 -22.45 -10.55 -21.32
CA GLN C 784 -22.85 -9.63 -20.26
C GLN C 784 -23.04 -10.42 -18.97
N ALA C 785 -22.71 -9.79 -17.84
CA ALA C 785 -23.15 -10.31 -16.56
C ALA C 785 -24.50 -9.72 -16.23
N CYS C 786 -25.27 -10.40 -15.37
CA CYS C 786 -26.62 -9.91 -15.13
C CYS C 786 -27.11 -10.36 -13.77
N ASN C 787 -27.64 -9.39 -13.01
CA ASN C 787 -28.29 -9.57 -11.71
C ASN C 787 -29.76 -9.93 -11.95
N GLN C 788 -30.59 -9.82 -10.89
CA GLN C 788 -31.99 -10.30 -10.87
C GLN C 788 -32.79 -10.01 -12.13
N ASP C 789 -33.56 -11.02 -12.54
CA ASP C 789 -33.92 -11.19 -13.94
C ASP C 789 -35.41 -11.06 -14.25
N THR C 790 -36.28 -11.79 -13.56
CA THR C 790 -37.65 -11.94 -14.06
C THR C 790 -38.53 -10.70 -13.87
N PRO C 791 -38.47 -9.93 -12.74
CA PRO C 791 -39.00 -8.56 -12.83
C PRO C 791 -37.92 -7.56 -13.24
N GLU C 792 -38.11 -6.91 -14.40
CA GLU C 792 -37.29 -5.79 -14.89
C GLU C 792 -35.82 -6.19 -15.03
N GLU C 793 -35.58 -7.04 -16.03
CA GLU C 793 -34.26 -7.52 -16.45
C GLU C 793 -33.25 -6.39 -16.59
N ARG C 794 -32.22 -6.40 -15.74
CA ARG C 794 -31.22 -5.33 -15.71
C ARG C 794 -29.83 -5.97 -15.75
N CYS C 795 -29.22 -5.98 -16.93
CA CYS C 795 -27.88 -6.51 -17.11
C CYS C 795 -26.93 -5.38 -17.47
N SER C 796 -25.63 -5.70 -17.49
CA SER C 796 -24.59 -4.70 -17.64
C SER C 796 -24.37 -4.35 -19.11
N VAL C 797 -23.29 -3.63 -19.37
CA VAL C 797 -22.84 -3.35 -20.73
C VAL C 797 -22.01 -4.54 -21.19
N ALA C 798 -22.00 -4.79 -22.50
CA ALA C 798 -21.48 -6.04 -23.04
C ALA C 798 -19.95 -6.01 -23.07
N ALA C 799 -19.37 -7.13 -23.50
CA ALA C 799 -17.95 -7.24 -23.78
C ALA C 799 -17.77 -8.10 -25.02
N TYR C 800 -16.91 -7.64 -25.94
CA TYR C 800 -16.85 -8.17 -27.29
C TYR C 800 -15.55 -8.92 -27.53
N VAL C 801 -15.64 -10.10 -28.14
CA VAL C 801 -14.49 -10.90 -28.58
C VAL C 801 -14.73 -11.33 -30.02
N SER C 802 -13.69 -11.26 -30.83
CA SER C 802 -13.69 -11.86 -32.16
C SER C 802 -13.05 -13.24 -32.09
N ALA C 803 -13.72 -14.23 -32.68
CA ALA C 803 -13.23 -15.60 -32.61
C ALA C 803 -13.21 -16.22 -33.99
N ARG C 804 -12.24 -17.09 -34.24
CA ARG C 804 -12.11 -17.80 -35.49
C ARG C 804 -11.76 -19.25 -35.22
N THR C 805 -12.53 -20.16 -35.81
CA THR C 805 -12.34 -21.59 -35.60
C THR C 805 -11.12 -22.08 -36.38
N MET C 806 -10.78 -23.36 -36.18
CA MET C 806 -9.61 -23.97 -36.83
C MET C 806 -10.01 -24.61 -38.16
N PRO C 807 -9.09 -24.61 -39.16
CA PRO C 807 -9.47 -25.08 -40.51
C PRO C 807 -9.74 -26.57 -40.61
N GLU C 808 -10.22 -27.00 -41.77
CA GLU C 808 -10.52 -28.40 -42.05
C GLU C 808 -9.55 -28.92 -43.11
N ALA C 809 -9.39 -30.24 -43.15
CA ALA C 809 -8.34 -30.84 -43.97
C ALA C 809 -8.77 -31.03 -45.42
N LYS C 810 -9.83 -31.77 -45.66
CA LYS C 810 -10.18 -32.17 -47.02
C LYS C 810 -11.21 -31.25 -47.68
N ALA C 811 -11.24 -29.96 -47.32
CA ALA C 811 -12.19 -29.06 -47.94
C ALA C 811 -11.77 -28.66 -49.35
N ASP C 812 -10.58 -28.10 -49.50
CA ASP C 812 -10.12 -27.53 -50.77
C ASP C 812 -9.52 -28.55 -51.73
N ASP C 813 -9.51 -29.83 -51.37
CA ASP C 813 -8.96 -30.85 -52.25
C ASP C 813 -9.99 -31.31 -53.25
N ILE C 814 -9.55 -31.52 -54.49
CA ILE C 814 -10.43 -31.86 -55.59
C ILE C 814 -10.18 -33.30 -56.01
N VAL C 815 -11.26 -34.04 -56.24
CA VAL C 815 -11.21 -35.40 -56.76
C VAL C 815 -11.94 -35.43 -58.10
N GLY C 816 -11.60 -36.41 -58.92
CA GLY C 816 -12.22 -36.57 -60.21
C GLY C 816 -11.23 -36.35 -61.34
N PRO C 817 -11.55 -36.88 -62.53
CA PRO C 817 -10.62 -36.76 -63.67
C PRO C 817 -10.72 -35.37 -64.32
N VAL C 818 -9.58 -34.69 -64.41
CA VAL C 818 -9.53 -33.44 -65.15
C VAL C 818 -9.49 -33.78 -66.64
N THR C 819 -10.06 -32.91 -67.47
CA THR C 819 -10.24 -33.23 -68.89
C THR C 819 -9.55 -32.19 -69.76
N HIS C 820 -8.71 -32.66 -70.68
CA HIS C 820 -7.94 -31.80 -71.56
C HIS C 820 -8.57 -31.79 -72.95
N GLU C 821 -8.78 -30.60 -73.48
CA GLU C 821 -9.35 -30.38 -74.81
C GLU C 821 -8.32 -29.75 -75.73
N ILE C 822 -8.33 -30.16 -76.99
CA ILE C 822 -7.31 -29.82 -77.96
C ILE C 822 -7.88 -28.82 -78.95
N PHE C 823 -7.26 -27.64 -79.01
CA PHE C 823 -7.53 -26.64 -80.04
C PHE C 823 -6.47 -26.71 -81.12
N GLU C 824 -6.80 -26.15 -82.29
CA GLU C 824 -5.90 -26.23 -83.44
C GLU C 824 -4.79 -25.18 -83.36
N ASN C 825 -5.01 -24.10 -82.60
CA ASN C 825 -4.06 -23.00 -82.49
C ASN C 825 -3.07 -23.20 -81.34
N ASN C 826 -2.79 -24.45 -80.96
CA ASN C 826 -1.99 -24.96 -79.84
C ASN C 826 -2.16 -24.17 -78.54
N VAL C 827 -3.40 -23.77 -78.25
CA VAL C 827 -3.78 -23.26 -76.93
C VAL C 827 -4.65 -24.30 -76.25
N VAL C 828 -4.07 -25.08 -75.34
CA VAL C 828 -4.72 -26.30 -74.88
C VAL C 828 -5.65 -25.98 -73.70
N HIS C 829 -6.89 -26.48 -73.77
CA HIS C 829 -7.88 -26.20 -72.74
C HIS C 829 -7.85 -27.27 -71.66
N LEU C 830 -8.10 -26.86 -70.41
CA LEU C 830 -8.15 -27.79 -69.28
C LEU C 830 -9.39 -27.51 -68.44
N MET C 831 -10.08 -28.59 -68.08
CA MET C 831 -11.30 -28.58 -67.28
C MET C 831 -11.06 -29.33 -65.97
N TRP C 832 -11.44 -28.71 -64.86
CA TRP C 832 -11.61 -29.42 -63.60
C TRP C 832 -12.85 -28.87 -62.90
N GLN C 833 -13.06 -29.35 -61.67
CA GLN C 833 -14.14 -28.86 -60.83
C GLN C 833 -13.57 -28.01 -59.71
N GLU C 834 -14.20 -26.89 -59.45
CA GLU C 834 -13.93 -26.17 -58.21
C GLU C 834 -14.47 -26.97 -57.04
N PRO C 835 -13.80 -26.96 -55.89
CA PRO C 835 -14.32 -27.68 -54.71
C PRO C 835 -15.64 -27.09 -54.24
N LYS C 836 -16.55 -27.97 -53.84
CA LYS C 836 -17.93 -27.56 -53.59
C LYS C 836 -18.06 -26.76 -52.30
N GLU C 837 -17.27 -27.09 -51.28
CA GLU C 837 -17.11 -26.23 -50.12
C GLU C 837 -15.63 -26.12 -49.76
N PRO C 838 -15.06 -24.93 -49.77
CA PRO C 838 -13.70 -24.73 -49.29
C PRO C 838 -13.68 -24.33 -47.83
N ASN C 839 -12.47 -24.25 -47.28
CA ASN C 839 -12.27 -23.66 -45.96
C ASN C 839 -12.18 -22.13 -46.11
N GLY C 840 -13.35 -21.53 -46.22
CA GLY C 840 -13.51 -20.10 -46.40
C GLY C 840 -13.65 -19.63 -47.84
N LEU C 841 -12.57 -19.62 -48.62
CA LEU C 841 -12.58 -18.99 -49.94
C LEU C 841 -11.39 -19.47 -50.74
N ILE C 842 -11.64 -20.10 -51.88
CA ILE C 842 -10.57 -20.52 -52.80
C ILE C 842 -10.03 -19.28 -53.49
N VAL C 843 -8.71 -19.09 -53.44
CA VAL C 843 -8.11 -17.85 -53.89
C VAL C 843 -7.17 -18.03 -55.08
N LEU C 844 -6.61 -19.23 -55.30
CA LEU C 844 -5.76 -19.42 -56.47
C LEU C 844 -5.77 -20.88 -56.89
N TYR C 845 -5.65 -21.12 -58.21
CA TYR C 845 -5.44 -22.46 -58.73
C TYR C 845 -4.04 -22.56 -59.30
N GLU C 846 -3.29 -23.60 -58.93
CA GLU C 846 -1.90 -23.76 -59.33
C GLU C 846 -1.79 -25.00 -60.21
N VAL C 847 -1.71 -24.79 -61.52
CA VAL C 847 -1.52 -25.86 -62.49
C VAL C 847 -0.02 -25.94 -62.78
N SER C 848 0.50 -27.16 -62.90
CA SER C 848 1.90 -27.37 -63.25
C SER C 848 1.99 -28.48 -64.29
N TYR C 849 2.92 -28.34 -65.22
CA TYR C 849 3.15 -29.38 -66.22
C TYR C 849 4.62 -29.78 -66.20
N ARG C 850 4.86 -31.03 -66.55
CA ARG C 850 6.13 -31.70 -66.34
C ARG C 850 6.47 -32.57 -67.54
N ARG C 851 7.75 -32.56 -67.91
CA ARG C 851 8.33 -33.50 -68.85
C ARG C 851 9.49 -34.22 -68.16
N TYR C 852 10.14 -35.12 -68.88
CA TYR C 852 11.26 -35.88 -68.34
C TYR C 852 12.56 -35.15 -68.63
N GLY C 853 13.25 -34.71 -67.57
CA GLY C 853 14.53 -34.04 -67.66
C GLY C 853 14.52 -32.62 -67.14
N ASP C 854 13.47 -31.85 -67.46
CA ASP C 854 13.31 -30.49 -66.98
C ASP C 854 12.58 -30.52 -65.64
N GLU C 855 12.56 -29.37 -64.98
CA GLU C 855 11.75 -29.23 -63.77
C GLU C 855 10.31 -28.93 -64.16
N GLU C 856 9.45 -28.73 -63.17
CA GLU C 856 8.06 -28.40 -63.41
C GLU C 856 7.91 -26.90 -63.62
N LEU C 857 7.11 -26.53 -64.61
CA LEU C 857 6.82 -25.13 -64.92
C LEU C 857 5.33 -24.90 -64.67
N HIS C 858 5.03 -23.92 -63.83
CA HIS C 858 3.68 -23.69 -63.33
C HIS C 858 3.12 -22.38 -63.86
N LEU C 859 1.87 -22.10 -63.50
CA LEU C 859 1.15 -20.96 -64.05
C LEU C 859 0.06 -20.51 -63.07
N CYS C 860 -0.01 -19.20 -62.84
CA CYS C 860 -1.08 -18.61 -62.05
C CYS C 860 -2.41 -18.68 -62.79
N VAL C 861 -3.48 -18.83 -62.02
CA VAL C 861 -4.85 -18.48 -62.46
C VAL C 861 -5.69 -18.17 -61.23
N SER C 862 -6.44 -17.08 -61.31
CA SER C 862 -7.33 -16.63 -60.25
C SER C 862 -8.78 -16.69 -60.73
N ARG C 863 -9.70 -16.13 -59.94
CA ARG C 863 -11.12 -16.38 -60.13
C ARG C 863 -11.65 -15.73 -61.41
N LYS C 864 -11.15 -14.53 -61.75
CA LYS C 864 -11.62 -13.85 -62.95
C LYS C 864 -11.16 -14.57 -64.20
N HIS C 865 -9.90 -14.98 -64.24
CA HIS C 865 -9.38 -15.71 -65.40
C HIS C 865 -10.00 -17.10 -65.48
N PHE C 866 -10.28 -17.72 -64.32
CA PHE C 866 -10.95 -19.02 -64.32
C PHE C 866 -12.38 -18.92 -64.84
N ALA C 867 -13.08 -17.85 -64.50
CA ALA C 867 -14.44 -17.66 -65.02
C ALA C 867 -14.42 -17.32 -66.51
N LEU C 868 -13.52 -16.43 -66.94
CA LEU C 868 -13.51 -16.00 -68.33
C LEU C 868 -12.81 -16.99 -69.26
N GLU C 869 -12.12 -18.00 -68.74
CA GLU C 869 -11.53 -19.02 -69.57
C GLU C 869 -12.16 -20.39 -69.41
N ARG C 870 -13.00 -20.58 -68.38
CA ARG C 870 -13.75 -21.82 -68.10
C ARG C 870 -12.79 -23.01 -67.94
N GLY C 871 -12.00 -22.92 -66.88
CA GLY C 871 -10.90 -23.85 -66.65
C GLY C 871 -9.57 -23.12 -66.66
N CYS C 872 -8.62 -23.66 -67.42
CA CYS C 872 -7.40 -22.91 -67.68
C CYS C 872 -6.87 -23.25 -69.06
N ARG C 873 -6.34 -22.24 -69.74
CA ARG C 873 -5.74 -22.44 -71.06
C ARG C 873 -4.22 -22.37 -70.95
N LEU C 874 -3.56 -23.18 -71.76
CA LEU C 874 -2.11 -23.20 -71.83
C LEU C 874 -1.68 -22.65 -73.17
N ARG C 875 -0.79 -21.66 -73.14
CA ARG C 875 -0.28 -20.97 -74.32
C ARG C 875 1.10 -21.49 -74.66
N GLY C 876 1.24 -22.09 -75.85
CA GLY C 876 2.54 -22.28 -76.49
C GLY C 876 3.57 -23.17 -75.82
N LEU C 877 3.32 -24.47 -75.77
CA LEU C 877 4.29 -25.43 -75.25
C LEU C 877 4.73 -26.39 -76.35
N SER C 878 5.87 -27.05 -76.10
CA SER C 878 6.48 -27.96 -77.06
C SER C 878 5.62 -29.22 -77.24
N PRO C 879 5.59 -29.78 -78.44
CA PRO C 879 4.76 -30.98 -78.67
C PRO C 879 5.33 -32.22 -77.99
N GLY C 880 4.43 -33.14 -77.67
CA GLY C 880 4.82 -34.35 -76.96
C GLY C 880 3.76 -34.87 -76.00
N ASN C 881 4.13 -35.08 -74.75
CA ASN C 881 3.24 -35.66 -73.75
C ASN C 881 3.63 -35.01 -72.43
N TYR C 882 2.83 -34.06 -71.95
CA TYR C 882 3.11 -33.37 -70.70
C TYR C 882 2.20 -33.86 -69.59
N SER C 883 2.79 -34.10 -68.42
CA SER C 883 2.07 -34.47 -67.22
C SER C 883 1.55 -33.19 -66.56
N VAL C 884 0.34 -33.27 -66.00
CA VAL C 884 -0.34 -32.12 -65.41
C VAL C 884 -0.67 -32.47 -63.97
N ARG C 885 -0.32 -31.57 -63.04
CA ARG C 885 -0.57 -31.73 -61.62
C ARG C 885 -1.13 -30.42 -61.08
N ILE C 886 -2.29 -30.50 -60.42
CA ILE C 886 -3.13 -29.34 -60.16
C ILE C 886 -3.39 -29.25 -58.65
N ARG C 887 -3.08 -28.10 -58.06
CA ARG C 887 -3.44 -27.78 -56.69
C ARG C 887 -4.42 -26.61 -56.65
N ALA C 888 -5.07 -26.46 -55.50
CA ALA C 888 -5.86 -25.28 -55.20
C ALA C 888 -5.44 -24.77 -53.83
N THR C 889 -5.24 -23.45 -53.72
CA THR C 889 -4.94 -22.85 -52.43
C THR C 889 -6.02 -21.83 -52.08
N SER C 890 -6.48 -21.91 -50.85
CA SER C 890 -7.46 -21.02 -50.28
C SER C 890 -6.75 -19.96 -49.45
N LEU C 891 -7.51 -19.16 -48.71
CA LEU C 891 -6.90 -18.22 -47.79
C LEU C 891 -6.42 -18.90 -46.50
N ALA C 892 -6.89 -20.12 -46.23
CA ALA C 892 -6.46 -20.85 -45.05
C ALA C 892 -5.09 -21.48 -45.21
N GLY C 893 -4.72 -21.87 -46.42
CA GLY C 893 -3.50 -22.62 -46.64
C GLY C 893 -3.41 -23.16 -48.06
N ASN C 894 -3.12 -24.45 -48.19
CA ASN C 894 -3.02 -25.11 -49.49
C ASN C 894 -3.84 -26.40 -49.48
N GLY C 895 -4.00 -26.98 -50.66
CA GLY C 895 -4.52 -28.32 -50.79
C GLY C 895 -3.47 -29.26 -51.37
N SER C 896 -3.87 -30.51 -51.49
CA SER C 896 -3.02 -31.50 -52.13
C SER C 896 -3.18 -31.45 -53.64
N TRP C 897 -2.35 -32.21 -54.33
CA TRP C 897 -2.36 -32.22 -55.79
C TRP C 897 -3.48 -33.12 -56.29
N THR C 898 -3.49 -33.39 -57.59
CA THR C 898 -4.33 -34.42 -58.18
C THR C 898 -3.44 -35.52 -58.74
N GLU C 899 -4.08 -36.52 -59.35
CA GLU C 899 -3.33 -37.51 -60.11
C GLU C 899 -2.70 -36.82 -61.32
N PRO C 900 -1.42 -37.06 -61.59
CA PRO C 900 -0.78 -36.41 -62.74
C PRO C 900 -1.29 -36.95 -64.07
N THR C 901 -2.09 -36.16 -64.77
CA THR C 901 -2.77 -36.60 -65.97
C THR C 901 -1.99 -36.17 -67.21
N TYR C 902 -1.97 -37.03 -68.21
CA TYR C 902 -1.18 -36.81 -69.42
C TYR C 902 -2.01 -36.14 -70.48
N PHE C 903 -1.53 -35.01 -71.01
CA PHE C 903 -2.10 -34.46 -72.23
C PHE C 903 -1.01 -34.46 -73.28
N TYR C 904 -1.36 -34.92 -74.48
CA TYR C 904 -0.38 -35.26 -75.50
C TYR C 904 -0.81 -34.71 -76.86
N VAL C 905 0.12 -34.07 -77.55
CA VAL C 905 -0.04 -33.71 -78.96
C VAL C 905 1.14 -34.28 -79.72
N THR C 906 0.88 -34.71 -80.96
CA THR C 906 1.87 -35.41 -81.77
C THR C 906 2.22 -34.61 -83.02
N ASP C 907 3.52 -34.45 -83.25
CA ASP C 907 4.00 -33.77 -84.46
C ASP C 907 5.40 -34.26 -84.82
N PRO D 4 -15.24 31.17 -43.44
CA PRO D 4 -16.29 30.97 -44.45
C PRO D 4 -17.63 30.62 -43.83
N GLY D 5 -17.65 30.46 -42.51
CA GLY D 5 -18.87 30.11 -41.81
C GLY D 5 -18.89 30.63 -40.39
N GLU D 6 -19.80 30.10 -39.57
CA GLU D 6 -19.92 30.55 -38.19
C GLU D 6 -18.93 29.81 -37.30
N VAL D 7 -18.71 30.37 -36.12
CA VAL D 7 -17.79 29.77 -35.16
C VAL D 7 -18.53 29.25 -33.93
N CYS D 8 -19.02 28.02 -34.01
CA CYS D 8 -19.75 27.41 -32.91
C CYS D 8 -18.84 27.10 -31.73
N PRO D 9 -19.43 26.75 -30.59
CA PRO D 9 -18.64 26.45 -29.38
C PRO D 9 -18.54 24.95 -29.17
N GLY D 10 -17.85 24.54 -28.12
CA GLY D 10 -17.70 23.12 -27.82
C GLY D 10 -18.82 22.33 -27.18
N MET D 11 -19.21 21.24 -27.83
CA MET D 11 -20.34 20.44 -27.38
C MET D 11 -19.87 19.10 -26.82
N ASP D 12 -20.86 18.29 -26.43
CA ASP D 12 -20.62 16.96 -25.88
C ASP D 12 -21.89 16.14 -26.17
N ILE D 13 -21.82 15.30 -27.19
CA ILE D 13 -23.00 14.62 -27.72
C ILE D 13 -23.01 13.18 -27.22
N ARG D 14 -24.13 12.75 -26.66
CA ARG D 14 -24.20 11.43 -26.06
C ARG D 14 -25.65 10.94 -26.04
N ASN D 15 -25.79 9.63 -26.24
CA ASN D 15 -27.02 8.84 -26.07
C ASN D 15 -28.12 9.13 -27.08
N ASN D 16 -27.92 10.09 -27.96
CA ASN D 16 -28.88 10.43 -29.00
C ASN D 16 -28.15 11.16 -30.11
N LEU D 17 -28.69 11.06 -31.33
CA LEU D 17 -28.11 11.72 -32.49
C LEU D 17 -28.72 13.09 -32.76
N THR D 18 -29.78 13.46 -32.04
CA THR D 18 -30.48 14.73 -32.29
C THR D 18 -29.59 15.92 -31.98
N ARG D 19 -28.80 15.84 -30.90
CA ARG D 19 -27.81 16.86 -30.59
C ARG D 19 -26.77 16.99 -31.69
N LEU D 20 -26.51 15.90 -32.42
CA LEU D 20 -25.62 15.91 -33.57
C LEU D 20 -26.12 16.81 -34.70
N HIS D 21 -27.38 17.25 -34.67
CA HIS D 21 -27.82 18.23 -35.65
C HIS D 21 -27.25 19.62 -35.41
N GLU D 22 -26.74 19.92 -34.20
CA GLU D 22 -26.28 21.27 -33.96
C GLU D 22 -24.94 21.59 -34.64
N LEU D 23 -24.31 20.61 -35.28
CA LEU D 23 -23.18 20.84 -36.17
C LEU D 23 -23.60 21.04 -37.62
N GLU D 24 -24.87 21.41 -37.87
CA GLU D 24 -25.33 21.62 -39.24
C GLU D 24 -24.65 22.80 -39.91
N ASN D 25 -24.37 23.87 -39.16
CA ASN D 25 -23.96 25.13 -39.77
C ASN D 25 -22.52 25.56 -39.45
N CYS D 26 -22.03 25.23 -38.26
CA CYS D 26 -20.72 25.68 -37.83
C CYS D 26 -19.60 25.08 -38.68
N SER D 27 -18.52 25.84 -38.85
CA SER D 27 -17.37 25.36 -39.60
C SER D 27 -16.16 25.06 -38.74
N VAL D 28 -15.70 26.03 -37.95
CA VAL D 28 -14.52 25.86 -37.10
C VAL D 28 -14.97 25.87 -35.65
N ILE D 29 -14.65 24.81 -34.92
CA ILE D 29 -15.16 24.61 -33.56
C ILE D 29 -14.22 25.28 -32.57
N GLU D 30 -14.76 26.19 -31.76
CA GLU D 30 -14.00 26.85 -30.71
C GLU D 30 -14.18 26.11 -29.38
N GLY D 31 -13.91 24.83 -29.42
CA GLY D 31 -14.17 23.97 -28.28
C GLY D 31 -13.71 22.56 -28.56
N HIS D 32 -14.11 21.64 -27.70
CA HIS D 32 -13.83 20.23 -27.89
C HIS D 32 -15.05 19.50 -28.41
N LEU D 33 -14.84 18.60 -29.36
CA LEU D 33 -15.89 17.74 -29.89
C LEU D 33 -15.72 16.37 -29.27
N GLN D 34 -16.82 15.79 -28.81
CA GLN D 34 -16.73 14.57 -28.00
C GLN D 34 -18.03 13.80 -28.18
N ILE D 35 -17.98 12.74 -29.00
CA ILE D 35 -19.13 11.88 -29.28
C ILE D 35 -18.89 10.56 -28.56
N LEU D 36 -19.76 10.22 -27.62
CA LEU D 36 -19.50 9.01 -26.84
C LEU D 36 -20.80 8.44 -26.30
N LEU D 37 -20.76 7.11 -26.04
CA LEU D 37 -21.77 6.34 -25.31
C LEU D 37 -23.14 6.39 -25.98
N MET D 38 -23.18 5.83 -27.18
CA MET D 38 -24.42 5.66 -27.93
C MET D 38 -24.67 4.16 -28.09
N PHE D 39 -25.59 3.62 -27.28
CA PHE D 39 -25.86 2.18 -27.28
C PHE D 39 -26.88 1.78 -28.34
N LYS D 40 -28.04 2.43 -28.35
CA LYS D 40 -29.13 2.05 -29.24
C LYS D 40 -29.02 2.81 -30.56
N THR D 41 -28.02 2.44 -31.35
CA THR D 41 -27.74 3.07 -32.64
C THR D 41 -27.65 1.99 -33.70
N ARG D 42 -28.44 2.13 -34.75
CA ARG D 42 -28.33 1.16 -35.83
C ARG D 42 -27.24 1.58 -36.82
N PRO D 43 -26.54 0.62 -37.43
CA PRO D 43 -25.50 0.97 -38.41
C PRO D 43 -26.03 1.57 -39.71
N GLU D 44 -27.33 1.53 -39.95
CA GLU D 44 -27.90 2.20 -41.12
C GLU D 44 -28.25 3.66 -40.84
N ASP D 45 -27.97 4.15 -39.65
CA ASP D 45 -28.23 5.54 -39.28
C ASP D 45 -26.99 6.42 -39.46
N PHE D 46 -26.12 6.08 -40.39
CA PHE D 46 -24.89 6.82 -40.63
C PHE D 46 -24.58 7.01 -42.10
N ARG D 47 -25.51 6.65 -42.99
CA ARG D 47 -25.25 6.83 -44.42
C ARG D 47 -25.60 8.25 -44.87
N ASP D 48 -26.75 8.75 -44.43
CA ASP D 48 -27.18 10.11 -44.78
C ASP D 48 -26.77 11.13 -43.73
N LEU D 49 -25.68 10.88 -43.02
CA LEU D 49 -25.18 11.77 -41.97
C LEU D 49 -23.77 12.18 -42.32
N SER D 50 -23.61 13.43 -42.74
CA SER D 50 -22.32 13.94 -43.20
C SER D 50 -22.20 15.41 -42.83
N PHE D 51 -21.00 15.81 -42.41
CA PHE D 51 -20.69 17.19 -42.04
C PHE D 51 -19.58 17.70 -42.93
N PRO D 52 -19.90 18.16 -44.14
CA PRO D 52 -18.85 18.58 -45.09
C PRO D 52 -18.34 19.99 -44.91
N LYS D 53 -18.67 20.66 -43.81
CA LYS D 53 -18.21 22.03 -43.56
C LYS D 53 -17.18 22.12 -42.44
N LEU D 54 -17.05 21.09 -41.61
CA LEU D 54 -16.11 21.12 -40.49
C LEU D 54 -14.68 21.13 -41.00
N ILE D 55 -13.94 22.19 -40.67
CA ILE D 55 -12.59 22.39 -41.15
C ILE D 55 -11.56 22.18 -40.03
N MET D 56 -11.81 22.75 -38.86
CA MET D 56 -10.76 22.90 -37.87
C MET D 56 -11.35 22.78 -36.47
N ILE D 57 -10.65 22.04 -35.62
CA ILE D 57 -11.04 21.83 -34.23
C ILE D 57 -9.93 22.39 -33.35
N THR D 58 -10.29 23.13 -32.29
CA THR D 58 -9.27 23.82 -31.52
C THR D 58 -8.96 23.20 -30.18
N ASP D 59 -9.67 22.16 -29.73
CA ASP D 59 -9.26 21.56 -28.45
C ASP D 59 -8.77 20.13 -28.55
N TYR D 60 -9.63 19.18 -28.92
CA TYR D 60 -9.28 17.78 -29.16
C TYR D 60 -10.49 17.09 -29.79
N LEU D 61 -10.42 15.77 -29.90
CA LEU D 61 -11.51 14.98 -30.45
C LEU D 61 -11.49 13.61 -29.78
N LEU D 62 -12.57 13.27 -29.09
CA LEU D 62 -12.69 12.01 -28.36
C LEU D 62 -13.88 11.23 -28.91
N LEU D 63 -13.70 9.92 -29.07
CA LEU D 63 -14.69 9.10 -29.76
C LEU D 63 -14.68 7.74 -29.09
N PHE D 64 -15.61 7.53 -28.14
CA PHE D 64 -15.55 6.38 -27.24
C PHE D 64 -16.88 5.63 -27.28
N ARG D 65 -16.84 4.41 -27.81
CA ARG D 65 -17.93 3.42 -27.76
C ARG D 65 -19.22 3.93 -28.41
N VAL D 66 -19.14 4.17 -29.72
CA VAL D 66 -20.30 4.47 -30.54
C VAL D 66 -20.61 3.23 -31.35
N TYR D 67 -21.70 2.54 -30.99
CA TYR D 67 -22.04 1.29 -31.68
C TYR D 67 -22.57 1.58 -33.07
N GLY D 68 -22.07 0.85 -34.06
CA GLY D 68 -22.62 0.90 -35.40
C GLY D 68 -21.94 1.86 -36.35
N LEU D 69 -20.89 2.55 -35.93
CA LEU D 69 -20.19 3.47 -36.82
C LEU D 69 -19.17 2.67 -37.62
N GLU D 70 -19.42 2.49 -38.91
CA GLU D 70 -18.55 1.67 -39.73
C GLU D 70 -17.22 2.36 -40.03
N SER D 71 -17.28 3.54 -40.63
CA SER D 71 -16.07 4.27 -41.00
C SER D 71 -16.30 5.75 -40.71
N LEU D 72 -15.19 6.47 -40.52
CA LEU D 72 -15.23 7.88 -40.19
C LEU D 72 -15.00 8.78 -41.40
N LYS D 73 -14.97 8.22 -42.60
CA LYS D 73 -14.70 9.02 -43.80
C LYS D 73 -15.96 9.65 -44.38
N ASP D 74 -17.14 9.25 -43.92
CA ASP D 74 -18.39 9.88 -44.34
C ASP D 74 -18.97 10.81 -43.27
N LEU D 75 -18.21 11.07 -42.21
CA LEU D 75 -18.68 11.90 -41.11
C LEU D 75 -17.87 13.19 -40.98
N PHE D 76 -16.55 13.10 -40.90
CA PHE D 76 -15.66 14.26 -40.88
C PHE D 76 -14.73 14.16 -42.10
N PRO D 77 -15.19 14.57 -43.27
CA PRO D 77 -14.36 14.45 -44.48
C PRO D 77 -13.46 15.65 -44.76
N ASN D 78 -13.45 16.67 -43.90
CA ASN D 78 -12.69 17.87 -44.22
C ASN D 78 -11.95 18.44 -43.00
N LEU D 79 -11.60 17.58 -42.04
CA LEU D 79 -10.69 18.01 -40.99
C LEU D 79 -9.32 18.28 -41.59
N THR D 80 -8.73 19.42 -41.27
CA THR D 80 -7.34 19.68 -41.65
C THR D 80 -6.45 19.99 -40.46
N VAL D 81 -6.96 20.68 -39.45
CA VAL D 81 -6.16 21.13 -38.33
C VAL D 81 -6.89 20.83 -37.03
N ILE D 82 -6.30 19.98 -36.20
CA ILE D 82 -6.66 19.85 -34.79
C ILE D 82 -5.61 20.65 -34.02
N ARG D 83 -6.02 21.74 -33.38
CA ARG D 83 -5.05 22.65 -32.78
C ARG D 83 -4.45 22.06 -31.50
N GLY D 84 -5.28 21.79 -30.51
CA GLY D 84 -4.76 21.29 -29.26
C GLY D 84 -4.21 22.38 -28.37
N SER D 85 -5.02 23.41 -28.10
CA SER D 85 -4.64 24.40 -27.11
C SER D 85 -4.98 23.95 -25.70
N ARG D 86 -5.79 22.90 -25.63
CA ARG D 86 -6.23 22.28 -24.38
C ARG D 86 -6.19 20.80 -24.73
N LEU D 87 -5.81 19.95 -23.80
CA LEU D 87 -5.73 18.54 -24.14
C LEU D 87 -6.39 17.66 -23.09
N PHE D 88 -6.77 16.47 -23.52
CA PHE D 88 -7.39 15.46 -22.65
C PHE D 88 -6.30 14.47 -22.25
N PHE D 89 -5.70 14.70 -21.07
CA PHE D 89 -4.64 13.87 -20.49
C PHE D 89 -3.43 13.74 -21.42
N ASN D 90 -3.06 14.87 -22.03
CA ASN D 90 -1.99 14.96 -23.05
C ASN D 90 -2.24 14.02 -24.22
N TYR D 91 -3.47 14.04 -24.75
CA TYR D 91 -3.85 13.23 -25.90
C TYR D 91 -4.83 14.03 -26.76
N ALA D 92 -4.40 14.43 -27.95
CA ALA D 92 -5.22 15.29 -28.79
C ALA D 92 -6.20 14.53 -29.67
N LEU D 93 -6.16 13.21 -29.68
CA LEU D 93 -7.08 12.40 -30.49
C LEU D 93 -7.19 11.03 -29.83
N VAL D 94 -8.30 10.79 -29.13
CA VAL D 94 -8.52 9.53 -28.42
C VAL D 94 -9.64 8.79 -29.13
N ILE D 95 -9.36 7.55 -29.54
CA ILE D 95 -10.35 6.64 -30.08
C ILE D 95 -10.20 5.36 -29.29
N PHE D 96 -11.14 5.08 -28.39
CA PHE D 96 -10.97 4.09 -27.34
C PHE D 96 -12.25 3.28 -27.21
N GLU D 97 -12.11 1.95 -27.18
CA GLU D 97 -13.21 0.97 -27.09
C GLU D 97 -14.25 1.11 -28.20
N MET D 98 -13.86 1.69 -29.33
CA MET D 98 -14.77 1.90 -30.45
C MET D 98 -14.83 0.61 -31.25
N VAL D 99 -15.97 -0.07 -31.20
CA VAL D 99 -16.17 -1.29 -31.96
C VAL D 99 -16.95 -0.96 -33.22
N HIS D 100 -17.00 -1.93 -34.15
CA HIS D 100 -17.54 -1.83 -35.51
C HIS D 100 -16.82 -0.81 -36.39
N LEU D 101 -15.68 -0.28 -35.95
CA LEU D 101 -14.91 0.67 -36.73
C LEU D 101 -13.90 -0.10 -37.56
N LYS D 102 -13.93 0.10 -38.88
CA LYS D 102 -13.08 -0.65 -39.79
C LYS D 102 -11.77 0.08 -40.09
N GLU D 103 -11.84 1.30 -40.61
CA GLU D 103 -10.67 2.12 -40.86
C GLU D 103 -10.94 3.53 -40.36
N LEU D 104 -9.87 4.30 -40.15
CA LEU D 104 -10.03 5.67 -39.70
C LEU D 104 -10.54 6.56 -40.83
N GLY D 105 -9.76 6.70 -41.88
CA GLY D 105 -10.27 7.37 -43.07
C GLY D 105 -10.38 8.87 -43.00
N LEU D 106 -9.76 9.51 -42.02
CA LEU D 106 -9.68 10.98 -42.00
C LEU D 106 -8.63 11.37 -43.03
N TYR D 107 -9.04 11.41 -44.30
CA TYR D 107 -8.10 11.50 -45.41
C TYR D 107 -7.66 12.92 -45.72
N ASN D 108 -7.84 13.88 -44.81
CA ASN D 108 -7.45 15.25 -45.10
C ASN D 108 -6.68 15.96 -44.01
N LEU D 109 -6.52 15.39 -42.82
CA LEU D 109 -5.89 16.14 -41.74
C LEU D 109 -4.38 16.15 -41.94
N MET D 110 -3.79 17.33 -41.77
CA MET D 110 -2.39 17.57 -42.14
C MET D 110 -1.50 17.91 -40.96
N ASN D 111 -2.06 18.44 -39.86
CA ASN D 111 -1.21 18.91 -38.78
C ASN D 111 -2.00 18.86 -37.47
N ILE D 112 -1.71 17.86 -36.64
CA ILE D 112 -2.03 17.94 -35.23
C ILE D 112 -0.94 18.77 -34.58
N THR D 113 -1.27 19.99 -34.14
CA THR D 113 -0.24 20.95 -33.75
C THR D 113 0.47 20.55 -32.47
N ARG D 114 -0.28 20.37 -31.39
CA ARG D 114 0.36 20.12 -30.10
C ARG D 114 -0.33 18.94 -29.43
N GLY D 115 0.42 17.86 -29.25
CA GLY D 115 -0.11 16.70 -28.57
C GLY D 115 0.29 15.36 -29.16
N SER D 116 -0.55 14.34 -28.95
CA SER D 116 -0.26 13.00 -29.40
C SER D 116 -1.57 12.24 -29.50
N VAL D 117 -1.54 11.10 -30.17
CA VAL D 117 -2.73 10.30 -30.45
C VAL D 117 -2.71 9.07 -29.56
N ARG D 118 -3.88 8.63 -29.11
CA ARG D 118 -4.02 7.39 -28.37
C ARG D 118 -5.16 6.59 -28.99
N ILE D 119 -4.84 5.45 -29.59
CA ILE D 119 -5.82 4.57 -30.23
C ILE D 119 -5.66 3.18 -29.62
N GLU D 120 -6.63 2.76 -28.81
CA GLU D 120 -6.48 1.53 -28.05
C GLU D 120 -7.80 0.78 -28.02
N LYS D 121 -7.70 -0.56 -27.95
CA LYS D 121 -8.79 -1.46 -27.56
C LYS D 121 -9.93 -1.47 -28.57
N ASN D 122 -9.59 -1.40 -29.85
CA ASN D 122 -10.56 -1.60 -30.92
C ASN D 122 -10.49 -3.05 -31.38
N ASN D 123 -11.55 -3.53 -32.00
CA ASN D 123 -11.65 -4.94 -32.36
C ASN D 123 -11.62 -5.18 -33.86
N GLU D 124 -11.80 -4.14 -34.67
CA GLU D 124 -11.82 -4.33 -36.12
C GLU D 124 -11.10 -3.21 -36.86
N LEU D 125 -10.19 -2.48 -36.21
CA LEU D 125 -9.62 -1.27 -36.78
C LEU D 125 -8.39 -1.65 -37.60
N CYS D 126 -8.60 -1.85 -38.90
CA CYS D 126 -7.49 -1.98 -39.82
C CYS D 126 -6.98 -0.59 -40.21
N TYR D 127 -5.94 -0.59 -41.07
CA TYR D 127 -5.30 0.62 -41.59
C TYR D 127 -4.77 1.50 -40.46
N LEU D 128 -3.82 0.93 -39.71
CA LEU D 128 -3.09 1.67 -38.70
C LEU D 128 -1.58 1.53 -38.79
N ALA D 129 -1.07 0.53 -39.49
CA ALA D 129 0.36 0.45 -39.74
C ALA D 129 0.76 1.12 -41.04
N THR D 130 -0.19 1.68 -41.78
CA THR D 130 0.10 2.38 -43.03
C THR D 130 -0.22 3.87 -42.92
N ILE D 131 0.07 4.48 -41.78
CA ILE D 131 -0.08 5.92 -41.57
C ILE D 131 1.23 6.46 -41.03
N ASP D 132 1.87 7.36 -41.76
CA ASP D 132 3.12 7.97 -41.32
C ASP D 132 2.77 9.13 -40.40
N TRP D 133 2.85 8.90 -39.09
CA TRP D 133 2.48 9.94 -38.14
C TRP D 133 3.49 11.06 -38.05
N SER D 134 4.74 10.82 -38.50
CA SER D 134 5.76 11.86 -38.40
C SER D 134 5.60 12.95 -39.44
N ARG D 135 4.70 12.79 -40.40
CA ARG D 135 4.30 13.87 -41.30
C ARG D 135 3.09 14.62 -40.76
N ILE D 136 2.53 14.20 -39.64
CA ILE D 136 1.34 14.83 -39.08
C ILE D 136 1.64 15.30 -37.66
N LEU D 137 1.97 14.36 -36.78
CA LEU D 137 2.35 14.71 -35.41
C LEU D 137 3.72 15.37 -35.44
N ASP D 138 3.79 16.61 -34.97
CA ASP D 138 5.08 17.28 -34.88
C ASP D 138 5.91 16.75 -33.72
N SER D 139 5.32 15.97 -32.81
CA SER D 139 6.00 15.26 -31.74
C SER D 139 5.53 13.81 -31.78
N VAL D 140 6.22 13.00 -32.58
CA VAL D 140 5.78 11.63 -32.87
C VAL D 140 6.20 10.63 -31.81
N GLU D 141 6.95 11.08 -30.79
CA GLU D 141 7.63 10.16 -29.88
C GLU D 141 6.70 9.45 -28.92
N ASP D 142 5.53 10.01 -28.62
CA ASP D 142 4.76 9.57 -27.46
C ASP D 142 3.30 9.34 -27.81
N ASN D 143 3.05 8.62 -28.89
CA ASN D 143 1.71 8.12 -29.18
C ASN D 143 1.61 6.66 -28.78
N HIS D 144 0.46 6.28 -28.22
CA HIS D 144 0.27 4.99 -27.57
C HIS D 144 -0.79 4.21 -28.36
N ILE D 145 -0.33 3.44 -29.34
CA ILE D 145 -1.21 2.72 -30.27
C ILE D 145 -0.99 1.23 -30.06
N VAL D 146 -1.83 0.61 -29.23
CA VAL D 146 -1.73 -0.82 -28.94
C VAL D 146 -3.11 -1.46 -28.95
N LEU D 147 -3.12 -2.80 -29.07
CA LEU D 147 -4.30 -3.66 -28.89
C LEU D 147 -5.42 -3.36 -29.89
N ASN D 148 -5.05 -3.18 -31.14
CA ASN D 148 -6.01 -3.00 -32.22
C ASN D 148 -6.31 -4.35 -32.87
N LYS D 149 -6.95 -4.32 -34.05
CA LYS D 149 -7.06 -5.51 -34.88
C LYS D 149 -5.70 -6.00 -35.36
N ASP D 150 -4.73 -5.09 -35.51
CA ASP D 150 -3.42 -5.41 -36.06
C ASP D 150 -2.43 -5.89 -34.99
N ASP D 151 -2.91 -6.50 -33.90
CA ASP D 151 -2.00 -7.18 -32.99
C ASP D 151 -1.41 -8.42 -33.64
N ASN D 152 -2.16 -9.04 -34.54
CA ASN D 152 -1.64 -10.05 -35.44
C ASN D 152 -1.59 -9.50 -36.86
N GLU D 153 -0.56 -9.88 -37.61
CA GLU D 153 -0.42 -9.38 -38.97
C GLU D 153 -1.42 -10.10 -39.86
N GLU D 154 -2.66 -9.63 -39.87
CA GLU D 154 -3.76 -10.38 -40.46
C GLU D 154 -4.57 -9.59 -41.48
N CYS D 155 -4.81 -8.30 -41.23
CA CYS D 155 -5.75 -7.56 -42.05
C CYS D 155 -5.16 -7.22 -43.41
N GLY D 156 -6.03 -7.16 -44.42
CA GLY D 156 -5.62 -6.89 -45.78
C GLY D 156 -5.56 -5.42 -46.11
N ASP D 157 -4.58 -4.71 -45.54
CA ASP D 157 -4.41 -3.29 -45.82
C ASP D 157 -3.76 -3.14 -47.20
N ILE D 158 -4.58 -3.30 -48.23
CA ILE D 158 -4.16 -3.08 -49.60
C ILE D 158 -4.21 -1.58 -49.86
N CYS D 159 -3.63 -1.13 -50.96
CA CYS D 159 -3.45 0.29 -51.16
C CYS D 159 -3.57 0.59 -52.65
N PRO D 160 -4.18 1.73 -53.03
CA PRO D 160 -4.36 2.11 -54.43
C PRO D 160 -3.06 2.30 -55.21
N ASN D 168 0.82 3.89 -57.00
CA ASN D 168 0.51 5.23 -57.46
C ASN D 168 0.50 6.24 -56.32
N CYS D 169 0.57 5.72 -55.10
CA CYS D 169 0.57 6.56 -53.91
C CYS D 169 1.91 6.46 -53.20
N PRO D 170 2.46 7.57 -52.72
CA PRO D 170 3.88 7.59 -52.35
C PRO D 170 4.16 6.87 -51.04
N ALA D 171 5.36 6.27 -50.98
CA ALA D 171 5.77 5.42 -49.87
C ALA D 171 7.03 5.97 -49.24
N THR D 172 7.14 5.81 -47.92
CA THR D 172 8.32 6.26 -47.18
C THR D 172 8.56 5.31 -46.01
N VAL D 173 9.80 5.33 -45.53
CA VAL D 173 10.27 4.41 -44.49
C VAL D 173 9.94 5.00 -43.12
N ILE D 174 9.60 4.14 -42.16
CA ILE D 174 9.28 4.56 -40.80
C ILE D 174 10.27 3.98 -39.79
N ASN D 175 10.50 2.66 -39.83
CA ASN D 175 11.48 2.04 -38.94
C ASN D 175 12.23 0.92 -39.65
N GLY D 176 12.36 1.03 -40.97
CA GLY D 176 12.96 -0.04 -41.74
C GLY D 176 11.98 -0.66 -42.71
N GLN D 177 10.74 -0.79 -42.27
CA GLN D 177 9.68 -1.40 -43.09
C GLN D 177 9.27 -0.40 -44.16
N PHE D 178 9.89 -0.51 -45.34
CA PHE D 178 9.59 0.37 -46.47
C PHE D 178 8.26 -0.10 -47.08
N VAL D 179 7.17 0.41 -46.53
CA VAL D 179 5.84 0.09 -47.01
C VAL D 179 5.12 1.37 -47.42
N GLU D 180 3.91 1.21 -47.96
CA GLU D 180 3.19 2.28 -48.64
C GLU D 180 2.24 2.98 -47.67
N ARG D 181 1.88 4.21 -47.99
CA ARG D 181 1.03 4.99 -47.10
C ARG D 181 -0.32 5.39 -47.66
N CYS D 182 -1.36 4.95 -46.97
CA CYS D 182 -2.73 5.28 -47.33
C CYS D 182 -3.64 5.17 -46.12
N TRP D 183 -4.63 6.07 -46.08
CA TRP D 183 -5.65 6.04 -45.03
C TRP D 183 -6.63 4.90 -45.26
N THR D 184 -7.25 4.87 -46.43
CA THR D 184 -8.23 3.87 -46.83
C THR D 184 -7.71 3.10 -48.04
N HIS D 185 -8.57 2.27 -48.61
CA HIS D 185 -8.30 1.61 -49.87
C HIS D 185 -8.73 2.45 -51.08
N SER D 186 -9.06 3.73 -50.86
CA SER D 186 -9.42 4.62 -51.95
C SER D 186 -8.76 5.99 -51.89
N HIS D 187 -8.25 6.41 -50.73
CA HIS D 187 -7.58 7.70 -50.59
C HIS D 187 -6.27 7.49 -49.86
N CYS D 188 -5.18 7.98 -50.42
CA CYS D 188 -3.87 7.80 -49.82
C CYS D 188 -3.38 9.11 -49.20
N GLN D 189 -2.30 8.98 -48.42
CA GLN D 189 -1.80 10.09 -47.61
C GLN D 189 -1.18 11.16 -48.51
N LYS D 190 -1.72 12.37 -48.42
CA LYS D 190 -1.18 13.52 -49.14
C LYS D 190 0.14 13.93 -48.50
N VAL D 191 1.26 13.51 -49.10
CA VAL D 191 2.58 13.85 -48.60
C VAL D 191 3.16 14.94 -49.48
N CYS D 192 3.93 15.84 -48.87
CA CYS D 192 4.49 16.99 -49.53
C CYS D 192 6.01 16.95 -49.44
N PRO D 193 6.73 17.49 -50.43
CA PRO D 193 8.18 17.63 -50.30
C PRO D 193 8.55 18.58 -49.16
N THR D 194 9.76 18.38 -48.63
CA THR D 194 10.19 19.09 -47.43
C THR D 194 10.67 20.51 -47.70
N ILE D 195 10.44 21.05 -48.90
CA ILE D 195 10.61 22.48 -49.16
C ILE D 195 9.35 23.25 -48.83
N CYS D 196 8.26 22.55 -48.51
CA CYS D 196 6.98 23.14 -48.13
C CYS D 196 6.55 22.56 -46.78
N LYS D 197 7.46 22.66 -45.80
CA LYS D 197 7.48 21.91 -44.54
C LYS D 197 6.13 21.77 -43.83
N SER D 198 5.45 22.88 -43.58
CA SER D 198 4.14 22.83 -42.94
C SER D 198 3.09 23.62 -43.69
N HIS D 199 3.45 24.37 -44.73
CA HIS D 199 2.52 25.28 -45.37
C HIS D 199 1.51 24.58 -46.27
N GLY D 200 1.82 23.37 -46.74
CA GLY D 200 0.86 22.61 -47.50
C GLY D 200 0.90 22.95 -48.98
N CYS D 201 1.12 21.95 -49.82
CA CYS D 201 1.24 22.16 -51.27
C CYS D 201 -0.05 21.79 -51.97
N THR D 202 -0.19 22.30 -53.19
CA THR D 202 -1.39 22.06 -54.00
C THR D 202 -1.27 20.72 -54.71
N ALA D 203 -2.17 20.49 -55.68
CA ALA D 203 -2.24 19.20 -56.34
C ALA D 203 -1.09 18.97 -57.31
N GLU D 204 -0.64 20.01 -58.00
CA GLU D 204 0.42 19.86 -59.00
C GLU D 204 1.80 19.67 -58.37
N GLY D 205 2.03 20.23 -57.19
CA GLY D 205 3.32 20.15 -56.54
C GLY D 205 4.05 21.46 -56.36
N LEU D 206 3.52 22.55 -56.91
CA LEU D 206 4.12 23.86 -56.69
C LEU D 206 3.66 24.41 -55.35
N CYS D 207 4.55 25.15 -54.70
CA CYS D 207 4.35 25.47 -53.29
C CYS D 207 3.38 26.63 -53.12
N CYS D 208 2.88 26.76 -51.89
CA CYS D 208 1.86 27.72 -51.53
C CYS D 208 2.48 28.89 -50.75
N HIS D 209 1.62 29.75 -50.21
CA HIS D 209 2.08 30.88 -49.41
C HIS D 209 2.59 30.38 -48.06
N SER D 210 3.47 31.18 -47.46
CA SER D 210 4.19 30.78 -46.25
C SER D 210 3.48 31.18 -44.97
N GLU D 211 2.15 31.27 -45.00
CA GLU D 211 1.42 31.74 -43.82
C GLU D 211 0.24 30.86 -43.46
N CYS D 212 -0.28 30.06 -44.39
CA CYS D 212 -1.37 29.19 -44.01
C CYS D 212 -0.88 27.76 -43.78
N LEU D 213 -1.75 26.96 -43.17
CA LEU D 213 -1.42 25.63 -42.66
C LEU D 213 -2.33 24.59 -43.29
N GLY D 214 -1.75 23.45 -43.66
CA GLY D 214 -2.55 22.34 -44.15
C GLY D 214 -2.77 22.34 -45.64
N ASN D 215 -3.57 23.28 -46.15
CA ASN D 215 -3.97 23.27 -47.54
C ASN D 215 -4.28 24.70 -47.97
N CYS D 216 -4.43 24.89 -49.27
CA CYS D 216 -4.80 26.19 -49.84
C CYS D 216 -5.38 25.95 -51.23
N SER D 217 -6.38 26.75 -51.58
CA SER D 217 -7.07 26.55 -52.85
C SER D 217 -6.22 27.03 -54.02
N GLN D 218 -5.67 28.24 -53.91
CA GLN D 218 -4.80 28.80 -54.93
C GLN D 218 -3.50 29.24 -54.28
N PRO D 219 -2.35 28.82 -54.80
CA PRO D 219 -1.09 29.04 -54.09
C PRO D 219 -0.58 30.47 -54.21
N ASP D 220 0.37 30.79 -53.32
CA ASP D 220 1.07 32.09 -53.24
C ASP D 220 0.10 33.24 -53.03
N ASP D 221 -0.91 33.01 -52.19
CA ASP D 221 -1.86 34.06 -51.81
C ASP D 221 -2.44 33.76 -50.45
N PRO D 222 -2.18 34.61 -49.44
CA PRO D 222 -2.69 34.34 -48.09
C PRO D 222 -4.14 34.72 -47.88
N THR D 223 -4.86 35.16 -48.90
CA THR D 223 -6.27 35.50 -48.76
C THR D 223 -7.19 34.39 -49.25
N LYS D 224 -6.64 33.23 -49.62
CA LYS D 224 -7.43 32.09 -50.07
C LYS D 224 -6.90 30.80 -49.45
N CYS D 225 -6.58 30.84 -48.17
CA CYS D 225 -6.11 29.66 -47.45
C CYS D 225 -7.19 29.15 -46.52
N VAL D 226 -7.17 27.84 -46.26
CA VAL D 226 -8.30 27.17 -45.62
C VAL D 226 -8.08 26.89 -44.14
N ALA D 227 -6.87 27.07 -43.64
CA ALA D 227 -6.60 26.87 -42.21
C ALA D 227 -5.36 27.70 -41.86
N CYS D 228 -5.54 28.73 -41.05
CA CYS D 228 -4.46 29.66 -40.77
C CYS D 228 -3.78 29.32 -39.46
N ARG D 229 -2.44 29.43 -39.45
CA ARG D 229 -1.67 28.96 -38.30
C ARG D 229 -1.42 30.07 -37.28
N ASN D 230 -1.07 31.28 -37.74
CA ASN D 230 -0.74 32.32 -36.76
C ASN D 230 -2.00 33.00 -36.23
N PHE D 231 -2.68 33.78 -37.08
CA PHE D 231 -3.93 34.42 -36.67
C PHE D 231 -4.81 34.66 -37.89
N TYR D 232 -6.12 34.72 -37.64
CA TYR D 232 -7.12 34.88 -38.70
C TYR D 232 -7.88 36.18 -38.45
N LEU D 233 -7.76 37.12 -39.37
CA LEU D 233 -8.32 38.46 -39.19
C LEU D 233 -9.04 38.88 -40.47
N ASP D 234 -10.31 39.25 -40.33
CA ASP D 234 -11.13 39.91 -41.35
C ASP D 234 -11.30 39.08 -42.63
N GLY D 235 -11.08 37.77 -42.55
CA GLY D 235 -11.12 36.92 -43.72
C GLY D 235 -9.79 36.62 -44.37
N ARG D 236 -8.68 36.84 -43.66
CA ARG D 236 -7.37 36.60 -44.25
C ARG D 236 -6.40 36.17 -43.16
N CYS D 237 -5.27 35.62 -43.59
CA CYS D 237 -4.20 35.21 -42.67
C CYS D 237 -3.39 36.42 -42.25
N VAL D 238 -2.99 36.43 -40.97
CA VAL D 238 -2.22 37.51 -40.39
C VAL D 238 -1.17 36.90 -39.47
N GLU D 239 0.08 37.34 -39.63
CA GLU D 239 1.20 36.88 -38.81
C GLU D 239 1.05 37.26 -37.35
N THR D 240 0.74 38.53 -37.09
CA THR D 240 0.55 39.04 -35.73
C THR D 240 -0.32 40.26 -35.86
N CYS D 241 -1.41 40.32 -35.09
CA CYS D 241 -2.52 41.20 -35.41
C CYS D 241 -2.16 42.66 -35.16
N PRO D 242 -2.57 43.56 -36.05
CA PRO D 242 -2.21 44.96 -35.91
C PRO D 242 -3.04 45.63 -34.83
N PRO D 243 -2.56 46.75 -34.29
CA PRO D 243 -3.41 47.53 -33.38
C PRO D 243 -4.56 48.16 -34.12
N PRO D 244 -5.72 48.33 -33.47
CA PRO D 244 -6.03 48.01 -32.07
C PRO D 244 -6.80 46.72 -31.85
N TYR D 245 -6.39 45.62 -32.48
CA TYR D 245 -7.07 44.36 -32.29
C TYR D 245 -6.40 43.53 -31.19
N TYR D 246 -7.14 42.56 -30.66
CA TYR D 246 -6.66 41.71 -29.58
C TYR D 246 -6.77 40.25 -29.98
N HIS D 247 -5.72 39.48 -29.70
CA HIS D 247 -5.76 38.04 -29.91
C HIS D 247 -6.76 37.41 -28.95
N PHE D 248 -7.36 36.30 -29.37
CA PHE D 248 -8.43 35.69 -28.59
C PHE D 248 -8.38 34.20 -28.83
N GLN D 249 -8.14 33.43 -27.76
CA GLN D 249 -8.01 31.97 -27.75
C GLN D 249 -6.90 31.48 -28.69
N ASP D 250 -5.87 32.30 -28.91
CA ASP D 250 -4.69 32.16 -29.77
C ASP D 250 -4.99 31.53 -31.13
N TRP D 251 -6.15 31.80 -31.74
CA TRP D 251 -6.40 31.40 -33.10
C TRP D 251 -7.10 32.46 -33.94
N ARG D 252 -7.63 33.51 -33.33
CA ARG D 252 -8.30 34.56 -34.10
C ARG D 252 -8.12 35.89 -33.37
N CYS D 253 -8.63 36.95 -33.98
CA CYS D 253 -8.46 38.30 -33.47
C CYS D 253 -9.79 39.03 -33.45
N VAL D 254 -10.09 39.67 -32.32
CA VAL D 254 -11.34 40.37 -32.10
C VAL D 254 -11.05 41.82 -31.76
N ASN D 255 -12.08 42.66 -31.92
CA ASN D 255 -11.98 44.06 -31.52
C ASN D 255 -12.31 44.19 -30.04
N PHE D 256 -12.51 45.43 -29.58
CA PHE D 256 -12.73 45.66 -28.15
C PHE D 256 -14.12 45.23 -27.72
N SER D 257 -15.11 45.39 -28.61
CA SER D 257 -16.50 45.18 -28.22
C SER D 257 -16.81 43.70 -28.00
N PHE D 258 -16.09 42.80 -28.67
CA PHE D 258 -16.34 41.38 -28.47
C PHE D 258 -15.80 40.90 -27.13
N CYS D 259 -14.56 41.22 -26.82
CA CYS D 259 -13.95 40.88 -25.54
C CYS D 259 -14.77 41.54 -24.43
N GLN D 260 -15.04 42.83 -24.57
CA GLN D 260 -15.82 43.56 -23.58
C GLN D 260 -17.22 42.98 -23.42
N ASP D 261 -17.97 42.97 -24.52
CA ASP D 261 -19.33 42.44 -24.52
C ASP D 261 -19.40 41.10 -23.78
N LEU D 262 -18.47 40.21 -24.12
CA LEU D 262 -18.43 38.89 -23.49
C LEU D 262 -18.51 38.99 -21.98
N HIS D 263 -17.84 40.01 -21.42
CA HIS D 263 -17.85 40.22 -19.98
C HIS D 263 -19.21 40.28 -19.30
N HIS D 264 -20.07 41.17 -19.79
CA HIS D 264 -21.40 41.32 -19.24
C HIS D 264 -22.19 40.04 -19.53
N LYS D 265 -21.71 39.29 -20.51
CA LYS D 265 -22.35 38.03 -20.88
C LYS D 265 -22.31 37.16 -19.64
N CYS D 266 -21.12 36.95 -19.09
CA CYS D 266 -20.96 36.13 -17.90
C CYS D 266 -21.55 36.83 -16.67
N LYS D 267 -21.19 38.09 -16.49
CA LYS D 267 -21.68 38.87 -15.36
C LYS D 267 -23.17 38.56 -15.17
N ASN D 268 -23.92 38.63 -16.26
CA ASN D 268 -25.35 38.36 -16.22
C ASN D 268 -25.81 36.91 -16.09
N SER D 269 -24.88 35.98 -16.21
CA SER D 269 -25.18 34.57 -16.07
C SER D 269 -25.04 33.67 -14.84
N ARG D 270 -25.00 34.28 -13.67
CA ARG D 270 -24.82 33.55 -12.37
C ARG D 270 -23.36 33.18 -12.20
N ARG D 271 -22.51 33.69 -13.09
CA ARG D 271 -21.08 33.41 -13.02
C ARG D 271 -21.00 31.91 -12.87
N GLN D 272 -21.80 31.21 -13.67
CA GLN D 272 -21.83 29.76 -13.65
C GLN D 272 -21.60 29.15 -15.03
N GLY D 273 -20.33 29.03 -15.41
CA GLY D 273 -19.97 28.48 -16.70
C GLY D 273 -19.61 29.55 -17.71
N CYS D 274 -18.69 30.43 -17.33
CA CYS D 274 -18.26 31.51 -18.22
C CYS D 274 -16.92 31.92 -17.59
N HIS D 275 -16.12 32.63 -18.37
CA HIS D 275 -14.83 33.14 -17.95
C HIS D 275 -14.90 34.64 -18.13
N GLN D 276 -14.73 35.39 -17.05
CA GLN D 276 -14.83 36.85 -17.15
C GLN D 276 -13.54 37.24 -17.86
N TYR D 277 -13.64 37.55 -19.15
CA TYR D 277 -12.47 37.87 -19.95
C TYR D 277 -11.98 39.29 -19.70
N VAL D 278 -10.67 39.41 -19.45
CA VAL D 278 -10.02 40.70 -19.22
C VAL D 278 -9.02 40.93 -20.34
N ILE D 279 -8.53 42.16 -20.42
CA ILE D 279 -7.63 42.58 -21.48
C ILE D 279 -6.26 42.85 -20.86
N HIS D 280 -5.23 42.21 -21.40
CA HIS D 280 -3.88 42.37 -20.85
C HIS D 280 -2.86 42.06 -21.95
N ASN D 281 -2.03 43.05 -22.27
CA ASN D 281 -0.93 42.95 -23.26
C ASN D 281 -1.43 42.45 -24.61
N ASN D 282 -2.52 43.07 -25.08
CA ASN D 282 -3.24 42.70 -26.30
C ASN D 282 -3.70 41.23 -26.27
N LYS D 283 -4.09 40.76 -25.10
CA LYS D 283 -4.56 39.40 -24.93
C LYS D 283 -5.91 39.42 -24.21
N CYS D 284 -6.91 38.78 -24.81
CA CYS D 284 -8.19 38.54 -24.13
C CYS D 284 -7.98 37.32 -23.25
N ILE D 285 -7.55 37.56 -22.01
CA ILE D 285 -7.12 36.52 -21.07
C ILE D 285 -8.30 36.13 -20.18
N PRO D 286 -8.48 34.82 -19.85
CA PRO D 286 -9.53 34.40 -18.92
C PRO D 286 -9.47 35.04 -17.55
N GLU D 287 -8.35 34.91 -16.84
CA GLU D 287 -8.16 35.64 -15.60
C GLU D 287 -6.71 36.12 -15.52
N CYS D 288 -6.53 37.41 -15.24
CA CYS D 288 -5.17 37.92 -15.27
C CYS D 288 -4.44 37.56 -13.97
N PRO D 289 -3.15 37.18 -14.05
CA PRO D 289 -2.52 36.46 -12.94
C PRO D 289 -2.17 37.32 -11.73
N SER D 290 -1.45 36.71 -10.78
CA SER D 290 -1.09 37.36 -9.52
C SER D 290 -0.15 38.52 -9.76
N GLY D 291 -0.18 39.47 -8.82
CA GLY D 291 0.52 40.72 -9.03
C GLY D 291 -0.20 41.67 -9.96
N TYR D 292 -1.50 41.49 -10.15
CA TYR D 292 -2.27 42.30 -11.09
C TYR D 292 -3.72 42.36 -10.62
N THR D 293 -4.35 43.53 -10.80
CA THR D 293 -5.74 43.75 -10.44
C THR D 293 -6.54 44.17 -11.66
N MET D 294 -7.81 43.77 -11.68
CA MET D 294 -8.70 44.10 -12.78
C MET D 294 -9.36 45.45 -12.53
N ASN D 295 -9.26 46.34 -13.50
CA ASN D 295 -10.03 47.58 -13.48
C ASN D 295 -11.48 47.26 -13.84
N SER D 296 -12.38 48.15 -13.45
CA SER D 296 -13.78 47.95 -13.76
C SER D 296 -14.30 48.85 -14.87
N SER D 297 -13.51 49.85 -15.28
CA SER D 297 -13.99 50.76 -16.31
C SER D 297 -13.78 50.19 -17.70
N ASN D 298 -12.53 49.94 -18.08
CA ASN D 298 -12.18 49.50 -19.41
C ASN D 298 -11.54 48.11 -19.44
N LEU D 299 -11.82 47.29 -18.41
CA LEU D 299 -11.52 45.87 -18.32
C LEU D 299 -10.04 45.52 -18.36
N LEU D 300 -9.13 46.49 -18.22
CA LEU D 300 -7.71 46.18 -18.24
C LEU D 300 -7.28 45.52 -16.94
N CYS D 301 -6.03 45.05 -16.91
CA CYS D 301 -5.45 44.49 -15.70
C CYS D 301 -4.15 45.21 -15.41
N THR D 302 -4.15 46.07 -14.39
CA THR D 302 -3.25 47.07 -13.81
C THR D 302 -2.29 46.40 -12.81
N PRO D 303 -1.00 46.76 -12.81
CA PRO D 303 -0.09 46.16 -11.83
C PRO D 303 -0.32 46.68 -10.42
N CYS D 304 -0.21 45.78 -9.46
CA CYS D 304 -0.24 46.11 -8.05
C CYS D 304 1.09 45.70 -7.42
N LEU D 305 1.58 46.52 -6.49
CA LEU D 305 2.92 46.33 -5.92
C LEU D 305 2.88 45.18 -4.92
N GLY D 306 3.56 44.09 -5.27
CA GLY D 306 3.56 42.89 -4.45
C GLY D 306 2.21 42.20 -4.50
N PRO D 307 2.01 41.19 -3.65
CA PRO D 307 0.66 40.65 -3.47
C PRO D 307 -0.19 41.65 -2.72
N CYS D 308 -1.00 42.40 -3.46
CA CYS D 308 -1.88 43.52 -3.22
C CYS D 308 -3.15 43.10 -2.48
N PRO D 309 -3.61 43.92 -1.55
CA PRO D 309 -4.64 43.49 -0.59
C PRO D 309 -6.01 43.28 -1.24
N LYS D 310 -6.86 42.58 -0.50
CA LYS D 310 -8.14 42.16 -1.06
C LYS D 310 -9.16 43.31 -1.13
N VAL D 311 -9.37 44.12 -0.07
CA VAL D 311 -9.09 44.01 1.37
C VAL D 311 -10.26 43.18 1.92
N CYS D 312 -10.16 42.64 3.13
CA CYS D 312 -11.10 41.62 3.59
C CYS D 312 -11.76 42.02 4.90
N HIS D 313 -12.85 42.79 4.81
CA HIS D 313 -13.71 43.03 5.95
C HIS D 313 -14.59 41.82 6.22
N LEU D 314 -15.32 41.85 7.33
CA LEU D 314 -16.15 40.74 7.76
C LEU D 314 -17.16 41.25 8.78
N LEU D 315 -18.12 40.39 9.11
CA LEU D 315 -19.26 40.78 9.92
C LEU D 315 -18.95 40.58 11.41
N GLU D 316 -19.21 41.62 12.21
CA GLU D 316 -19.29 41.59 13.67
C GLU D 316 -17.99 41.17 14.37
N GLY D 317 -16.87 41.09 13.66
CA GLY D 317 -15.60 40.76 14.27
C GLY D 317 -15.34 39.29 14.49
N GLU D 318 -16.38 38.46 14.52
CA GLU D 318 -16.27 37.04 14.83
C GLU D 318 -16.57 36.22 13.60
N LYS D 319 -15.69 35.25 13.31
CA LYS D 319 -15.87 34.35 12.16
C LYS D 319 -15.48 32.95 12.61
N THR D 320 -16.46 32.19 13.09
CA THR D 320 -16.19 30.84 13.54
C THR D 320 -15.94 29.93 12.35
N ILE D 321 -14.71 29.44 12.22
CA ILE D 321 -14.35 28.55 11.12
C ILE D 321 -14.74 27.13 11.50
N ASP D 322 -15.98 26.75 11.21
CA ASP D 322 -16.47 25.42 11.57
C ASP D 322 -15.81 24.34 10.72
N SER D 323 -15.95 24.42 9.40
CA SER D 323 -15.29 23.49 8.50
C SER D 323 -14.76 24.28 7.31
N VAL D 324 -14.31 23.56 6.28
CA VAL D 324 -13.58 24.21 5.20
C VAL D 324 -14.49 25.04 4.31
N THR D 325 -15.79 24.73 4.26
CA THR D 325 -16.73 25.52 3.47
C THR D 325 -16.93 26.90 4.08
N SER D 326 -16.89 26.97 5.40
CA SER D 326 -16.96 28.24 6.08
C SER D 326 -15.67 29.01 5.73
N ALA D 327 -14.57 28.29 5.51
CA ALA D 327 -13.31 28.91 5.15
C ALA D 327 -13.25 29.29 3.68
N GLN D 328 -14.36 29.14 2.93
CA GLN D 328 -14.34 29.49 1.53
C GLN D 328 -14.63 30.96 1.27
N GLU D 329 -14.92 31.73 2.31
CA GLU D 329 -15.11 33.17 2.15
C GLU D 329 -13.78 33.92 2.18
N LEU D 330 -12.76 33.31 2.77
CA LEU D 330 -11.46 33.95 2.97
C LEU D 330 -10.46 33.57 1.89
N ARG D 331 -10.92 33.41 0.65
CA ARG D 331 -10.06 33.02 -0.46
C ARG D 331 -9.18 34.20 -0.86
N GLY D 332 -7.93 34.19 -0.41
CA GLY D 332 -6.98 35.20 -0.83
C GLY D 332 -7.07 36.52 -0.12
N CYS D 333 -7.64 36.56 1.08
CA CYS D 333 -7.62 37.78 1.85
C CYS D 333 -6.22 38.03 2.41
N THR D 334 -5.93 39.29 2.74
CA THR D 334 -4.62 39.67 3.23
C THR D 334 -4.65 40.13 4.67
N VAL D 335 -5.49 41.10 5.01
CA VAL D 335 -5.68 41.49 6.40
C VAL D 335 -7.13 41.18 6.75
N ILE D 336 -7.42 41.16 8.04
CA ILE D 336 -8.78 40.96 8.53
C ILE D 336 -9.10 42.10 9.49
N ASN D 337 -10.19 42.82 9.23
CA ASN D 337 -10.62 43.91 10.11
C ASN D 337 -11.56 43.40 11.19
N GLY D 338 -11.12 42.38 11.90
CA GLY D 338 -11.91 41.73 12.93
C GLY D 338 -11.06 40.70 13.67
N SER D 339 -11.60 39.52 13.92
CA SER D 339 -10.85 38.47 14.58
C SER D 339 -11.15 37.13 13.93
N LEU D 340 -10.69 36.06 14.56
CA LEU D 340 -10.87 34.72 14.03
C LEU D 340 -10.96 33.75 15.18
N ILE D 341 -11.88 32.80 15.07
CA ILE D 341 -12.06 31.73 16.04
C ILE D 341 -12.16 30.45 15.22
N ILE D 342 -11.09 29.65 15.21
CA ILE D 342 -11.11 28.45 14.40
C ILE D 342 -11.43 27.26 15.29
N ASN D 343 -12.30 26.39 14.77
CA ASN D 343 -12.78 25.23 15.52
C ASN D 343 -13.18 24.19 14.47
N ILE D 344 -12.26 23.27 14.19
CA ILE D 344 -12.49 22.23 13.19
C ILE D 344 -12.38 20.88 13.86
N ARG D 345 -13.19 19.93 13.43
CA ARG D 345 -13.26 18.61 14.04
C ARG D 345 -12.92 17.49 13.08
N GLY D 346 -13.34 17.58 11.82
CA GLY D 346 -13.04 16.55 10.85
C GLY D 346 -12.93 17.13 9.46
N GLY D 347 -12.30 16.37 8.58
CA GLY D 347 -12.14 16.79 7.20
C GLY D 347 -11.26 15.83 6.45
N ASN D 348 -11.28 15.99 5.12
CA ASN D 348 -10.47 15.20 4.21
C ASN D 348 -9.61 16.11 3.36
N ASN D 349 -8.32 15.76 3.24
CA ASN D 349 -7.28 16.58 2.59
C ASN D 349 -7.23 17.97 3.20
N LEU D 350 -7.36 18.02 4.53
CA LEU D 350 -7.54 19.28 5.25
C LEU D 350 -6.29 20.14 5.25
N ALA D 351 -5.11 19.52 5.28
CA ALA D 351 -3.85 20.28 5.24
C ALA D 351 -3.68 21.00 3.90
N ALA D 352 -4.19 20.42 2.82
CA ALA D 352 -4.15 21.10 1.53
C ALA D 352 -5.24 22.14 1.42
N GLU D 353 -6.47 21.82 1.84
CA GLU D 353 -7.60 22.72 1.61
C GLU D 353 -7.51 23.96 2.49
N LEU D 354 -7.12 23.82 3.76
CA LEU D 354 -7.03 24.98 4.63
C LEU D 354 -5.86 25.89 4.23
N GLU D 355 -4.75 25.29 3.78
CA GLU D 355 -3.62 26.10 3.34
C GLU D 355 -3.94 26.82 2.04
N ALA D 356 -4.66 26.18 1.13
CA ALA D 356 -5.05 26.85 -0.10
C ALA D 356 -6.11 27.92 0.15
N ASN D 357 -6.94 27.75 1.18
CA ASN D 357 -7.96 28.75 1.46
C ASN D 357 -7.39 29.96 2.18
N LEU D 358 -6.77 29.76 3.35
CA LEU D 358 -6.32 30.88 4.17
C LEU D 358 -4.82 30.83 4.47
N GLY D 359 -4.03 30.33 3.53
CA GLY D 359 -2.59 30.38 3.70
C GLY D 359 -1.98 31.61 3.06
N LEU D 360 -2.73 32.72 3.08
CA LEU D 360 -2.23 33.98 2.53
C LEU D 360 -2.60 35.16 3.43
N ILE D 361 -3.16 34.90 4.59
CA ILE D 361 -3.59 35.94 5.50
C ILE D 361 -2.37 36.50 6.22
N GLU D 362 -2.31 37.83 6.37
CA GLU D 362 -1.12 38.47 6.92
C GLU D 362 -1.36 39.16 8.24
N GLU D 363 -2.32 40.09 8.32
CA GLU D 363 -2.48 40.92 9.50
C GLU D 363 -3.87 40.69 10.10
N ILE D 364 -3.91 40.01 11.23
CA ILE D 364 -5.16 39.84 11.99
C ILE D 364 -5.27 41.02 12.92
N SER D 365 -6.36 41.77 12.85
CA SER D 365 -6.53 42.93 13.70
C SER D 365 -7.40 42.63 14.93
N GLY D 366 -7.34 41.43 15.45
CA GLY D 366 -8.08 41.09 16.67
C GLY D 366 -7.38 40.06 17.52
N TYR D 367 -8.12 39.05 17.96
CA TYR D 367 -7.58 37.96 18.76
C TYR D 367 -7.72 36.66 17.99
N LEU D 368 -6.70 35.83 18.05
CA LEU D 368 -6.76 34.49 17.47
C LEU D 368 -7.13 33.51 18.58
N LYS D 369 -7.91 32.50 18.23
CA LYS D 369 -8.48 31.61 19.24
C LYS D 369 -8.73 30.25 18.60
N ILE D 370 -8.09 29.22 19.13
CA ILE D 370 -8.08 27.91 18.48
C ILE D 370 -8.78 26.88 19.34
N ARG D 371 -9.84 27.31 20.02
CA ARG D 371 -10.59 26.51 20.98
C ARG D 371 -11.19 25.25 20.35
N ARG D 372 -10.89 24.10 20.98
CA ARG D 372 -11.52 22.80 20.74
C ARG D 372 -11.34 22.27 19.31
N SER D 373 -10.21 22.58 18.69
CA SER D 373 -9.89 22.01 17.39
C SER D 373 -9.26 20.64 17.57
N TYR D 374 -9.99 19.58 17.25
CA TYR D 374 -9.54 18.23 17.50
C TYR D 374 -8.62 17.72 16.39
N ALA D 375 -8.88 18.07 15.14
CA ALA D 375 -8.13 17.52 14.02
C ALA D 375 -6.93 18.36 13.63
N LEU D 376 -6.46 19.26 14.49
CA LEU D 376 -5.33 20.12 14.19
C LEU D 376 -4.07 19.53 14.79
N VAL D 377 -3.11 19.17 13.93
CA VAL D 377 -1.83 18.62 14.39
C VAL D 377 -0.82 19.74 14.47
N SER D 378 -0.91 20.70 13.56
CA SER D 378 -0.01 21.84 13.59
C SER D 378 -0.71 23.06 13.02
N LEU D 379 -0.24 24.23 13.45
CA LEU D 379 -0.75 25.51 12.95
C LEU D 379 0.13 26.10 11.85
N SER D 380 0.75 25.25 11.04
CA SER D 380 1.67 25.71 10.02
C SER D 380 0.98 26.13 8.72
N PHE D 381 -0.35 26.03 8.63
CA PHE D 381 -1.03 26.44 7.41
C PHE D 381 -1.20 27.95 7.31
N PHE D 382 -1.00 28.68 8.41
CA PHE D 382 -0.86 30.13 8.34
C PHE D 382 0.52 30.43 7.79
N ARG D 383 0.65 30.44 6.47
CA ARG D 383 1.97 30.52 5.84
C ARG D 383 2.56 31.92 5.91
N LYS D 384 1.73 32.96 5.93
CA LYS D 384 2.21 34.33 5.83
C LYS D 384 1.75 35.19 6.99
N LEU D 385 1.44 34.60 8.14
CA LEU D 385 1.00 35.39 9.29
C LEU D 385 2.17 36.15 9.87
N ARG D 386 1.99 37.46 10.04
CA ARG D 386 3.07 38.35 10.41
C ARG D 386 2.73 39.32 11.52
N LEU D 387 1.45 39.63 11.76
CA LEU D 387 1.10 40.61 12.77
C LEU D 387 -0.28 40.30 13.30
N ILE D 388 -0.39 40.27 14.63
CA ILE D 388 -1.67 40.18 15.32
C ILE D 388 -1.77 41.46 16.15
N ARG D 389 -2.55 42.43 15.68
CA ARG D 389 -2.56 43.75 16.30
C ARG D 389 -3.25 43.73 17.65
N GLY D 390 -4.45 43.17 17.71
CA GLY D 390 -5.17 43.10 18.97
C GLY D 390 -5.79 44.42 19.39
N GLU D 391 -6.67 44.96 18.54
CA GLU D 391 -7.47 46.12 18.93
C GLU D 391 -8.79 45.70 19.58
N THR D 392 -9.16 44.43 19.45
CA THR D 392 -10.32 43.87 20.14
C THR D 392 -9.85 42.59 20.82
N LEU D 393 -9.81 42.60 22.15
CA LEU D 393 -9.27 41.50 22.92
C LEU D 393 -10.39 40.66 23.51
N GLU D 394 -10.10 39.37 23.67
CA GLU D 394 -10.95 38.50 24.46
C GLU D 394 -10.96 38.98 25.90
N ILE D 395 -12.11 38.84 26.59
CA ILE D 395 -12.24 39.37 27.94
C ILE D 395 -11.32 38.58 28.88
N GLY D 396 -10.77 39.29 29.87
CA GLY D 396 -9.56 38.85 30.53
C GLY D 396 -8.31 39.38 29.89
N ASN D 397 -8.44 40.22 28.84
CA ASN D 397 -7.34 40.82 28.09
C ASN D 397 -6.39 39.77 27.52
N TYR D 398 -6.90 38.97 26.60
CA TYR D 398 -6.10 37.96 25.92
C TYR D 398 -6.02 38.28 24.42
N SER D 399 -4.97 37.75 23.79
CA SER D 399 -4.78 37.95 22.36
C SER D 399 -4.32 36.69 21.64
N PHE D 400 -4.18 35.57 22.32
CA PHE D 400 -3.96 34.27 21.67
C PHE D 400 -4.52 33.24 22.64
N TYR D 401 -5.72 32.76 22.34
CA TYR D 401 -6.49 31.93 23.24
C TYR D 401 -6.43 30.50 22.73
N ALA D 402 -6.04 29.55 23.60
CA ALA D 402 -5.83 28.18 23.14
C ALA D 402 -6.15 27.22 24.27
N LEU D 403 -7.31 26.56 24.19
CA LEU D 403 -7.63 25.52 25.15
C LEU D 403 -8.21 24.30 24.45
N ASP D 404 -7.88 23.12 25.00
CA ASP D 404 -8.51 21.84 24.66
C ASP D 404 -8.28 21.44 23.21
N ASN D 405 -7.03 21.49 22.78
CA ASN D 405 -6.63 20.99 21.48
C ASN D 405 -5.97 19.63 21.68
N GLN D 406 -6.69 18.56 21.33
CA GLN D 406 -6.26 17.22 21.67
C GLN D 406 -5.06 16.75 20.84
N ASN D 407 -4.82 17.35 19.68
CA ASN D 407 -3.77 16.85 18.80
C ASN D 407 -2.71 17.90 18.46
N LEU D 408 -2.68 19.03 19.16
CA LEU D 408 -1.73 20.08 18.81
C LEU D 408 -0.32 19.71 19.25
N ARG D 409 0.62 19.77 18.33
CA ARG D 409 1.99 19.32 18.60
C ARG D 409 3.02 20.40 18.27
N GLN D 410 2.78 21.16 17.21
CA GLN D 410 3.77 22.08 16.69
C GLN D 410 3.09 23.40 16.35
N LEU D 411 3.50 24.46 17.03
CA LEU D 411 2.81 25.74 16.90
C LEU D 411 3.18 26.43 15.60
N TRP D 412 4.48 26.59 15.34
CA TRP D 412 5.00 27.08 14.08
C TRP D 412 6.38 26.49 13.88
N ASP D 413 7.12 27.01 12.91
CA ASP D 413 8.48 26.59 12.61
C ASP D 413 9.38 27.77 12.98
N TRP D 414 9.87 27.77 14.22
CA TRP D 414 10.53 28.94 14.80
C TRP D 414 11.98 29.11 14.34
N SER D 415 12.44 28.38 13.33
CA SER D 415 13.71 28.67 12.69
C SER D 415 13.57 29.64 11.52
N LYS D 416 12.38 29.75 10.94
CA LYS D 416 12.16 30.51 9.71
C LYS D 416 10.86 31.30 9.78
N HIS D 417 10.59 31.95 10.91
CA HIS D 417 9.31 32.63 11.06
C HIS D 417 9.48 33.82 12.00
N ASN D 418 8.48 34.70 11.98
CA ASN D 418 8.41 35.86 12.86
C ASN D 418 6.95 36.23 13.00
N LEU D 419 6.55 36.69 14.18
CA LEU D 419 5.14 36.95 14.50
C LEU D 419 5.06 37.89 15.68
N THR D 420 4.50 39.07 15.48
CA THR D 420 4.43 40.08 16.55
C THR D 420 2.99 40.26 17.00
N THR D 421 2.76 40.11 18.29
CA THR D 421 1.49 40.46 18.93
C THR D 421 1.72 41.72 19.73
N THR D 422 1.29 42.86 19.19
CA THR D 422 1.67 44.15 19.78
C THR D 422 0.95 44.41 21.09
N GLN D 423 -0.26 43.89 21.25
CA GLN D 423 -1.02 44.08 22.48
C GLN D 423 -1.68 42.78 22.89
N GLY D 424 -1.88 42.63 24.18
CA GLY D 424 -2.52 41.46 24.75
C GLY D 424 -1.53 40.51 25.37
N LYS D 425 -2.09 39.46 25.97
CA LYS D 425 -1.37 38.43 26.69
C LYS D 425 -1.60 37.10 25.96
N LEU D 426 -1.12 36.01 26.55
CA LEU D 426 -1.24 34.69 25.97
C LEU D 426 -2.14 33.83 26.85
N PHE D 427 -2.60 32.71 26.32
CA PHE D 427 -3.43 31.78 27.10
C PHE D 427 -3.30 30.39 26.49
N PHE D 428 -2.64 29.47 27.22
CA PHE D 428 -2.35 28.12 26.74
C PHE D 428 -2.76 27.12 27.82
N HIS D 429 -3.99 26.62 27.75
CA HIS D 429 -4.48 25.65 28.72
C HIS D 429 -4.83 24.35 28.02
N TYR D 430 -4.75 23.24 28.77
CA TYR D 430 -5.37 21.95 28.45
C TYR D 430 -4.91 21.36 27.11
N ASN D 431 -3.71 21.72 26.66
CA ASN D 431 -3.13 21.13 25.45
C ASN D 431 -2.27 19.96 25.89
N PRO D 432 -2.67 18.71 25.63
CA PRO D 432 -1.84 17.58 26.07
C PRO D 432 -0.53 17.45 25.31
N LYS D 433 -0.57 17.36 23.99
CA LYS D 433 0.63 17.02 23.25
C LYS D 433 1.55 18.22 23.01
N LEU D 434 1.03 19.44 23.07
CA LEU D 434 1.87 20.62 22.90
C LEU D 434 2.69 20.83 24.16
N CYS D 435 4.01 20.83 24.02
CA CYS D 435 4.91 20.91 25.16
C CYS D 435 5.32 22.36 25.44
N LEU D 436 6.00 22.55 26.58
CA LEU D 436 6.33 23.87 27.08
C LEU D 436 7.40 24.58 26.27
N SER D 437 8.20 23.85 25.47
CA SER D 437 9.29 24.47 24.75
C SER D 437 8.80 25.39 23.64
N GLU D 438 7.70 25.01 22.98
CA GLU D 438 7.15 25.85 21.91
C GLU D 438 6.56 27.14 22.46
N ILE D 439 5.90 27.07 23.61
CA ILE D 439 5.35 28.27 24.23
C ILE D 439 6.47 29.17 24.74
N HIS D 440 7.51 28.58 25.32
CA HIS D 440 8.62 29.37 25.83
C HIS D 440 9.48 29.93 24.71
N LYS D 441 9.42 29.33 23.53
CA LYS D 441 10.06 29.91 22.36
C LYS D 441 9.20 30.99 21.72
N MET D 442 7.87 30.84 21.75
CA MET D 442 6.99 31.85 21.17
C MET D 442 6.98 33.13 22.00
N GLU D 443 7.03 33.00 23.33
CA GLU D 443 6.98 34.18 24.19
C GLU D 443 8.26 35.01 24.15
N GLU D 444 9.35 34.51 23.58
CA GLU D 444 10.57 35.28 23.40
C GLU D 444 10.94 35.46 21.94
N VAL D 445 10.05 35.12 21.01
CA VAL D 445 10.18 35.49 19.62
C VAL D 445 9.06 36.42 19.18
N SER D 446 8.01 36.55 19.98
CA SER D 446 6.94 37.50 19.71
C SER D 446 7.11 38.80 20.46
N GLY D 447 7.62 38.77 21.69
CA GLY D 447 7.81 39.99 22.46
C GLY D 447 6.79 40.17 23.55
N THR D 448 6.43 39.08 24.24
CA THR D 448 5.48 39.14 25.33
C THR D 448 6.10 38.85 26.70
N LYS D 449 7.31 38.31 26.75
CA LYS D 449 8.05 38.29 28.00
C LYS D 449 8.80 39.59 28.24
N GLY D 450 9.09 40.35 27.18
CA GLY D 450 9.47 41.73 27.30
C GLY D 450 8.24 42.60 27.38
N ARG D 451 8.47 43.92 27.49
CA ARG D 451 7.47 44.99 27.75
C ARG D 451 6.45 44.57 28.81
N GLN D 452 6.99 44.03 29.91
CA GLN D 452 6.48 42.86 30.63
C GLN D 452 4.98 42.83 30.80
N GLU D 453 4.37 41.76 30.32
CA GLU D 453 2.93 41.53 30.39
C GLU D 453 2.71 40.08 30.80
N ARG D 454 2.00 39.89 31.91
CA ARG D 454 1.91 38.61 32.60
C ARG D 454 1.06 37.64 31.78
N ASN D 455 1.69 36.60 31.25
CA ASN D 455 0.94 35.55 30.60
C ASN D 455 0.23 34.70 31.65
N ASP D 456 -0.76 33.93 31.20
CA ASP D 456 -1.48 32.99 32.05
C ASP D 456 -1.35 31.62 31.41
N ILE D 457 -0.24 30.95 31.71
CA ILE D 457 0.08 29.64 31.14
C ILE D 457 0.10 28.64 32.29
N ALA D 458 -0.78 27.64 32.21
CA ALA D 458 -0.75 26.57 33.20
C ALA D 458 0.47 25.69 32.95
N LEU D 459 1.01 25.12 34.02
CA LEU D 459 2.29 24.43 33.95
C LEU D 459 2.14 22.92 34.01
N LYS D 460 1.09 22.41 34.65
CA LYS D 460 0.93 20.98 34.84
C LYS D 460 0.14 20.32 33.72
N THR D 461 -0.76 21.05 33.06
CA THR D 461 -1.64 20.46 32.05
C THR D 461 -1.19 20.75 30.63
N ASN D 462 -0.01 21.33 30.45
CA ASN D 462 0.62 21.44 29.14
C ASN D 462 1.76 20.44 29.05
N GLY D 463 1.82 19.76 27.91
CA GLY D 463 2.96 18.88 27.67
C GLY D 463 2.91 17.56 28.41
N ASP D 464 1.82 16.83 28.25
CA ASP D 464 1.70 15.46 28.72
C ASP D 464 1.73 14.50 27.54
N LYS D 465 1.97 13.22 27.85
CA LYS D 465 2.06 12.13 26.86
C LYS D 465 3.10 12.39 25.77
N ALA D 466 4.15 13.14 26.11
CA ALA D 466 5.18 13.55 25.17
C ALA D 466 6.43 13.90 25.98
N SER D 467 7.39 14.54 25.33
CA SER D 467 8.63 14.92 25.99
C SER D 467 9.29 16.05 25.22
N CYS D 468 9.57 17.17 25.91
CA CYS D 468 10.28 18.28 25.28
C CYS D 468 11.34 18.93 26.16
N GLU D 469 11.77 18.28 27.24
CA GLU D 469 12.94 18.73 28.00
C GLU D 469 14.15 17.86 27.67
N ASN D 470 14.26 17.47 26.39
CA ASN D 470 15.21 16.47 25.96
C ASN D 470 16.61 17.07 25.80
N GLU D 471 17.59 16.17 25.75
CA GLU D 471 18.95 16.49 25.34
C GLU D 471 19.05 16.28 23.84
N LEU D 472 20.27 16.25 23.31
CA LEU D 472 20.43 16.01 21.87
C LEU D 472 21.58 15.04 21.62
N LEU D 473 21.39 14.16 20.64
CA LEU D 473 22.42 13.26 20.17
C LEU D 473 23.22 13.93 19.06
N LYS D 474 24.35 13.31 18.71
CA LYS D 474 25.22 13.80 17.64
C LYS D 474 25.71 12.61 16.83
N PHE D 475 25.55 12.68 15.52
CA PHE D 475 26.09 11.64 14.65
C PHE D 475 27.60 11.80 14.54
N SER D 476 28.30 10.71 14.22
CA SER D 476 29.76 10.73 14.23
C SER D 476 30.39 10.11 13.00
N TYR D 477 29.68 9.27 12.26
CA TYR D 477 30.26 8.52 11.14
C TYR D 477 29.19 8.31 10.07
N ILE D 478 29.17 9.20 9.09
CA ILE D 478 28.24 9.12 7.97
C ILE D 478 29.04 8.77 6.73
N ARG D 479 29.02 7.50 6.34
CA ARG D 479 29.71 7.04 5.15
C ARG D 479 28.68 6.55 4.15
N THR D 480 28.62 7.21 2.99
CA THR D 480 27.60 6.94 1.99
C THR D 480 28.15 6.05 0.88
N SER D 481 27.24 5.33 0.24
CA SER D 481 27.55 4.55 -0.95
C SER D 481 26.51 4.87 -2.03
N PHE D 482 26.53 4.08 -3.10
CA PHE D 482 25.59 4.33 -4.19
C PHE D 482 24.18 3.83 -3.87
N ASP D 483 24.05 2.90 -2.93
CA ASP D 483 22.74 2.31 -2.67
C ASP D 483 22.44 2.33 -1.17
N LYS D 484 23.47 2.18 -0.34
CA LYS D 484 23.29 2.03 1.10
C LYS D 484 23.97 3.17 1.83
N ILE D 485 23.53 3.42 3.06
CA ILE D 485 24.16 4.39 3.96
C ILE D 485 24.23 3.77 5.35
N LEU D 486 25.43 3.60 5.88
CA LEU D 486 25.58 3.23 7.28
C LEU D 486 25.90 4.48 8.08
N LEU D 487 25.41 4.52 9.32
CA LEU D 487 25.52 5.72 10.12
C LEU D 487 25.47 5.36 11.59
N ARG D 488 26.32 6.04 12.38
CA ARG D 488 26.50 5.76 13.80
C ARG D 488 26.49 7.08 14.57
N TRP D 489 25.92 7.05 15.77
CA TRP D 489 25.80 8.23 16.62
C TRP D 489 26.37 7.93 18.00
N GLU D 490 26.38 8.96 18.84
CA GLU D 490 26.95 8.86 20.18
C GLU D 490 26.07 7.97 21.06
N PRO D 491 26.68 7.23 22.00
CA PRO D 491 25.87 6.43 22.93
C PRO D 491 25.20 7.32 23.96
N TYR D 492 24.00 6.93 24.35
CA TYR D 492 23.22 7.68 25.32
C TYR D 492 22.76 6.75 26.43
N TRP D 493 22.85 7.24 27.66
CA TRP D 493 22.43 6.44 28.81
C TRP D 493 21.70 7.31 29.83
N PRO D 494 20.43 7.02 30.11
CA PRO D 494 19.73 7.68 31.22
C PRO D 494 20.35 7.27 32.56
N PRO D 495 20.11 8.03 33.64
CA PRO D 495 20.80 7.74 34.91
C PRO D 495 20.51 6.38 35.52
N ASP D 496 19.36 5.78 35.22
CA ASP D 496 19.11 4.37 35.49
C ASP D 496 19.15 3.67 34.13
N PHE D 497 20.23 2.95 33.85
CA PHE D 497 20.56 2.54 32.49
C PHE D 497 19.63 1.46 31.94
N ARG D 498 18.72 0.91 32.72
CA ARG D 498 17.72 -0.01 32.20
C ARG D 498 16.47 0.69 31.71
N ASP D 499 16.42 2.02 31.79
CA ASP D 499 15.23 2.74 31.35
C ASP D 499 15.15 2.80 29.83
N LEU D 500 16.30 2.84 29.15
CA LEU D 500 16.32 2.93 27.70
C LEU D 500 15.87 1.61 27.09
N LEU D 501 14.87 1.67 26.22
CA LEU D 501 14.34 0.49 25.56
C LEU D 501 14.87 0.29 24.15
N GLY D 502 15.14 1.37 23.42
CA GLY D 502 15.68 1.24 22.08
C GLY D 502 15.60 2.56 21.35
N PHE D 503 16.35 2.62 20.26
CA PHE D 503 16.39 3.81 19.41
C PHE D 503 15.40 3.64 18.26
N MET D 504 14.85 4.76 17.79
CA MET D 504 13.98 4.77 16.63
C MET D 504 14.55 5.76 15.62
N LEU D 505 14.78 5.29 14.40
CA LEU D 505 15.40 6.07 13.34
C LEU D 505 14.37 6.35 12.26
N PHE D 506 14.12 7.63 12.02
CA PHE D 506 13.20 8.08 10.98
C PHE D 506 14.00 8.63 9.81
N TYR D 507 13.62 8.23 8.59
CA TYR D 507 14.20 8.81 7.39
C TYR D 507 13.10 9.00 6.34
N LYS D 508 13.31 10.00 5.48
CA LYS D 508 12.33 10.30 4.43
C LYS D 508 13.04 11.03 3.29
N GLU D 509 12.63 10.73 2.06
CA GLU D 509 13.21 11.39 0.91
C GLU D 509 12.70 12.82 0.81
N ALA D 510 13.61 13.78 0.77
CA ALA D 510 13.24 15.19 0.72
C ALA D 510 14.20 15.97 -0.17
N PRO D 511 13.77 16.38 -1.36
CA PRO D 511 14.67 17.13 -2.25
C PRO D 511 14.83 18.60 -1.90
N TYR D 512 14.20 19.08 -0.83
CA TYR D 512 14.33 20.44 -0.37
C TYR D 512 14.84 20.46 1.07
N GLN D 513 15.05 21.66 1.60
CA GLN D 513 15.60 21.84 2.93
C GLN D 513 14.66 22.65 3.82
N ASN D 514 13.37 22.32 3.78
CA ASN D 514 12.38 22.96 4.63
C ASN D 514 11.54 21.96 5.41
N VAL D 515 11.96 20.69 5.45
CA VAL D 515 11.18 19.67 6.13
C VAL D 515 11.52 19.67 7.61
N THR D 516 10.49 19.57 8.46
CA THR D 516 10.64 19.47 9.89
C THR D 516 10.06 18.15 10.38
N GLU D 517 9.95 18.00 11.70
CA GLU D 517 9.59 16.70 12.27
C GLU D 517 8.12 16.37 12.07
N PHE D 518 7.23 17.18 12.63
CA PHE D 518 5.79 16.88 12.62
C PHE D 518 5.15 17.54 11.41
N ASP D 519 5.48 17.03 10.22
CA ASP D 519 4.91 17.48 8.97
C ASP D 519 4.47 16.27 8.15
N GLY D 520 3.33 16.41 7.46
CA GLY D 520 2.87 15.42 6.54
C GLY D 520 1.72 14.56 7.00
N GLN D 521 1.59 14.33 8.31
CA GLN D 521 0.49 13.47 8.77
C GLN D 521 -0.84 14.21 8.77
N ASP D 522 -0.96 15.27 9.59
CA ASP D 522 -2.16 16.12 9.73
C ASP D 522 -3.42 15.31 10.00
N ALA D 523 -3.27 14.23 10.77
CA ALA D 523 -4.36 13.27 10.94
C ALA D 523 -4.10 12.44 12.19
N CYS D 524 -4.88 11.36 12.32
CA CYS D 524 -4.80 10.42 13.44
C CYS D 524 -3.62 9.49 13.24
N GLY D 525 -2.54 9.75 13.97
CA GLY D 525 -1.43 8.81 14.15
C GLY D 525 -0.67 8.39 12.92
N SER D 526 -0.94 8.98 11.75
CA SER D 526 -0.30 8.56 10.53
C SER D 526 1.12 9.10 10.45
N ASN D 527 1.81 8.73 9.37
CA ASN D 527 3.20 9.13 9.20
C ASN D 527 3.53 9.17 7.72
N SER D 528 4.37 10.12 7.33
CA SER D 528 4.97 10.13 6.02
C SER D 528 6.43 9.72 6.05
N TRP D 529 6.99 9.48 7.23
CA TRP D 529 8.36 9.04 7.41
C TRP D 529 8.45 7.53 7.25
N THR D 530 9.67 7.01 7.29
CA THR D 530 9.92 5.58 7.38
C THR D 530 10.75 5.32 8.62
N VAL D 531 10.26 4.42 9.48
CA VAL D 531 10.78 4.23 10.83
C VAL D 531 11.39 2.83 10.93
N VAL D 532 12.58 2.75 11.52
CA VAL D 532 13.20 1.48 11.87
C VAL D 532 13.61 1.52 13.33
N ASP D 533 13.72 0.35 13.94
CA ASP D 533 14.06 0.21 15.35
C ASP D 533 15.46 -0.36 15.51
N ILE D 534 16.18 0.15 16.51
CA ILE D 534 17.52 -0.30 16.84
C ILE D 534 17.54 -0.73 18.29
N ASP D 535 18.09 -1.92 18.55
CA ASP D 535 18.26 -2.37 19.91
C ASP D 535 19.37 -1.56 20.59
N PRO D 536 19.31 -1.43 21.93
CA PRO D 536 20.37 -0.71 22.63
C PRO D 536 21.65 -1.51 22.62
N PRO D 537 22.81 -0.86 22.73
CA PRO D 537 24.08 -1.56 22.72
C PRO D 537 24.36 -2.22 24.07
N LEU D 538 25.55 -2.81 24.18
CA LEU D 538 25.99 -3.41 25.43
C LEU D 538 26.79 -2.40 26.23
N ARG D 539 26.48 -2.29 27.51
CA ARG D 539 27.21 -1.40 28.41
C ARG D 539 28.41 -2.15 28.96
N SER D 540 29.60 -1.78 28.50
CA SER D 540 30.85 -2.37 28.96
C SER D 540 31.40 -1.66 30.19
N ASN D 541 30.57 -0.82 30.85
CA ASN D 541 30.88 -0.15 32.11
C ASN D 541 32.10 0.77 31.99
N ASP D 542 32.24 1.38 30.82
CA ASP D 542 33.40 2.18 30.47
C ASP D 542 33.00 3.17 29.39
N PRO D 543 33.22 4.48 29.60
CA PRO D 543 32.88 5.46 28.55
C PRO D 543 33.80 5.41 27.34
N LYS D 544 34.94 4.73 27.42
CA LYS D 544 35.88 4.62 26.30
C LYS D 544 35.88 3.16 25.83
N SER D 545 34.98 2.83 24.93
CA SER D 545 34.89 1.49 24.36
C SER D 545 34.27 1.57 22.98
N GLN D 546 34.43 0.49 22.21
CA GLN D 546 33.80 0.35 20.90
C GLN D 546 32.41 -0.21 21.14
N ASN D 547 31.44 0.67 21.37
CA ASN D 547 30.09 0.23 21.69
C ASN D 547 28.98 0.99 20.98
N HIS D 548 29.22 2.18 20.41
CA HIS D 548 28.13 3.07 20.02
C HIS D 548 27.36 2.50 18.82
N PRO D 549 26.03 2.57 18.82
CA PRO D 549 25.25 1.81 17.85
C PRO D 549 25.22 2.46 16.47
N GLY D 550 24.45 1.87 15.57
CA GLY D 550 24.34 2.41 14.23
C GLY D 550 23.45 1.53 13.38
N TRP D 551 23.17 2.01 12.18
CA TRP D 551 22.25 1.29 11.30
C TRP D 551 22.72 1.44 9.86
N LEU D 552 22.33 0.48 9.04
CA LEU D 552 22.69 0.42 7.62
C LEU D 552 21.40 0.42 6.81
N MET D 553 21.01 1.59 6.30
CA MET D 553 19.87 1.69 5.41
C MET D 553 20.24 1.16 4.03
N ARG D 554 19.42 0.28 3.49
CA ARG D 554 19.74 -0.48 2.29
C ARG D 554 18.92 -0.10 1.07
N GLY D 555 17.59 -0.12 1.18
CA GLY D 555 16.74 0.06 0.01
C GLY D 555 16.52 1.50 -0.39
N LEU D 556 17.52 2.13 -0.98
CA LEU D 556 17.44 3.53 -1.40
C LEU D 556 17.49 3.64 -2.92
N LYS D 557 17.50 4.89 -3.39
CA LYS D 557 17.66 5.25 -4.78
C LYS D 557 18.87 6.17 -4.94
N PRO D 558 19.63 6.04 -6.02
CA PRO D 558 20.85 6.86 -6.16
C PRO D 558 20.54 8.30 -6.50
N TRP D 559 21.40 9.19 -5.99
CA TRP D 559 21.38 10.64 -6.25
C TRP D 559 20.05 11.27 -5.83
N THR D 560 19.79 11.23 -4.52
CA THR D 560 18.68 11.96 -3.93
C THR D 560 19.11 12.46 -2.55
N GLN D 561 18.27 13.31 -1.97
CA GLN D 561 18.56 13.93 -0.68
C GLN D 561 17.62 13.36 0.37
N TYR D 562 18.19 12.69 1.36
CA TYR D 562 17.44 12.07 2.44
C TYR D 562 17.53 12.92 3.70
N ALA D 563 16.41 13.00 4.43
CA ALA D 563 16.35 13.64 5.73
C ALA D 563 16.25 12.57 6.80
N ILE D 564 17.13 12.65 7.80
CA ILE D 564 17.36 11.57 8.75
C ILE D 564 17.41 12.18 10.15
N PHE D 565 16.67 11.59 11.09
CA PHE D 565 16.88 11.89 12.50
C PHE D 565 16.54 10.66 13.33
N VAL D 566 16.91 10.70 14.61
CA VAL D 566 16.83 9.54 15.49
C VAL D 566 16.46 10.01 16.90
N LYS D 567 15.61 9.23 17.58
CA LYS D 567 15.19 9.56 18.93
C LYS D 567 15.13 8.30 19.79
N THR D 568 15.39 8.47 21.09
CA THR D 568 15.36 7.34 21.99
C THR D 568 13.92 6.97 22.35
N LEU D 569 13.78 5.86 23.06
CA LEU D 569 12.47 5.42 23.56
C LEU D 569 12.65 4.98 25.01
N VAL D 570 12.43 5.89 25.95
CA VAL D 570 12.61 5.60 27.36
C VAL D 570 11.25 5.40 28.01
N THR D 571 11.24 4.68 29.12
CA THR D 571 10.03 4.48 29.89
C THR D 571 9.81 5.65 30.85
N PHE D 572 8.55 5.84 31.23
CA PHE D 572 8.21 6.93 32.15
C PHE D 572 8.69 6.59 33.56
N SER D 573 9.39 7.54 34.18
CA SER D 573 9.69 7.41 35.60
C SER D 573 8.44 7.68 36.41
N ASP D 574 8.49 7.31 37.69
CA ASP D 574 7.31 7.47 38.56
C ASP D 574 7.29 8.84 39.24
N GLU D 575 7.53 9.90 38.46
CA GLU D 575 7.36 11.27 38.90
C GLU D 575 6.77 12.13 37.79
N ARG D 576 6.34 11.52 36.68
CA ARG D 576 6.11 12.18 35.39
C ARG D 576 7.33 13.00 34.97
N ARG D 577 8.42 12.27 34.67
CA ARG D 577 9.67 12.85 34.19
C ARG D 577 10.18 11.98 33.04
N THR D 578 9.99 12.44 31.81
CA THR D 578 10.44 11.70 30.64
C THR D 578 11.77 12.27 30.15
N TYR D 579 12.77 11.42 30.06
CA TYR D 579 14.08 11.76 29.55
C TYR D 579 14.11 11.52 28.04
N GLY D 580 15.29 11.53 27.46
CA GLY D 580 15.47 11.19 26.06
C GLY D 580 16.19 12.28 25.30
N ALA D 581 16.44 12.00 24.02
CA ALA D 581 17.13 12.93 23.15
C ALA D 581 16.75 12.63 21.72
N LYS D 582 16.41 13.68 20.97
CA LYS D 582 16.25 13.59 19.53
C LYS D 582 17.28 14.49 18.87
N SER D 583 18.04 13.92 17.94
CA SER D 583 19.08 14.68 17.28
C SER D 583 18.48 15.64 16.27
N ASP D 584 19.33 16.51 15.72
CA ASP D 584 18.87 17.45 14.73
C ASP D 584 18.62 16.74 13.40
N ILE D 585 17.73 17.32 12.59
CA ILE D 585 17.45 16.80 11.26
C ILE D 585 18.71 16.96 10.42
N ILE D 586 19.22 15.86 9.87
CA ILE D 586 20.38 15.94 9.01
C ILE D 586 19.96 15.58 7.59
N TYR D 587 20.73 16.09 6.63
CA TYR D 587 20.49 15.87 5.22
C TYR D 587 21.71 15.16 4.62
N VAL D 588 21.46 14.03 3.97
CA VAL D 588 22.52 13.25 3.37
C VAL D 588 22.17 13.04 1.89
N GLN D 589 23.20 12.79 1.07
CA GLN D 589 23.00 12.59 -0.36
C GLN D 589 23.74 11.34 -0.79
N THR D 590 23.02 10.41 -1.40
CA THR D 590 23.64 9.22 -1.94
C THR D 590 24.45 9.57 -3.19
N ASP D 591 25.23 8.61 -3.67
CA ASP D 591 26.17 8.88 -4.74
C ASP D 591 25.55 8.54 -6.10
N ALA D 592 26.33 8.69 -7.15
CA ALA D 592 25.86 8.50 -8.52
C ALA D 592 26.16 7.09 -9.02
N THR D 593 25.42 6.68 -10.04
CA THR D 593 25.51 5.35 -10.61
C THR D 593 25.23 5.52 -12.11
N ASN D 594 25.78 4.64 -12.93
CA ASN D 594 25.51 4.69 -14.36
C ASN D 594 24.03 4.42 -14.65
N PRO D 595 23.42 5.17 -15.56
CA PRO D 595 21.96 5.10 -15.74
C PRO D 595 21.47 3.85 -16.46
N SER D 596 20.20 3.86 -16.84
CA SER D 596 19.60 2.78 -17.60
C SER D 596 19.63 3.13 -19.09
N VAL D 597 18.95 2.34 -19.91
CA VAL D 597 18.96 2.52 -21.35
C VAL D 597 18.07 3.68 -21.75
N PRO D 598 18.37 4.38 -22.84
CA PRO D 598 17.41 5.37 -23.37
C PRO D 598 16.22 4.67 -24.00
N LEU D 599 15.02 5.06 -23.59
CA LEU D 599 13.82 4.36 -24.00
C LEU D 599 13.37 4.75 -25.40
N ASP D 600 12.63 3.81 -26.03
CA ASP D 600 11.92 3.75 -27.33
C ASP D 600 12.51 4.64 -28.42
N PRO D 601 13.70 4.33 -28.93
CA PRO D 601 14.24 5.11 -30.05
C PRO D 601 13.50 4.81 -31.35
N ILE D 602 13.31 5.85 -32.15
CA ILE D 602 12.67 5.74 -33.45
C ILE D 602 13.56 6.44 -34.47
N SER D 603 13.39 6.09 -35.74
CA SER D 603 14.34 6.52 -36.75
C SER D 603 13.66 6.57 -38.12
N VAL D 604 13.27 7.76 -38.55
CA VAL D 604 12.67 7.99 -39.86
C VAL D 604 13.71 8.68 -40.75
N SER D 605 13.71 8.35 -42.04
CA SER D 605 14.60 8.97 -43.01
C SER D 605 13.82 9.93 -43.91
N ASN D 606 14.55 10.79 -44.60
CA ASN D 606 13.93 11.77 -45.48
C ASN D 606 14.68 12.00 -46.80
N SER D 607 15.77 11.28 -47.04
CA SER D 607 16.56 11.49 -48.25
C SER D 607 17.23 10.18 -48.62
N SER D 608 18.23 10.25 -49.50
CA SER D 608 18.97 9.08 -49.91
C SER D 608 20.16 8.76 -49.01
N SER D 609 20.57 9.70 -48.16
CA SER D 609 21.73 9.46 -47.31
C SER D 609 21.58 10.01 -45.89
N GLN D 610 20.36 10.21 -45.40
CA GLN D 610 20.16 10.78 -44.07
C GLN D 610 19.28 9.87 -43.22
N ILE D 611 19.60 9.81 -41.93
CA ILE D 611 18.72 9.26 -40.90
C ILE D 611 18.56 10.36 -39.85
N ILE D 612 17.35 10.52 -39.33
CA ILE D 612 17.14 11.30 -38.12
C ILE D 612 16.68 10.35 -37.03
N LEU D 613 16.98 10.69 -35.79
CA LEU D 613 16.62 9.85 -34.66
C LEU D 613 15.80 10.62 -33.65
N LYS D 614 14.93 9.91 -32.95
CA LYS D 614 14.16 10.45 -31.84
C LYS D 614 14.04 9.36 -30.80
N TRP D 615 14.32 9.70 -29.55
CA TRP D 615 14.28 8.73 -28.46
C TRP D 615 13.64 9.40 -27.25
N LYS D 616 13.76 8.78 -26.09
CA LYS D 616 13.38 9.47 -24.87
C LYS D 616 14.56 9.52 -23.91
N PRO D 617 14.61 10.51 -23.02
CA PRO D 617 15.55 10.44 -21.91
C PRO D 617 15.20 9.28 -21.01
N PRO D 618 16.20 8.69 -20.34
CA PRO D 618 15.95 7.45 -19.59
C PRO D 618 15.07 7.68 -18.36
N SER D 619 14.60 6.57 -17.80
CA SER D 619 13.66 6.63 -16.68
C SER D 619 14.34 7.14 -15.42
N ASP D 620 15.44 6.50 -15.03
CA ASP D 620 16.24 6.94 -13.88
C ASP D 620 17.59 7.47 -14.34
N PRO D 621 17.76 8.80 -14.43
CA PRO D 621 19.03 9.34 -14.94
C PRO D 621 20.20 9.15 -13.99
N ASN D 622 19.95 9.11 -12.68
CA ASN D 622 20.96 8.91 -11.63
C ASN D 622 22.07 9.97 -11.70
N GLY D 623 21.67 11.20 -11.98
CA GLY D 623 22.60 12.31 -12.04
C GLY D 623 22.31 13.23 -13.21
N ASN D 624 23.04 14.34 -13.23
CA ASN D 624 22.98 15.27 -14.34
C ASN D 624 23.62 14.64 -15.57
N ILE D 625 22.79 14.24 -16.54
CA ILE D 625 23.29 13.62 -17.75
C ILE D 625 24.00 14.68 -18.58
N THR D 626 25.31 14.49 -18.79
CA THR D 626 26.06 15.48 -19.54
C THR D 626 25.83 15.34 -21.04
N HIS D 627 25.87 14.11 -21.57
CA HIS D 627 25.79 13.95 -23.01
C HIS D 627 25.20 12.59 -23.35
N TYR D 628 25.04 12.36 -24.64
CA TYR D 628 24.73 11.04 -25.16
C TYR D 628 25.88 10.59 -26.05
N LEU D 629 25.79 9.37 -26.53
CA LEU D 629 26.79 8.80 -27.42
C LEU D 629 26.09 7.85 -28.38
N VAL D 630 26.41 7.95 -29.67
CA VAL D 630 25.66 7.18 -30.64
C VAL D 630 26.62 6.57 -31.66
N PHE D 631 26.50 5.26 -31.86
CA PHE D 631 27.27 4.55 -32.86
C PHE D 631 26.33 4.04 -33.95
N TRP D 632 26.82 4.03 -35.18
CA TRP D 632 26.09 3.42 -36.28
C TRP D 632 27.05 2.52 -37.06
N GLU D 633 26.60 1.29 -37.34
CA GLU D 633 27.38 0.38 -38.16
C GLU D 633 26.51 -0.14 -39.28
N ARG D 634 27.16 -0.69 -40.31
CA ARG D 634 26.45 -1.17 -41.48
C ARG D 634 26.07 -2.63 -41.30
N GLN D 635 24.85 -2.97 -41.72
CA GLN D 635 24.41 -4.34 -41.86
C GLN D 635 24.18 -4.52 -43.36
N ALA D 636 25.10 -5.22 -44.02
CA ALA D 636 25.26 -5.19 -45.48
C ALA D 636 24.07 -5.73 -46.24
N GLU D 637 23.80 -7.03 -46.13
CA GLU D 637 22.76 -7.69 -46.90
C GLU D 637 22.54 -9.08 -46.33
N ASP D 638 21.28 -9.49 -46.24
CA ASP D 638 20.92 -10.83 -45.76
C ASP D 638 21.16 -11.81 -46.90
N SER D 639 22.31 -12.50 -46.84
CA SER D 639 22.78 -13.30 -47.97
C SER D 639 21.92 -14.53 -48.25
N GLU D 640 21.18 -15.03 -47.24
CA GLU D 640 20.24 -16.11 -47.48
C GLU D 640 19.03 -15.68 -48.30
N LEU D 641 18.85 -14.38 -48.54
CA LEU D 641 17.88 -13.90 -49.50
C LEU D 641 18.33 -14.14 -50.94
N PHE D 642 19.59 -14.52 -51.16
CA PHE D 642 20.11 -14.79 -52.50
C PHE D 642 19.51 -16.03 -53.17
N GLU D 643 18.79 -16.88 -52.44
CA GLU D 643 18.41 -18.18 -53.00
C GLU D 643 16.90 -18.39 -53.06
N LEU D 644 16.16 -17.40 -53.56
CA LEU D 644 14.71 -17.52 -53.69
C LEU D 644 14.27 -16.99 -55.04
N ASP D 645 13.56 -17.82 -55.80
CA ASP D 645 12.89 -17.38 -57.02
C ASP D 645 11.71 -16.49 -56.62
N TYR D 646 11.82 -15.19 -56.86
CA TYR D 646 10.85 -14.25 -56.33
C TYR D 646 9.55 -14.20 -57.11
N CYS D 647 9.50 -14.70 -58.35
CA CYS D 647 8.25 -14.70 -59.11
C CYS D 647 7.46 -15.98 -58.93
N LEU D 648 7.21 -16.38 -57.69
CA LEU D 648 6.34 -17.52 -57.40
C LEU D 648 5.24 -17.17 -56.42
N LYS D 649 5.55 -16.41 -55.37
CA LYS D 649 4.53 -16.07 -54.38
C LYS D 649 4.50 -14.58 -54.07
N GLY D 650 5.65 -13.90 -54.16
CA GLY D 650 5.71 -12.50 -53.82
C GLY D 650 7.03 -12.07 -53.20
N LEU D 651 6.98 -11.47 -52.02
CA LEU D 651 8.16 -10.92 -51.35
C LEU D 651 8.37 -11.63 -50.02
N LYS D 652 9.64 -11.97 -49.74
CA LYS D 652 9.98 -12.60 -48.46
C LYS D 652 9.89 -11.60 -47.31
N LEU D 653 10.42 -10.39 -47.51
CA LEU D 653 10.41 -9.37 -46.47
C LEU D 653 9.05 -8.70 -46.32
N CYS D 683 8.25 -7.71 5.87
CA CYS D 683 8.85 -6.43 5.53
C CYS D 683 8.08 -5.28 6.14
N SER D 684 6.90 -5.56 6.67
CA SER D 684 6.07 -4.55 7.31
C SER D 684 6.43 -4.43 8.79
N CYS D 685 6.32 -3.22 9.32
CA CYS D 685 6.58 -2.96 10.74
C CYS D 685 5.79 -1.76 11.23
N PRO D 686 4.51 -1.94 11.57
CA PRO D 686 3.79 -0.88 12.29
C PRO D 686 3.84 -1.08 13.80
N LYS D 687 3.91 0.04 14.51
CA LYS D 687 3.97 0.04 15.97
C LYS D 687 2.76 0.82 16.49
N THR D 688 1.74 0.08 16.92
CA THR D 688 0.52 0.69 17.41
C THR D 688 0.63 1.04 18.90
N ASP D 689 -0.41 1.70 19.39
CA ASP D 689 -0.42 2.23 20.76
C ASP D 689 -0.44 1.08 21.77
N SER D 690 -1.25 0.05 21.50
CA SER D 690 -1.34 -1.09 22.42
C SER D 690 -0.03 -1.87 22.47
N GLN D 691 0.63 -2.05 21.32
CA GLN D 691 1.89 -2.77 21.29
C GLN D 691 3.01 -1.98 21.98
N ILE D 692 3.04 -0.66 21.78
CA ILE D 692 4.04 0.18 22.43
C ILE D 692 3.85 0.18 23.95
N LEU D 693 2.60 0.28 24.41
CA LEU D 693 2.34 0.28 25.85
C LEU D 693 2.59 -1.09 26.47
N LYS D 694 2.30 -2.17 25.75
CA LYS D 694 2.61 -3.50 26.27
C LYS D 694 4.11 -3.72 26.38
N GLU D 695 4.87 -3.22 25.39
CA GLU D 695 6.32 -3.36 25.41
C GLU D 695 6.94 -2.59 26.56
N LEU D 696 6.56 -1.32 26.72
CA LEU D 696 7.13 -0.53 27.80
C LEU D 696 6.41 -0.71 29.13
N GLU D 697 5.49 -1.66 29.22
CA GLU D 697 5.08 -2.18 30.52
C GLU D 697 5.84 -3.44 30.92
N GLU D 698 6.08 -4.34 29.97
CA GLU D 698 6.90 -5.53 30.26
C GLU D 698 8.34 -5.14 30.59
N SER D 699 8.87 -4.14 29.89
CA SER D 699 10.23 -3.67 30.12
C SER D 699 10.38 -2.86 31.41
N SER D 700 9.30 -2.64 32.15
CA SER D 700 9.39 -2.15 33.52
C SER D 700 9.02 -3.20 34.55
N PHE D 701 8.23 -4.21 34.16
CA PHE D 701 7.96 -5.33 35.05
C PHE D 701 9.23 -6.12 35.36
N ARG D 702 10.09 -6.32 34.35
CA ARG D 702 11.35 -7.04 34.59
C ARG D 702 12.27 -6.23 35.51
N LYS D 703 12.28 -4.91 35.34
CA LYS D 703 13.08 -4.03 36.20
C LYS D 703 12.58 -4.06 37.64
N THR D 704 11.25 -4.09 37.85
CA THR D 704 10.73 -4.18 39.20
C THR D 704 11.03 -5.53 39.85
N PHE D 705 11.04 -6.63 39.07
CA PHE D 705 11.38 -7.90 39.70
C PHE D 705 12.83 -7.96 40.14
N GLU D 706 13.76 -7.50 39.29
CA GLU D 706 15.15 -7.55 39.76
C GLU D 706 15.46 -6.48 40.80
N ASP D 707 14.66 -5.41 40.87
CA ASP D 707 14.82 -4.48 41.99
C ASP D 707 14.34 -5.10 43.29
N TYR D 708 13.26 -5.89 43.25
CA TYR D 708 12.83 -6.62 44.44
C TYR D 708 13.88 -7.65 44.86
N LEU D 709 14.52 -8.29 43.88
CA LEU D 709 15.55 -9.29 44.19
C LEU D 709 16.76 -8.65 44.86
N HIS D 710 17.19 -7.48 44.36
CA HIS D 710 18.32 -6.79 44.98
C HIS D 710 17.95 -6.19 46.32
N ASN D 711 16.66 -5.85 46.54
CA ASN D 711 16.25 -5.43 47.87
C ASN D 711 16.26 -6.58 48.87
N VAL D 712 15.91 -7.79 48.43
CA VAL D 712 15.75 -8.90 49.37
C VAL D 712 17.08 -9.55 49.70
N VAL D 713 17.93 -9.83 48.71
CA VAL D 713 19.09 -10.69 48.99
C VAL D 713 20.28 -9.98 49.62
N PHE D 714 20.24 -8.65 49.77
CA PHE D 714 21.35 -7.89 50.36
C PHE D 714 20.90 -7.31 51.69
N VAL D 715 21.37 -7.90 52.78
CA VAL D 715 20.96 -7.52 54.13
C VAL D 715 22.09 -6.74 54.78
N PRO D 716 21.84 -5.54 55.32
CA PRO D 716 22.89 -4.79 55.98
C PRO D 716 23.20 -5.35 57.36
N ARG D 717 24.33 -4.92 57.90
CA ARG D 717 24.66 -5.29 59.27
C ARG D 717 24.34 -4.16 60.23
N PRO D 718 23.92 -4.45 61.47
CA PRO D 718 23.65 -3.38 62.43
C PRO D 718 24.90 -2.89 63.15
N HIS D 756 36.86 -0.58 -36.83
CA HIS D 756 35.78 -0.24 -35.92
C HIS D 756 34.74 0.64 -36.60
N ARG D 757 33.74 1.07 -35.83
CA ARG D 757 32.65 1.88 -36.34
C ARG D 757 32.79 3.32 -35.85
N PRO D 758 32.31 4.30 -36.62
CA PRO D 758 32.41 5.69 -36.17
C PRO D 758 31.40 5.99 -35.06
N PHE D 759 31.61 7.14 -34.43
CA PHE D 759 30.83 7.54 -33.27
C PHE D 759 30.48 9.02 -33.39
N GLU D 760 29.40 9.41 -32.70
CA GLU D 760 29.07 10.82 -32.61
C GLU D 760 28.61 11.13 -31.18
N LYS D 761 28.88 12.36 -30.76
CA LYS D 761 28.67 12.80 -29.39
C LYS D 761 27.71 13.99 -29.41
N VAL D 762 26.45 13.72 -29.09
CA VAL D 762 25.41 14.76 -29.04
C VAL D 762 25.21 15.18 -27.59
N VAL D 763 25.23 16.49 -27.35
CA VAL D 763 25.02 17.06 -26.03
C VAL D 763 23.66 17.75 -26.01
N ASN D 764 23.02 17.74 -24.81
CA ASN D 764 21.75 18.33 -24.39
C ASN D 764 20.66 18.39 -25.46
N LYS D 765 20.46 17.29 -26.18
CA LYS D 765 19.50 17.21 -27.27
C LYS D 765 18.87 15.81 -27.25
N GLU D 766 17.79 15.64 -28.02
CA GLU D 766 17.16 14.34 -28.15
C GLU D 766 16.95 13.97 -29.62
N SER D 767 17.86 14.39 -30.49
CA SER D 767 17.80 14.05 -31.91
C SER D 767 19.19 14.14 -32.50
N LEU D 768 19.34 13.57 -33.70
CA LEU D 768 20.62 13.57 -34.40
C LEU D 768 20.37 13.33 -35.88
N VAL D 769 21.00 14.12 -36.73
CA VAL D 769 20.88 13.99 -38.18
C VAL D 769 22.18 13.37 -38.71
N ILE D 770 22.15 12.06 -38.95
CA ILE D 770 23.32 11.38 -39.51
C ILE D 770 23.42 11.72 -41.00
N SER D 771 24.65 11.87 -41.50
CA SER D 771 24.88 12.12 -42.91
C SER D 771 25.98 11.21 -43.43
N GLY D 772 26.22 11.29 -44.74
CA GLY D 772 27.27 10.54 -45.40
C GLY D 772 27.05 9.04 -45.40
N LEU D 773 25.97 8.58 -46.01
CA LEU D 773 25.55 7.19 -45.93
C LEU D 773 25.31 6.61 -47.32
N ARG D 774 25.29 5.28 -47.38
CA ARG D 774 24.93 4.56 -48.59
C ARG D 774 23.42 4.43 -48.68
N HIS D 775 22.90 4.31 -49.91
CA HIS D 775 21.46 4.31 -50.15
C HIS D 775 20.89 2.89 -50.00
N PHE D 776 19.78 2.80 -49.24
CA PHE D 776 19.01 1.57 -49.02
C PHE D 776 19.84 0.44 -48.44
N THR D 777 20.67 0.77 -47.45
CA THR D 777 21.45 -0.22 -46.71
C THR D 777 21.11 -0.06 -45.24
N GLY D 778 20.63 -1.14 -44.61
CA GLY D 778 20.13 -1.06 -43.25
C GLY D 778 21.26 -0.86 -42.25
N TYR D 779 21.16 0.19 -41.46
CA TYR D 779 22.13 0.49 -40.42
C TYR D 779 21.63 -0.01 -39.07
N ARG D 780 22.57 -0.37 -38.21
CA ARG D 780 22.29 -0.70 -36.82
C ARG D 780 22.88 0.39 -35.93
N ILE D 781 22.04 0.95 -35.06
CA ILE D 781 22.40 2.11 -34.26
C ILE D 781 22.34 1.73 -32.79
N GLU D 782 23.43 2.02 -32.07
CA GLU D 782 23.52 1.79 -30.64
C GLU D 782 23.56 3.13 -29.91
N LEU D 783 22.81 3.22 -28.82
CA LEU D 783 22.63 4.46 -28.07
C LEU D 783 23.18 4.30 -26.66
N GLN D 784 23.83 5.35 -26.17
CA GLN D 784 24.39 5.43 -24.83
C GLN D 784 24.00 6.78 -24.24
N ALA D 785 23.69 6.80 -22.94
CA ALA D 785 23.42 8.03 -22.23
C ALA D 785 24.46 8.17 -21.13
N CYS D 786 25.30 9.20 -21.20
CA CYS D 786 26.51 9.22 -20.40
C CYS D 786 26.55 10.50 -19.58
N ASN D 787 26.59 10.33 -18.25
CA ASN D 787 26.26 11.39 -17.29
C ASN D 787 27.47 12.16 -16.77
N GLN D 788 28.58 11.50 -16.50
CA GLN D 788 29.81 12.17 -16.10
C GLN D 788 30.91 11.77 -17.07
N ASP D 789 31.64 12.76 -17.58
CA ASP D 789 32.55 12.55 -18.71
C ASP D 789 34.01 12.67 -18.33
N THR D 790 34.41 13.79 -17.72
CA THR D 790 35.82 14.10 -17.49
C THR D 790 36.59 13.15 -16.58
N PRO D 791 36.08 12.69 -15.40
CA PRO D 791 36.95 11.75 -14.66
C PRO D 791 36.73 10.27 -14.99
N GLU D 792 37.19 9.89 -16.18
CA GLU D 792 37.19 8.50 -16.68
C GLU D 792 35.78 7.91 -16.74
N GLU D 793 35.02 8.47 -17.70
CA GLU D 793 33.57 8.31 -17.84
C GLU D 793 33.05 6.88 -17.72
N ARG D 794 31.81 6.77 -17.24
CA ARG D 794 31.10 5.50 -17.18
C ARG D 794 29.67 5.78 -17.65
N CYS D 795 29.06 4.79 -18.30
CA CYS D 795 27.67 4.85 -18.74
C CYS D 795 27.13 3.46 -19.05
N SER D 796 25.98 3.44 -19.70
CA SER D 796 24.99 2.38 -19.55
C SER D 796 25.11 1.29 -20.61
N VAL D 797 24.22 0.31 -20.51
CA VAL D 797 24.01 -0.65 -21.57
C VAL D 797 23.40 0.07 -22.77
N ALA D 798 23.90 -0.25 -23.95
CA ALA D 798 23.46 0.41 -25.17
C ALA D 798 22.06 -0.04 -25.55
N ALA D 799 21.27 0.90 -26.06
CA ALA D 799 19.96 0.59 -26.62
C ALA D 799 20.11 0.40 -28.13
N TYR D 800 19.47 -0.63 -28.66
CA TYR D 800 19.68 -1.05 -30.03
C TYR D 800 18.46 -0.70 -30.88
N VAL D 801 18.70 -0.20 -32.09
CA VAL D 801 17.62 0.10 -33.02
C VAL D 801 18.18 -0.07 -34.43
N SER D 802 17.29 -0.24 -35.40
CA SER D 802 17.68 -0.41 -36.79
C SER D 802 17.05 0.69 -37.65
N ALA D 803 17.70 1.00 -38.76
CA ALA D 803 17.23 2.08 -39.61
C ALA D 803 17.49 1.73 -41.07
N ARG D 804 16.73 2.36 -41.95
CA ARG D 804 16.90 2.23 -43.38
C ARG D 804 16.87 3.60 -44.03
N THR D 805 17.50 3.70 -45.20
CA THR D 805 17.56 4.94 -45.96
C THR D 805 16.68 4.81 -47.19
N MET D 806 16.01 5.89 -47.57
CA MET D 806 15.10 5.86 -48.70
C MET D 806 15.89 5.79 -50.01
N PRO D 807 15.58 4.86 -50.90
CA PRO D 807 16.45 4.62 -52.06
C PRO D 807 16.23 5.63 -53.18
N GLU D 808 17.26 5.75 -54.01
CA GLU D 808 17.24 6.60 -55.19
C GLU D 808 16.50 5.93 -56.33
N ALA D 809 15.82 6.73 -57.14
CA ALA D 809 14.91 6.19 -58.15
C ALA D 809 15.63 5.88 -59.46
N LYS D 810 16.65 6.66 -59.81
CA LYS D 810 17.27 6.53 -61.12
C LYS D 810 18.16 5.30 -61.22
N ALA D 811 18.65 4.79 -60.10
CA ALA D 811 19.76 3.84 -60.09
C ALA D 811 19.36 2.40 -60.43
N ASP D 812 18.19 2.15 -61.02
CA ASP D 812 17.78 0.80 -61.37
C ASP D 812 17.54 0.61 -62.87
N ASP D 813 17.79 1.62 -63.69
CA ASP D 813 17.59 1.51 -65.12
C ASP D 813 18.75 0.77 -65.78
N ILE D 814 18.42 -0.04 -66.78
CA ILE D 814 19.40 -0.82 -67.53
C ILE D 814 20.21 0.11 -68.41
N VAL D 815 21.53 0.08 -68.26
CA VAL D 815 22.42 0.96 -69.01
C VAL D 815 22.73 0.33 -70.35
N GLY D 816 22.50 1.08 -71.43
CA GLY D 816 22.86 0.65 -72.76
C GLY D 816 21.77 -0.12 -73.46
N PRO D 817 21.89 -0.27 -74.78
CA PRO D 817 20.91 -1.08 -75.51
C PRO D 817 21.14 -2.56 -75.27
N VAL D 818 20.04 -3.30 -75.15
CA VAL D 818 20.10 -4.72 -74.85
C VAL D 818 20.47 -5.48 -76.12
N THR D 819 21.54 -6.27 -76.05
CA THR D 819 22.11 -6.92 -77.22
C THR D 819 21.33 -8.20 -77.54
N HIS D 820 21.00 -8.35 -78.82
CA HIS D 820 20.33 -9.53 -79.35
C HIS D 820 21.32 -10.41 -80.10
N GLU D 821 21.16 -11.72 -79.95
CA GLU D 821 21.94 -12.71 -80.68
C GLU D 821 20.99 -13.76 -81.22
N ILE D 822 20.99 -13.94 -82.53
CA ILE D 822 19.99 -14.75 -83.23
C ILE D 822 20.62 -16.09 -83.57
N PHE D 823 20.23 -17.13 -82.83
CA PHE D 823 20.52 -18.50 -83.25
C PHE D 823 19.45 -18.99 -84.22
N GLU D 824 19.79 -20.02 -84.97
CA GLU D 824 18.94 -20.50 -86.06
C GLU D 824 17.74 -21.31 -85.59
N ASN D 825 17.84 -21.97 -84.44
CA ASN D 825 16.81 -22.89 -83.97
C ASN D 825 15.80 -22.20 -83.05
N ASN D 826 15.57 -20.90 -83.28
CA ASN D 826 14.48 -20.11 -82.70
C ASN D 826 14.56 -19.99 -81.18
N VAL D 827 15.77 -20.12 -80.63
CA VAL D 827 16.08 -19.64 -79.29
C VAL D 827 17.04 -18.46 -79.46
N VAL D 828 16.74 -17.35 -78.80
CA VAL D 828 17.49 -16.12 -78.97
C VAL D 828 18.16 -15.75 -77.66
N HIS D 829 19.32 -15.09 -77.76
CA HIS D 829 20.07 -14.63 -76.60
C HIS D 829 19.85 -13.13 -76.46
N LEU D 830 19.16 -12.73 -75.41
CA LEU D 830 19.03 -11.31 -75.08
C LEU D 830 19.89 -11.06 -73.85
N MET D 831 21.05 -10.43 -74.05
CA MET D 831 21.93 -10.13 -72.93
C MET D 831 22.01 -8.62 -72.70
N TRP D 832 22.11 -8.27 -71.43
CA TRP D 832 22.28 -6.89 -71.00
C TRP D 832 23.21 -6.88 -69.80
N GLN D 833 23.54 -5.69 -69.32
CA GLN D 833 24.43 -5.53 -68.18
C GLN D 833 23.63 -4.99 -66.99
N GLU D 834 23.98 -5.46 -65.80
CA GLU D 834 23.29 -5.03 -64.60
C GLU D 834 23.67 -3.59 -64.26
N PRO D 835 22.75 -2.81 -63.69
CA PRO D 835 23.06 -1.42 -63.32
C PRO D 835 24.11 -1.35 -62.22
N LYS D 836 25.02 -0.39 -62.37
CA LYS D 836 26.29 -0.41 -61.65
C LYS D 836 26.18 -0.03 -60.18
N GLU D 837 25.00 0.39 -59.71
CA GLU D 837 24.79 0.70 -58.30
C GLU D 837 23.33 0.50 -57.95
N PRO D 838 22.91 -0.75 -57.72
CA PRO D 838 21.52 -1.01 -57.37
C PRO D 838 21.25 -0.67 -55.92
N ASN D 839 19.96 -0.71 -55.56
CA ASN D 839 19.52 -0.42 -54.20
C ASN D 839 19.15 -1.74 -53.54
N GLY D 840 20.12 -2.33 -52.84
CA GLY D 840 19.94 -3.59 -52.16
C GLY D 840 20.29 -4.79 -53.01
N LEU D 841 19.42 -5.11 -53.96
CA LEU D 841 19.57 -6.28 -54.83
C LEU D 841 18.59 -6.13 -55.98
N ILE D 842 18.97 -6.68 -57.14
CA ILE D 842 18.09 -6.80 -58.29
C ILE D 842 17.62 -8.25 -58.35
N VAL D 843 16.34 -8.48 -58.07
CA VAL D 843 15.88 -9.84 -57.80
C VAL D 843 15.23 -10.50 -59.01
N LEU D 844 14.58 -9.73 -59.88
CA LEU D 844 13.90 -10.33 -61.02
C LEU D 844 14.14 -9.50 -62.27
N TYR D 845 13.84 -10.08 -63.41
CA TYR D 845 13.82 -9.31 -64.65
C TYR D 845 12.50 -9.58 -65.37
N GLU D 846 11.89 -8.49 -65.84
CA GLU D 846 10.68 -8.56 -66.66
C GLU D 846 11.08 -8.20 -68.08
N VAL D 847 11.10 -9.20 -68.96
CA VAL D 847 11.33 -9.01 -70.38
C VAL D 847 9.99 -9.16 -71.09
N SER D 848 9.79 -8.38 -72.14
CA SER D 848 8.50 -8.31 -72.80
C SER D 848 8.71 -8.18 -74.30
N TYR D 849 8.62 -9.30 -75.02
CA TYR D 849 8.69 -9.29 -76.47
C TYR D 849 7.27 -9.28 -77.01
N ARG D 850 7.04 -8.47 -78.04
CA ARG D 850 5.69 -8.38 -78.60
C ARG D 850 5.77 -7.97 -80.06
N ARG D 851 5.03 -8.69 -80.90
CA ARG D 851 4.79 -8.22 -82.25
C ARG D 851 3.76 -7.10 -82.23
N TYR D 852 4.06 -5.99 -82.90
CA TYR D 852 3.18 -4.83 -82.95
C TYR D 852 1.91 -5.18 -83.71
N GLY D 853 0.82 -5.36 -82.95
CA GLY D 853 -0.43 -5.89 -83.49
C GLY D 853 -0.80 -7.25 -82.94
N ASP D 854 0.03 -7.84 -82.09
CA ASP D 854 -0.19 -9.15 -81.50
C ASP D 854 -0.12 -8.99 -79.98
N GLU D 855 -0.62 -10.01 -79.26
CA GLU D 855 -0.64 -10.02 -77.81
C GLU D 855 0.77 -10.12 -77.24
N GLU D 856 0.87 -9.87 -75.94
CA GLU D 856 2.12 -9.93 -75.20
C GLU D 856 2.11 -11.12 -74.26
N LEU D 857 3.26 -11.78 -74.10
CA LEU D 857 3.44 -12.86 -73.14
C LEU D 857 4.60 -12.47 -72.23
N HIS D 858 4.33 -12.36 -70.93
CA HIS D 858 5.36 -11.98 -69.96
C HIS D 858 6.28 -13.14 -69.65
N LEU D 859 7.56 -12.83 -69.41
CA LEU D 859 8.56 -13.80 -68.97
C LEU D 859 9.28 -13.26 -67.75
N CYS D 860 9.32 -14.04 -66.68
CA CYS D 860 10.12 -13.75 -65.49
C CYS D 860 11.49 -14.38 -65.66
N VAL D 861 12.54 -13.56 -65.70
CA VAL D 861 13.91 -14.04 -65.71
C VAL D 861 14.45 -13.98 -64.28
N SER D 862 14.82 -15.14 -63.75
CA SER D 862 15.29 -15.21 -62.38
C SER D 862 16.73 -14.71 -62.28
N ARG D 863 17.16 -14.49 -61.03
CA ARG D 863 18.55 -14.10 -60.79
C ARG D 863 19.51 -15.23 -61.13
N LYS D 864 19.11 -16.47 -60.85
CA LYS D 864 19.98 -17.63 -61.08
C LYS D 864 20.16 -17.90 -62.57
N HIS D 865 19.10 -17.73 -63.37
CA HIS D 865 19.18 -17.93 -64.81
C HIS D 865 20.10 -16.90 -65.45
N PHE D 866 19.99 -15.64 -65.02
CA PHE D 866 20.89 -14.60 -65.52
C PHE D 866 22.32 -14.83 -65.06
N ALA D 867 22.50 -15.36 -63.85
CA ALA D 867 23.85 -15.63 -63.34
C ALA D 867 24.50 -16.78 -64.09
N LEU D 868 23.71 -17.79 -64.49
CA LEU D 868 24.28 -18.91 -65.21
C LEU D 868 24.50 -18.60 -66.70
N GLU D 869 23.61 -17.83 -67.33
CA GLU D 869 23.64 -17.69 -68.77
C GLU D 869 24.19 -16.35 -69.25
N ARG D 870 24.32 -15.36 -68.35
CA ARG D 870 24.73 -13.98 -68.68
C ARG D 870 23.82 -13.36 -69.74
N GLY D 871 22.52 -13.49 -69.52
CA GLY D 871 21.51 -13.01 -70.45
C GLY D 871 20.23 -13.79 -70.27
N CYS D 872 19.46 -13.99 -71.33
CA CYS D 872 18.33 -14.91 -71.28
C CYS D 872 18.17 -15.59 -72.63
N ARG D 873 17.94 -16.90 -72.57
CA ARG D 873 17.62 -17.71 -73.74
C ARG D 873 16.10 -17.81 -73.86
N LEU D 874 15.55 -17.09 -74.83
CA LEU D 874 14.11 -16.97 -74.98
C LEU D 874 13.63 -18.00 -76.01
N ARG D 875 12.90 -19.01 -75.54
CA ARG D 875 12.41 -20.09 -76.37
C ARG D 875 10.97 -19.80 -76.81
N GLY D 876 10.59 -20.39 -77.94
CA GLY D 876 9.25 -20.22 -78.47
C GLY D 876 9.06 -18.85 -79.09
N LEU D 877 9.76 -18.58 -80.18
CA LEU D 877 9.73 -17.28 -80.83
C LEU D 877 9.56 -17.48 -82.33
N SER D 878 8.38 -17.15 -82.84
CA SER D 878 8.17 -17.12 -84.29
C SER D 878 8.99 -15.99 -84.91
N PRO D 879 9.36 -16.11 -86.19
CA PRO D 879 10.18 -15.06 -86.81
C PRO D 879 9.39 -13.77 -87.04
N GLY D 880 10.14 -12.71 -87.30
CA GLY D 880 9.59 -11.39 -87.53
C GLY D 880 10.23 -10.35 -86.65
N ASN D 881 9.81 -9.09 -86.87
CA ASN D 881 10.26 -8.00 -86.03
C ASN D 881 9.47 -7.99 -84.72
N TYR D 882 10.12 -7.54 -83.66
CA TYR D 882 9.49 -7.54 -82.34
C TYR D 882 9.95 -6.30 -81.57
N SER D 883 9.01 -5.68 -80.86
CA SER D 883 9.34 -4.63 -79.89
C SER D 883 9.53 -5.31 -78.54
N VAL D 884 10.71 -5.15 -77.95
CA VAL D 884 11.06 -5.84 -76.73
C VAL D 884 11.41 -4.79 -75.67
N ARG D 885 10.73 -4.88 -74.53
CA ARG D 885 10.89 -3.97 -73.40
C ARG D 885 11.58 -4.73 -72.27
N ILE D 886 12.62 -4.13 -71.69
CA ILE D 886 13.43 -4.78 -70.67
C ILE D 886 13.31 -3.97 -69.39
N ARG D 887 13.13 -4.66 -68.26
CA ARG D 887 13.18 -4.01 -66.95
C ARG D 887 13.72 -4.98 -65.93
N ALA D 888 14.27 -4.44 -64.85
CA ALA D 888 14.86 -5.25 -63.78
C ALA D 888 14.21 -4.83 -62.46
N THR D 889 13.43 -5.74 -61.89
CA THR D 889 12.74 -5.47 -60.64
C THR D 889 13.68 -5.71 -59.47
N SER D 890 13.94 -4.65 -58.72
CA SER D 890 14.75 -4.62 -57.52
C SER D 890 13.85 -4.61 -56.29
N LEU D 891 14.43 -4.41 -55.13
CA LEU D 891 13.66 -4.40 -53.89
C LEU D 891 12.96 -3.07 -53.63
N ALA D 892 13.15 -2.06 -54.49
CA ALA D 892 12.45 -0.79 -54.30
C ALA D 892 11.18 -0.74 -55.12
N GLY D 893 11.32 -0.86 -56.44
CA GLY D 893 10.16 -0.76 -57.31
C GLY D 893 10.57 -0.90 -58.75
N ASN D 894 9.78 -0.30 -59.64
CA ASN D 894 10.11 -0.32 -61.04
C ASN D 894 11.16 0.74 -61.37
N GLY D 895 11.92 0.48 -62.43
CA GLY D 895 12.82 1.47 -62.96
C GLY D 895 12.16 2.15 -64.14
N SER D 896 12.62 1.83 -65.34
CA SER D 896 11.97 2.26 -66.57
C SER D 896 12.27 1.24 -67.65
N TRP D 897 11.38 1.17 -68.64
CA TRP D 897 11.60 0.27 -69.75
C TRP D 897 12.65 0.85 -70.70
N THR D 898 13.32 -0.03 -71.43
CA THR D 898 14.34 0.40 -72.37
C THR D 898 13.69 0.72 -73.72
N GLU D 899 14.52 0.88 -74.74
CA GLU D 899 14.03 1.04 -76.09
C GLU D 899 13.41 -0.27 -76.58
N PRO D 900 12.49 -0.22 -77.54
CA PRO D 900 11.97 -1.46 -78.12
C PRO D 900 13.02 -2.16 -78.95
N THR D 901 13.56 -3.27 -78.43
CA THR D 901 14.73 -3.92 -79.00
C THR D 901 14.36 -4.61 -80.29
N TYR D 902 14.75 -4.00 -81.41
CA TYR D 902 14.39 -4.48 -82.74
C TYR D 902 15.49 -5.40 -83.25
N PHE D 903 15.25 -6.70 -83.20
CA PHE D 903 15.98 -7.65 -84.03
C PHE D 903 15.03 -8.04 -85.16
N TYR D 904 15.41 -7.69 -86.39
CA TYR D 904 14.49 -7.73 -87.53
C TYR D 904 15.08 -8.56 -88.65
N VAL D 905 14.23 -9.36 -89.30
CA VAL D 905 14.56 -10.07 -90.53
C VAL D 905 13.54 -9.67 -91.59
N THR D 906 14.02 -9.37 -92.79
CA THR D 906 13.14 -8.87 -93.85
C THR D 906 12.27 -9.99 -94.39
N ASP D 907 10.96 -9.76 -94.41
CA ASP D 907 10.01 -10.74 -94.91
C ASP D 907 10.05 -10.81 -96.44
C2 85Y E 3 -44.16 25.28 0.67
C20 85Y E 3 -46.47 25.58 4.28
C24 85Y E 3 -47.50 24.08 6.80
C30 85Y E 3 -50.25 22.44 4.96
C33 85Y E 3 -49.99 20.72 7.16
C4 85Y E 3 -45.65 24.20 2.32
C5 85Y E 3 -45.69 25.45 3.05
C23 85Y E 3 -46.60 25.26 6.69
C25 85Y E 3 -48.43 23.84 5.84
C26 85Y E 3 -49.28 22.71 5.96
O4 85Y E 3 -46.24 23.16 2.63
N3 85Y E 3 -44.89 24.18 1.15
O2 85Y E 3 -43.51 25.20 -0.35
C6 85Y E 3 -44.99 26.55 2.60
N1 85Y E 3 -44.26 26.47 1.45
C1' 85Y E 3 -43.48 27.62 0.93
O4' 85Y E 3 -43.74 27.74 -0.44
C2' 85Y E 3 -41.97 27.34 1.06
C3' 85Y E 3 -41.40 27.97 -0.23
O3' 85Y E 3 -40.57 29.05 0.07
C4' 85Y E 3 -42.65 28.51 -0.96
C5' 85Y E 3 -42.60 28.29 -2.51
O5' 85Y E 3 -43.53 29.09 -3.04
P 85Y E 3 -44.24 28.66 -4.67
OP2 85Y E 3 -43.50 27.43 -5.12
O21 85Y E 3 -47.60 26.05 4.30
N22 85Y E 3 -45.85 25.15 5.44
C27 85Y E 3 -49.14 21.85 7.05
C28 85Y E 3 -48.16 22.12 8.04
C29 85Y E 3 -47.35 23.21 7.91
C31 85Y E 3 -51.06 21.34 5.09
C32 85Y E 3 -50.92 20.49 6.20
OP1 85Y E 3 -44.23 29.96 -5.45
C2 85Y E 5 -33.55 20.88 8.34
C20 85Y E 5 -30.61 18.49 6.38
C24 85Y E 5 -31.44 15.79 4.28
C30 85Y E 5 -34.42 13.81 5.06
C33 85Y E 5 -34.63 14.03 2.28
C4 85Y E 5 -32.77 18.67 7.60
C5 85Y E 5 -31.59 19.31 7.05
C23 85Y E 5 -30.36 16.44 5.00
C25 85Y E 5 -32.37 15.12 5.01
C26 85Y E 5 -33.44 14.51 4.33
O4 85Y E 5 -33.01 17.47 7.57
N3 85Y E 5 -33.69 19.49 8.22
O2 85Y E 5 -34.40 21.53 8.90
C6 85Y E 5 -31.44 20.66 7.14
N1 85Y E 5 -32.38 21.43 7.76
C1' 85Y E 5 -32.28 22.92 7.92
O4' 85Y E 5 -33.20 23.51 7.03
C2' 85Y E 5 -30.86 23.44 7.56
C3' 85Y E 5 -31.07 24.08 6.19
O3' 85Y E 5 -30.28 25.22 6.07
C4' 85Y E 5 -32.53 24.50 6.24
C5' 85Y E 5 -33.16 24.46 4.83
O5' 85Y E 5 -34.44 24.77 5.00
P 85Y E 5 -34.94 26.46 4.64
OP2 85Y E 5 -34.50 26.61 3.20
O21 85Y E 5 -29.39 18.72 6.40
N22 85Y E 5 -31.15 17.42 5.75
C27 85Y E 5 -33.54 14.63 2.96
C28 85Y E 5 -32.56 15.36 2.23
C29 85Y E 5 -31.53 15.94 2.90
C31 85Y E 5 -35.45 13.22 4.39
C32 85Y E 5 -35.56 13.34 2.99
OP1 85Y E 5 -34.32 27.27 5.74
C2 85Y E 12 -14.10 23.55 -21.33
C20 85Y E 12 -17.37 24.83 -18.88
C24 85Y E 12 -15.31 27.02 -17.52
C30 85Y E 12 -11.73 26.20 -17.25
C33 85Y E 12 -12.33 26.91 -14.62
C4 85Y E 12 -16.13 24.91 -21.14
C5 85Y E 12 -16.26 24.44 -19.77
C23 85Y E 12 -16.37 27.07 -18.56
C25 85Y E 12 -14.07 26.64 -17.87
C26 85Y E 12 -13.05 26.59 -16.90
O4 85Y E 12 -16.89 25.69 -21.71
N3 85Y E 12 -15.04 24.44 -21.84
O2 85Y E 12 -13.16 23.18 -22.00
C6 85Y E 12 -15.36 23.56 -19.24
N1 85Y E 12 -14.31 23.13 -19.98
C1' 85Y E 12 -13.30 22.19 -19.45
O4' 85Y E 12 -13.94 20.98 -19.14
C2' 85Y E 12 -12.73 22.72 -18.10
C3' 85Y E 12 -12.81 21.48 -17.20
O3' 85Y E 12 -11.58 21.22 -16.61
C4' 85Y E 12 -13.08 20.37 -18.20
C5' 85Y E 12 -13.83 19.16 -17.56
O5' 85Y E 12 -14.90 18.93 -18.32
P 85Y E 12 -16.15 17.77 -17.68
OP2 85Y E 12 -15.33 16.52 -17.40
O21 85Y E 12 -18.28 24.02 -18.63
N22 85Y E 12 -17.38 26.09 -18.29
C27 85Y E 12 -13.35 26.94 -15.58
C28 85Y E 12 -14.66 27.34 -15.24
C29 85Y E 12 -15.63 27.38 -16.19
C31 85Y E 12 -10.77 26.17 -16.30
C32 85Y E 12 -11.06 26.52 -14.96
OP1 85Y E 12 -17.22 17.78 -18.74
C2 85Y E 14 -15.07 30.52 -13.74
C20 85Y E 14 -17.04 27.75 -11.17
C24 85Y E 14 -19.78 25.69 -10.65
C30 85Y E 14 -19.64 22.08 -11.44
C33 85Y E 14 -22.22 22.72 -12.32
C4 85Y E 14 -16.99 29.03 -13.39
C5 85Y E 14 -16.43 28.69 -12.12
C23 85Y E 14 -18.93 26.73 -10.05
C25 85Y E 14 -19.30 24.41 -10.75
C26 85Y E 14 -20.12 23.41 -11.31
O4 85Y E 14 -18.02 28.59 -13.87
N3 85Y E 14 -16.27 29.94 -14.15
O2 85Y E 14 -14.48 31.31 -14.44
C6 85Y E 14 -15.27 29.25 -11.70
N1 85Y E 14 -14.61 30.13 -12.47
C1' 85Y E 14 -13.34 30.74 -12.04
O4' 85Y E 14 -12.53 29.70 -11.56
C2' 85Y E 14 -13.62 31.72 -10.90
C3' 85Y E 14 -12.90 31.11 -9.70
O3' 85Y E 14 -12.15 32.09 -9.05
C4' 85Y E 14 -11.93 30.11 -10.33
C5' 85Y E 14 -11.78 28.82 -9.46
O5' 85Y E 14 -12.66 27.97 -9.97
P 85Y E 14 -12.30 26.19 -9.99
OP2 85Y E 14 -12.93 25.68 -8.72
O21 85Y E 14 -16.34 27.06 -10.43
N22 85Y E 14 -18.41 27.68 -11.06
C27 85Y E 14 -21.40 23.73 -11.76
C28 85Y E 14 -21.88 25.06 -11.63
C29 85Y E 14 -21.08 26.02 -11.08
C31 85Y E 14 -20.44 21.13 -11.98
C32 85Y E 14 -21.74 21.45 -12.43
OP1 85Y E 14 -10.79 26.17 -10.18
C2 85Y E 20 -33.00 16.65 -3.42
C20 85Y E 20 -34.26 19.40 -0.46
C24 85Y E 20 -33.32 22.78 0.34
C30 85Y E 20 -29.76 23.40 -0.39
C33 85Y E 20 -30.59 25.96 0.39
C4 85Y E 20 -34.37 18.56 -2.78
C5 85Y E 20 -33.83 18.46 -1.47
C23 85Y E 20 -34.31 21.69 0.33
C25 85Y E 20 -32.03 22.54 -0.03
C26 85Y E 20 -31.11 23.60 -0.02
O4 85Y E 20 -35.20 19.38 -3.16
N3 85Y E 20 -33.93 17.64 -3.69
O2 85Y E 20 -32.69 15.91 -4.32
C6 85Y E 20 -32.90 17.51 -1.13
N1 85Y E 20 -32.49 16.62 -2.07
C1' 85Y E 20 -31.45 15.55 -1.70
O4' 85Y E 20 -30.47 15.38 -2.72
C2' 85Y E 20 -32.12 14.19 -1.44
C3' 85Y E 20 -31.65 13.35 -2.61
O3' 85Y E 20 -31.49 12.02 -2.25
C4' 85Y E 20 -30.30 13.96 -2.94
C5' 85Y E 20 -29.92 13.73 -4.46
O5' 85Y E 20 -29.85 14.95 -5.03
P 85Y E 20 -30.32 15.19 -6.78
OP2 85Y E 20 -31.80 14.90 -6.84
O21 85Y E 20 -34.94 19.07 0.52
N22 85Y E 20 -33.88 20.72 -0.65
C27 85Y E 20 -31.53 24.89 0.38
C28 85Y E 20 -32.87 25.10 0.76
C29 85Y E 20 -33.74 24.07 0.74
C31 85Y E 20 -28.88 24.44 -0.37
C32 85Y E 20 -29.30 25.73 0.03
OP1 85Y E 20 -29.35 14.28 -7.52
C2 85Y E 21 -36.82 16.42 -1.54
C20 85Y E 21 -39.29 17.90 1.62
C24 85Y E 21 -37.03 19.51 3.95
C30 85Y E 21 -38.61 20.92 6.94
C33 85Y E 21 -36.39 22.59 6.69
C4 85Y E 21 -37.83 18.35 -0.39
C5 85Y E 21 -38.44 17.44 0.54
C23 85Y E 21 -37.26 18.43 2.98
C25 85Y E 21 -37.92 19.69 4.96
C26 85Y E 21 -37.71 20.72 5.89
O4 85Y E 21 -37.93 19.58 -0.36
N3 85Y E 21 -37.05 17.79 -1.38
O2 85Y E 21 -36.12 16.04 -2.46
C6 85Y E 21 -38.26 16.09 0.41
N1 85Y E 21 -37.48 15.58 -0.58
C1' 85Y E 21 -37.31 14.08 -0.70
O4' 85Y E 21 -36.00 13.67 -0.96
C2' 85Y E 21 -38.15 13.57 -1.86
C3' 85Y E 21 -37.57 12.17 -1.99
O3' 85Y E 21 -38.30 11.31 -1.18
C4' 85Y E 21 -36.13 12.30 -1.38
C5' 85Y E 21 -35.05 12.01 -2.46
O5' 85Y E 21 -34.09 11.31 -1.85
P 85Y E 21 -32.55 10.92 -2.75
OP2 85Y E 21 -32.92 11.13 -4.20
O21 85Y E 21 -40.52 17.88 1.51
N22 85Y E 21 -38.71 18.38 2.79
C27 85Y E 21 -36.59 21.55 5.75
C28 85Y E 21 -35.69 21.34 4.69
C29 85Y E 21 -35.90 20.33 3.79
C31 85Y E 21 -38.40 21.93 7.83
C32 85Y E 21 -37.27 22.77 7.70
OP1 85Y E 21 -32.19 9.53 -2.26
#